data_7YPU
#
_entry.id   7YPU
#
_cell.length_a   52.358
_cell.length_b   102.791
_cell.length_c   386.422
_cell.angle_alpha   90.000
_cell.angle_beta   90.000
_cell.angle_gamma   90.000
#
_symmetry.space_group_name_H-M   'P 21 21 21'
#
loop_
_entity.id
_entity.type
_entity.pdbx_description
1 polymer Acetyltransferase
2 non-polymer '[(2~{R},3~{R},4~{S},5~{R},6~{R})-6-[(~{E})-[(3~{a}~{S},7~{R},7~{a}~{S})-7-oxidanyl-4-oxidanylidene-3,3~{a},5,6,7,7~{a}-hexahydro-1~{H}-imidazo[4,5-c]pyridin-2-ylidene]amino]-5-(2-azanylethanoylamino)-2-(hydroxymethyl)-4-oxidanyl-oxan-3-yl] carbamate'
3 non-polymer 'COENZYME A'
4 water water
#
_entity_poly.entity_id   1
_entity_poly.type   'polypeptide(L)'
_entity_poly.pdbx_seq_one_letter_code
;MGSSHHHHHHSSGLVPRGSHMTTTHDTTYAFRVARPEDVEAIAAIDGSFTTGTVFQVAVAPDGFTLREVAVDPPLVKVFP
EDDGSHDAEGEDGDRRTYVAVGAGGAVAGFTAVSYTPWNGRLTIEDIEVAPGHRGRGIGRGLMERAADFARERGAGHLWL
EVTNVNAPAIHAYLRLGFTFCGLDTALYLGTESEGEQALYMSMPCP
;
_entity_poly.pdbx_strand_id   A,B,C,D,E,F,G,H
#
loop_
_chem_comp.id
_chem_comp.type
_chem_comp.name
_chem_comp.formula
COA non-polymer 'COENZYME A' 'C21 H36 N7 O16 P3 S'
I55 non-polymer '[(2~{R},3~{R},4~{S},5~{R},6~{R})-6-[(~{E})-[(3~{a}~{S},7~{R},7~{a}~{S})-7-oxidanyl-4-oxidanylidene-3,3~{a},5,6,7,7~{a}-hexahydro-1~{H}-imidazo[4,5-c]pyridin-2-ylidene]amino]-5-(2-azanylethanoylamino)-2-(hydroxymethyl)-4-oxidanyl-oxan-3-yl] carbamate' 'C15 H25 N7 O8'
#
# COMPACT_ATOMS: atom_id res chain seq x y z
N THR A 28 51.17 -67.15 59.15
CA THR A 28 49.90 -67.80 59.55
C THR A 28 48.86 -66.73 59.93
N TYR A 29 47.60 -66.94 59.54
CA TYR A 29 46.51 -65.95 59.69
C TYR A 29 45.39 -66.50 60.58
N ALA A 30 44.84 -65.64 61.42
CA ALA A 30 43.73 -65.92 62.35
C ALA A 30 42.55 -65.02 62.01
N PHE A 31 41.36 -65.38 62.50
CA PHE A 31 40.07 -64.73 62.14
C PHE A 31 39.33 -64.34 63.41
N ARG A 32 38.62 -63.22 63.36
CA ARG A 32 37.70 -62.80 64.44
C ARG A 32 36.68 -61.81 63.87
N VAL A 33 35.63 -61.57 64.64
CA VAL A 33 34.65 -60.48 64.40
C VAL A 33 35.41 -59.14 64.47
N ALA A 34 35.14 -58.25 63.51
CA ALA A 34 35.75 -56.91 63.41
C ALA A 34 35.37 -56.08 64.63
N ARG A 35 36.26 -55.20 65.09
CA ARG A 35 36.04 -54.32 66.27
C ARG A 35 36.07 -52.86 65.77
N PRO A 36 35.49 -51.90 66.52
CA PRO A 36 35.51 -50.49 66.13
C PRO A 36 36.89 -49.95 65.71
N GLU A 37 37.97 -50.41 66.35
CA GLU A 37 39.35 -49.93 66.08
C GLU A 37 39.88 -50.47 64.74
N ASP A 38 39.20 -51.46 64.13
CA ASP A 38 39.61 -52.06 62.84
C ASP A 38 39.14 -51.20 61.67
N VAL A 39 38.20 -50.26 61.89
CA VAL A 39 37.50 -49.47 60.84
C VAL A 39 38.52 -48.84 59.89
N GLU A 40 39.63 -48.29 60.41
CA GLU A 40 40.64 -47.57 59.58
C GLU A 40 41.35 -48.58 58.66
N ALA A 41 41.80 -49.71 59.21
CA ALA A 41 42.50 -50.78 58.45
C ALA A 41 41.58 -51.36 57.37
N ILE A 42 40.29 -51.52 57.67
CA ILE A 42 39.29 -52.12 56.74
C ILE A 42 39.07 -51.17 55.56
N ALA A 43 38.86 -49.88 55.83
CA ALA A 43 38.66 -48.82 54.82
C ALA A 43 39.89 -48.70 53.91
N ALA A 44 41.08 -48.94 54.45
CA ALA A 44 42.38 -48.82 53.72
C ALA A 44 42.65 -50.05 52.85
N ILE A 45 41.93 -51.15 53.04
CA ILE A 45 41.97 -52.31 52.10
C ILE A 45 40.85 -51.94 51.12
N ASP A 46 41.13 -51.25 50.01
CA ASP A 46 40.11 -50.39 49.33
C ASP A 46 39.42 -51.16 48.19
N GLY A 47 39.95 -52.31 47.76
CA GLY A 47 39.42 -53.11 46.65
C GLY A 47 39.91 -52.72 45.27
N SER A 48 40.65 -51.61 45.09
CA SER A 48 41.04 -51.13 43.72
C SER A 48 41.88 -52.19 43.01
N PHE A 49 41.74 -52.33 41.69
CA PHE A 49 42.44 -53.37 40.91
C PHE A 49 42.64 -52.90 39.47
N THR A 50 43.57 -53.56 38.78
CA THR A 50 43.82 -53.45 37.33
C THR A 50 43.54 -54.84 36.75
N THR A 51 42.90 -54.91 35.58
CA THR A 51 42.54 -56.20 34.93
C THR A 51 42.81 -56.08 33.43
N GLY A 52 43.35 -57.14 32.83
CA GLY A 52 43.55 -57.26 31.37
C GLY A 52 42.37 -57.99 30.73
N THR A 53 41.40 -58.44 31.53
CA THR A 53 40.17 -59.10 31.04
C THR A 53 38.96 -58.55 31.78
N VAL A 54 37.81 -58.58 31.08
CA VAL A 54 36.47 -58.30 31.65
C VAL A 54 35.55 -59.41 31.19
N PHE A 55 34.46 -59.65 31.92
CA PHE A 55 33.34 -60.51 31.49
C PHE A 55 32.37 -59.62 30.71
N GLN A 56 32.31 -59.83 29.40
CA GLN A 56 31.46 -59.07 28.47
C GLN A 56 30.06 -59.67 28.53
N VAL A 57 29.03 -58.84 28.62
CA VAL A 57 27.60 -59.28 28.67
C VAL A 57 26.98 -58.95 27.32
N ALA A 58 26.55 -59.98 26.58
CA ALA A 58 25.78 -59.85 25.32
C ALA A 58 24.30 -60.04 25.67
N VAL A 59 23.50 -59.00 25.44
CA VAL A 59 22.04 -58.96 25.73
C VAL A 59 21.30 -59.34 24.45
N ALA A 60 20.54 -60.43 24.48
CA ALA A 60 19.54 -60.81 23.45
C ALA A 60 18.14 -60.61 24.04
N PRO A 61 17.08 -60.51 23.20
CA PRO A 61 15.70 -60.50 23.71
C PRO A 61 15.34 -61.74 24.56
N ASP A 62 16.03 -62.86 24.32
CA ASP A 62 15.74 -64.21 24.88
C ASP A 62 16.90 -64.71 25.77
N GLY A 63 17.84 -63.85 26.18
CA GLY A 63 18.83 -64.27 27.19
C GLY A 63 20.10 -63.42 27.22
N PHE A 64 21.10 -63.93 27.93
CA PHE A 64 22.34 -63.21 28.31
C PHE A 64 23.51 -64.19 28.20
N THR A 65 24.60 -63.75 27.58
CA THR A 65 25.86 -64.54 27.45
C THR A 65 26.96 -63.77 28.20
N LEU A 66 27.71 -64.47 29.05
CA LEU A 66 28.90 -63.96 29.75
C LEU A 66 30.13 -64.59 29.08
N ARG A 67 31.04 -63.77 28.55
CA ARG A 67 32.25 -64.24 27.83
C ARG A 67 33.43 -63.40 28.28
N GLU A 68 34.46 -64.03 28.83
CA GLU A 68 35.70 -63.31 29.24
C GLU A 68 36.43 -62.84 27.99
N VAL A 69 36.88 -61.60 28.00
CA VAL A 69 37.39 -60.85 26.81
C VAL A 69 38.57 -59.99 27.28
N ALA A 70 39.60 -59.89 26.44
CA ALA A 70 40.81 -59.05 26.70
C ALA A 70 40.41 -57.58 26.53
N VAL A 71 41.01 -56.72 27.35
CA VAL A 71 40.92 -55.23 27.19
C VAL A 71 42.36 -54.70 27.20
N ASP A 72 42.61 -53.70 26.34
CA ASP A 72 43.94 -53.09 26.13
C ASP A 72 43.71 -51.62 25.80
N PRO A 73 44.22 -50.65 26.60
CA PRO A 73 45.06 -50.93 27.75
C PRO A 73 44.31 -51.58 28.92
N PRO A 74 45.01 -52.14 29.92
CA PRO A 74 44.35 -52.70 31.10
C PRO A 74 43.34 -51.71 31.75
N LEU A 75 42.18 -52.22 32.16
CA LEU A 75 41.15 -51.41 32.85
C LEU A 75 41.55 -51.24 34.32
N VAL A 76 41.49 -50.01 34.82
CA VAL A 76 41.75 -49.66 36.25
C VAL A 76 40.41 -49.30 36.88
N LYS A 77 40.06 -49.97 37.97
CA LYS A 77 38.76 -49.81 38.66
C LYS A 77 39.05 -49.33 40.09
N VAL A 78 38.60 -48.12 40.42
CA VAL A 78 38.56 -47.63 41.83
C VAL A 78 37.09 -47.63 42.24
N PHE A 79 36.79 -48.01 43.48
CA PHE A 79 35.41 -48.13 44.02
C PHE A 79 35.06 -46.80 44.68
N PRO A 80 33.84 -46.26 44.44
CA PRO A 80 33.45 -44.93 44.90
C PRO A 80 33.55 -44.74 46.41
N GLY A 93 22.25 -58.21 64.31
CA GLY A 93 22.03 -59.65 64.59
C GLY A 93 22.13 -60.50 63.33
N ASP A 94 21.68 -59.98 62.19
CA ASP A 94 21.75 -60.63 60.85
C ASP A 94 22.84 -60.00 59.98
N ARG A 95 23.66 -59.08 60.51
CA ARG A 95 24.87 -58.55 59.84
C ARG A 95 26.10 -58.94 60.67
N ARG A 96 27.23 -59.20 60.00
CA ARG A 96 28.51 -59.46 60.68
C ARG A 96 29.68 -59.16 59.75
N THR A 97 30.76 -58.63 60.32
CA THR A 97 32.03 -58.38 59.60
C THR A 97 33.13 -59.19 60.29
N TYR A 98 33.84 -60.00 59.52
CA TYR A 98 35.03 -60.73 59.98
C TYR A 98 36.28 -60.08 59.40
N VAL A 99 37.36 -60.24 60.15
CA VAL A 99 38.70 -59.70 59.82
C VAL A 99 39.67 -60.87 59.89
N ALA A 100 40.55 -60.98 58.90
CA ALA A 100 41.74 -61.87 58.94
C ALA A 100 42.92 -61.05 59.46
N VAL A 101 43.69 -61.63 60.37
CA VAL A 101 44.73 -60.91 61.16
C VAL A 101 46.04 -61.70 61.04
N GLY A 102 47.14 -61.01 60.72
CA GLY A 102 48.49 -61.59 60.70
C GLY A 102 49.06 -61.75 62.09
N ALA A 103 50.22 -62.41 62.21
CA ALA A 103 50.93 -62.68 63.47
C ALA A 103 51.11 -61.39 64.29
N GLY A 104 51.35 -60.25 63.62
CA GLY A 104 51.56 -58.94 64.28
C GLY A 104 50.28 -58.20 64.63
N GLY A 105 49.11 -58.78 64.33
CA GLY A 105 47.79 -58.21 64.69
C GLY A 105 47.23 -57.31 63.60
N ALA A 106 47.91 -57.18 62.46
CA ALA A 106 47.48 -56.31 61.33
C ALA A 106 46.38 -57.01 60.55
N VAL A 107 45.30 -56.29 60.23
CA VAL A 107 44.20 -56.74 59.35
C VAL A 107 44.76 -56.97 57.93
N ALA A 108 44.72 -58.22 57.43
CA ALA A 108 45.19 -58.63 56.09
C ALA A 108 44.00 -58.85 55.14
N GLY A 109 42.77 -58.85 55.64
CA GLY A 109 41.55 -58.97 54.83
C GLY A 109 40.30 -58.89 55.67
N PHE A 110 39.14 -58.85 55.03
CA PHE A 110 37.83 -58.78 55.73
C PHE A 110 36.71 -59.29 54.83
N THR A 111 35.61 -59.66 55.46
CA THR A 111 34.33 -59.98 54.78
C THR A 111 33.19 -59.41 55.61
N ALA A 112 32.27 -58.70 54.96
CA ALA A 112 30.99 -58.23 55.53
C ALA A 112 29.88 -59.11 54.95
N VAL A 113 29.03 -59.66 55.80
CA VAL A 113 27.95 -60.62 55.38
C VAL A 113 26.64 -60.16 56.01
N SER A 114 25.52 -60.50 55.37
CA SER A 114 24.17 -60.19 55.87
C SER A 114 23.22 -61.34 55.53
N TYR A 115 22.38 -61.73 56.47
CA TYR A 115 21.42 -62.85 56.35
C TYR A 115 20.01 -62.27 56.12
N THR A 116 19.29 -62.79 55.13
CA THR A 116 17.84 -62.51 54.92
C THR A 116 17.08 -63.82 55.15
N PRO A 117 16.35 -63.94 56.28
CA PRO A 117 15.60 -65.16 56.60
C PRO A 117 14.57 -65.53 55.54
N TRP A 118 13.97 -64.53 54.88
CA TRP A 118 12.89 -64.72 53.87
C TRP A 118 13.28 -65.83 52.88
N ASN A 119 14.49 -65.80 52.30
CA ASN A 119 14.94 -66.80 51.29
C ASN A 119 16.19 -67.55 51.76
N GLY A 120 16.53 -67.46 53.05
CA GLY A 120 17.71 -68.13 53.62
C GLY A 120 19.01 -67.77 52.91
N ARG A 121 19.14 -66.52 52.49
CA ARG A 121 20.31 -66.05 51.68
C ARG A 121 21.33 -65.42 52.62
N LEU A 122 22.55 -65.96 52.64
CA LEU A 122 23.70 -65.22 53.18
C LEU A 122 24.37 -64.47 52.03
N THR A 123 24.25 -63.15 52.04
CA THR A 123 24.89 -62.23 51.05
C THR A 123 26.31 -61.95 51.55
N ILE A 124 27.31 -62.22 50.71
CA ILE A 124 28.68 -61.68 50.91
C ILE A 124 28.68 -60.25 50.34
N GLU A 125 28.49 -59.26 51.21
CA GLU A 125 28.35 -57.83 50.81
C GLU A 125 29.70 -57.30 50.31
N ASP A 126 30.79 -57.73 50.93
CA ASP A 126 32.17 -57.39 50.52
C ASP A 126 33.14 -58.46 51.03
N ILE A 127 34.15 -58.78 50.25
CA ILE A 127 35.29 -59.64 50.68
C ILE A 127 36.55 -59.12 49.99
N GLU A 128 37.53 -58.70 50.76
CA GLU A 128 38.80 -58.13 50.24
C GLU A 128 39.97 -58.74 51.04
N VAL A 129 41.00 -59.17 50.33
CA VAL A 129 42.33 -59.52 50.88
C VAL A 129 43.33 -58.46 50.40
N ALA A 130 44.11 -57.90 51.32
CA ALA A 130 45.14 -56.89 51.02
C ALA A 130 46.07 -57.44 49.94
N PRO A 131 46.46 -56.64 48.92
CA PRO A 131 47.28 -57.15 47.81
C PRO A 131 48.54 -57.94 48.20
N GLY A 132 49.29 -57.51 49.23
CA GLY A 132 50.53 -58.19 49.65
C GLY A 132 50.30 -59.51 50.38
N HIS A 133 49.05 -59.85 50.70
CA HIS A 133 48.69 -61.05 51.49
C HIS A 133 47.86 -62.05 50.65
N ARG A 134 47.81 -61.85 49.34
CA ARG A 134 47.02 -62.70 48.40
C ARG A 134 47.78 -64.02 48.18
N GLY A 135 47.05 -65.08 47.79
CA GLY A 135 47.61 -66.41 47.46
C GLY A 135 48.06 -67.18 48.70
N ARG A 136 47.55 -66.85 49.88
CA ARG A 136 47.91 -67.49 51.17
C ARG A 136 46.66 -68.08 51.85
N GLY A 137 45.53 -68.19 51.13
CA GLY A 137 44.31 -68.85 51.62
C GLY A 137 43.43 -67.96 52.50
N ILE A 138 43.68 -66.66 52.56
CA ILE A 138 42.86 -65.74 53.43
C ILE A 138 41.44 -65.63 52.86
N GLY A 139 41.32 -65.51 51.54
CA GLY A 139 40.02 -65.43 50.83
C GLY A 139 39.13 -66.61 51.18
N ARG A 140 39.68 -67.82 51.07
CA ARG A 140 39.00 -69.08 51.43
C ARG A 140 38.59 -69.04 52.90
N GLY A 141 39.51 -68.67 53.78
CA GLY A 141 39.29 -68.55 55.25
C GLY A 141 38.17 -67.58 55.57
N LEU A 142 38.10 -66.42 54.92
CA LEU A 142 37.02 -65.43 55.16
C LEU A 142 35.69 -66.00 54.65
N MET A 143 35.70 -66.70 53.53
CA MET A 143 34.50 -67.36 52.96
C MET A 143 34.05 -68.51 53.88
N GLU A 144 34.97 -69.21 54.53
CA GLU A 144 34.66 -70.26 55.53
C GLU A 144 33.99 -69.62 56.74
N ARG A 145 34.39 -68.41 57.14
CA ARG A 145 33.72 -67.67 58.26
C ARG A 145 32.32 -67.27 57.81
N ALA A 146 32.14 -66.88 56.54
CA ALA A 146 30.82 -66.56 55.96
C ALA A 146 29.95 -67.82 56.01
N ALA A 147 30.48 -68.97 55.62
CA ALA A 147 29.79 -70.29 55.64
C ALA A 147 29.40 -70.64 57.08
N ASP A 148 30.26 -70.34 58.06
CA ASP A 148 29.97 -70.59 59.51
C ASP A 148 28.75 -69.78 59.91
N PHE A 149 28.71 -68.49 59.58
CA PHE A 149 27.57 -67.60 59.93
C PHE A 149 26.32 -68.11 59.21
N ALA A 150 26.45 -68.55 57.98
CA ALA A 150 25.34 -69.15 57.18
C ALA A 150 24.74 -70.33 57.97
N ARG A 151 25.57 -71.30 58.35
CA ARG A 151 25.12 -72.53 59.09
C ARG A 151 24.52 -72.12 60.43
N GLU A 152 25.11 -71.14 61.12
CA GLU A 152 24.60 -70.63 62.43
C GLU A 152 23.18 -70.08 62.24
N ARG A 153 22.88 -69.43 61.12
CA ARG A 153 21.57 -68.78 60.86
C ARG A 153 20.62 -69.73 60.10
N GLY A 154 21.09 -70.88 59.66
CA GLY A 154 20.31 -71.88 58.90
C GLY A 154 20.07 -71.46 57.46
N ALA A 155 21.01 -70.76 56.84
CA ALA A 155 20.95 -70.30 55.44
C ALA A 155 20.93 -71.50 54.49
N GLY A 156 20.27 -71.35 53.33
CA GLY A 156 20.28 -72.36 52.26
C GLY A 156 21.32 -72.10 51.20
N HIS A 157 21.78 -70.85 51.04
CA HIS A 157 22.77 -70.51 49.97
C HIS A 157 23.54 -69.24 50.32
N LEU A 158 24.77 -69.17 49.80
CA LEU A 158 25.62 -67.97 49.76
C LEU A 158 25.37 -67.28 48.43
N TRP A 159 25.41 -65.95 48.41
CA TRP A 159 25.11 -65.12 47.23
C TRP A 159 25.98 -63.86 47.26
N LEU A 160 26.44 -63.40 46.11
CA LEU A 160 27.19 -62.12 46.00
C LEU A 160 26.91 -61.45 44.65
N GLU A 161 27.10 -60.15 44.64
CA GLU A 161 27.11 -59.25 43.47
C GLU A 161 28.59 -58.95 43.14
N VAL A 162 28.96 -59.00 41.87
CA VAL A 162 30.30 -58.57 41.42
C VAL A 162 30.13 -57.90 40.07
N THR A 163 30.77 -56.75 39.88
CA THR A 163 30.80 -56.04 38.59
C THR A 163 31.46 -56.94 37.55
N ASN A 164 30.97 -56.89 36.31
CA ASN A 164 31.44 -57.71 35.17
C ASN A 164 32.93 -57.42 34.89
N VAL A 165 33.43 -56.23 35.23
CA VAL A 165 34.84 -55.83 34.94
C VAL A 165 35.79 -56.47 35.95
N ASN A 166 35.28 -57.00 37.07
CA ASN A 166 36.13 -57.59 38.13
C ASN A 166 36.37 -59.08 37.85
N ALA A 167 37.05 -59.37 36.74
CA ALA A 167 37.48 -60.71 36.30
C ALA A 167 38.30 -61.41 37.39
N PRO A 168 39.27 -60.72 38.05
CA PRO A 168 40.04 -61.36 39.12
C PRO A 168 39.14 -61.93 40.24
N ALA A 169 38.21 -61.14 40.77
CA ALA A 169 37.29 -61.57 41.84
C ALA A 169 36.40 -62.72 41.31
N ILE A 170 35.91 -62.59 40.08
CA ILE A 170 35.03 -63.63 39.47
C ILE A 170 35.77 -64.97 39.44
N HIS A 171 37.03 -64.98 38.97
CA HIS A 171 37.88 -66.20 38.91
C HIS A 171 38.08 -66.79 40.32
N ALA A 172 38.35 -65.94 41.31
CA ALA A 172 38.49 -66.36 42.72
C ALA A 172 37.18 -67.02 43.19
N TYR A 173 36.03 -66.42 42.88
CA TYR A 173 34.70 -66.93 43.34
C TYR A 173 34.40 -68.27 42.67
N LEU A 174 34.71 -68.39 41.37
CA LEU A 174 34.54 -69.67 40.61
C LEU A 174 35.35 -70.78 41.31
N ARG A 175 36.60 -70.49 41.69
CA ARG A 175 37.50 -71.48 42.34
C ARG A 175 36.91 -71.88 43.70
N LEU A 176 36.28 -70.95 44.42
CA LEU A 176 35.68 -71.21 45.75
C LEU A 176 34.35 -71.95 45.64
N GLY A 177 33.81 -72.15 44.42
CA GLY A 177 32.61 -72.98 44.18
C GLY A 177 31.36 -72.18 43.79
N PHE A 178 31.45 -70.86 43.68
CA PHE A 178 30.33 -70.00 43.21
C PHE A 178 30.13 -70.24 41.72
N THR A 179 28.86 -70.18 41.27
CA THR A 179 28.47 -70.17 39.84
C THR A 179 27.53 -69.00 39.61
N PHE A 180 27.49 -68.49 38.38
CA PHE A 180 26.55 -67.42 37.96
C PHE A 180 25.11 -67.90 38.14
N CYS A 181 24.32 -67.16 38.91
CA CYS A 181 22.87 -67.40 39.12
C CYS A 181 22.05 -66.26 38.50
N GLY A 182 22.71 -65.22 37.97
CA GLY A 182 22.00 -64.16 37.23
C GLY A 182 22.82 -62.90 37.08
N LEU A 183 22.14 -61.78 36.82
CA LEU A 183 22.75 -60.46 36.56
C LEU A 183 21.65 -59.41 36.53
N ASP A 184 22.05 -58.13 36.54
CA ASP A 184 21.16 -56.97 36.32
C ASP A 184 21.97 -55.94 35.53
N THR A 185 21.70 -55.82 34.24
CA THR A 185 22.43 -54.93 33.30
C THR A 185 22.07 -53.47 33.58
N ALA A 186 21.02 -53.20 34.36
CA ALA A 186 20.50 -51.85 34.59
C ALA A 186 20.96 -51.32 35.95
N LEU A 187 21.60 -52.13 36.80
CA LEU A 187 21.81 -51.73 38.22
C LEU A 187 22.69 -50.48 38.32
N TYR A 188 23.68 -50.32 37.44
CA TYR A 188 24.72 -49.27 37.57
C TYR A 188 24.37 -48.04 36.71
N LEU A 189 23.20 -48.02 36.04
CA LEU A 189 22.72 -46.83 35.29
C LEU A 189 22.69 -45.63 36.25
N GLY A 190 23.17 -44.47 35.79
CA GLY A 190 23.19 -43.21 36.57
C GLY A 190 24.18 -43.21 37.73
N THR A 191 25.11 -44.17 37.79
CA THR A 191 26.18 -44.25 38.81
C THR A 191 27.55 -44.00 38.13
N GLU A 192 28.59 -43.85 38.94
CA GLU A 192 30.00 -43.75 38.49
C GLU A 192 30.39 -45.01 37.70
N SER A 193 29.68 -46.13 37.89
CA SER A 193 30.02 -47.45 37.28
C SER A 193 29.17 -47.72 36.04
N GLU A 194 28.41 -46.74 35.54
CA GLU A 194 27.58 -46.91 34.32
C GLU A 194 28.45 -47.46 33.18
N GLY A 195 27.94 -48.41 32.42
CA GLY A 195 28.70 -49.17 31.41
C GLY A 195 29.13 -50.54 31.92
N GLU A 196 29.15 -50.72 33.25
CA GLU A 196 29.36 -52.05 33.89
C GLU A 196 27.99 -52.71 34.14
N GLN A 197 27.98 -54.02 34.30
CA GLN A 197 26.78 -54.83 34.64
C GLN A 197 27.03 -55.54 35.97
N ALA A 198 26.03 -55.61 36.83
CA ALA A 198 26.05 -56.39 38.09
C ALA A 198 25.84 -57.87 37.74
N LEU A 199 26.82 -58.71 38.06
CA LEU A 199 26.70 -60.18 37.92
C LEU A 199 26.43 -60.77 39.29
N TYR A 200 25.60 -61.80 39.34
CA TYR A 200 25.15 -62.47 40.59
C TYR A 200 25.69 -63.89 40.58
N MET A 201 26.25 -64.31 41.71
CA MET A 201 26.83 -65.67 41.90
C MET A 201 26.32 -66.25 43.21
N SER A 202 26.13 -67.57 43.24
CA SER A 202 25.63 -68.29 44.44
C SER A 202 26.32 -69.63 44.54
N MET A 203 26.23 -70.22 45.73
CA MET A 203 26.50 -71.67 45.94
C MET A 203 25.65 -72.15 47.09
N PRO A 204 25.22 -73.43 47.08
CA PRO A 204 24.48 -74.01 48.22
C PRO A 204 25.38 -74.04 49.46
N CYS A 205 24.79 -73.91 50.65
CA CYS A 205 25.54 -73.77 51.93
C CYS A 205 26.06 -75.14 52.40
N THR B 28 -14.21 -45.36 32.38
CA THR B 28 -14.76 -46.14 33.54
C THR B 28 -13.82 -46.03 34.74
N TYR B 29 -12.50 -45.94 34.57
CA TYR B 29 -11.53 -45.98 35.71
C TYR B 29 -10.75 -44.67 35.85
N ALA B 30 -10.59 -44.23 37.09
CA ALA B 30 -9.80 -43.06 37.48
C ALA B 30 -8.66 -43.50 38.41
N PHE B 31 -7.66 -42.63 38.57
CA PHE B 31 -6.41 -42.93 39.30
C PHE B 31 -6.16 -41.84 40.33
N ARG B 32 -5.62 -42.23 41.48
CA ARG B 32 -5.16 -41.27 42.51
C ARG B 32 -4.13 -41.95 43.41
N VAL B 33 -3.44 -41.16 44.20
CA VAL B 33 -2.56 -41.62 45.30
C VAL B 33 -3.45 -42.35 46.31
N ALA B 34 -3.00 -43.51 46.80
CA ALA B 34 -3.71 -44.30 47.83
C ALA B 34 -3.80 -43.50 49.13
N ARG B 35 -4.88 -43.70 49.88
CA ARG B 35 -5.11 -43.10 51.23
C ARG B 35 -5.11 -44.22 52.26
N PRO B 36 -4.87 -43.92 53.56
CA PRO B 36 -4.90 -44.93 54.62
C PRO B 36 -6.12 -45.86 54.60
N GLU B 37 -7.31 -45.35 54.23
CA GLU B 37 -8.57 -46.13 54.21
C GLU B 37 -8.59 -47.12 53.03
N ASP B 38 -7.68 -47.00 52.07
CA ASP B 38 -7.60 -47.90 50.88
C ASP B 38 -6.86 -49.19 51.24
N VAL B 39 -6.11 -49.21 52.36
CA VAL B 39 -5.19 -50.32 52.74
C VAL B 39 -5.92 -51.66 52.74
N GLU B 40 -7.17 -51.70 53.22
CA GLU B 40 -7.99 -52.94 53.30
C GLU B 40 -8.33 -53.43 51.88
N ALA B 41 -8.80 -52.54 51.00
CA ALA B 41 -9.17 -52.87 49.60
C ALA B 41 -7.93 -53.33 48.81
N ILE B 42 -6.76 -52.73 49.08
CA ILE B 42 -5.48 -53.07 48.40
C ILE B 42 -5.05 -54.49 48.79
N ALA B 43 -5.07 -54.80 50.08
CA ALA B 43 -4.72 -56.13 50.65
C ALA B 43 -5.67 -57.21 50.09
N ALA B 44 -6.93 -56.86 49.84
CA ALA B 44 -8.00 -57.78 49.38
C ALA B 44 -7.90 -58.03 47.87
N ILE B 45 -7.11 -57.25 47.12
CA ILE B 45 -6.97 -57.47 45.65
C ILE B 45 -6.16 -58.75 45.43
N ASP B 46 -6.74 -59.67 44.68
CA ASP B 46 -6.20 -61.02 44.38
C ASP B 46 -5.34 -60.93 43.11
N GLY B 47 -4.03 -61.16 43.26
CA GLY B 47 -3.04 -61.13 42.16
C GLY B 47 -2.88 -62.50 41.47
N SER B 48 -3.61 -63.50 41.97
CA SER B 48 -3.58 -64.90 41.50
C SER B 48 -3.93 -64.97 40.02
N PHE B 49 -3.36 -65.93 39.30
CA PHE B 49 -3.59 -66.13 37.85
C PHE B 49 -3.39 -67.60 37.50
N THR B 50 -3.92 -67.98 36.34
CA THR B 50 -3.74 -69.27 35.65
C THR B 50 -3.00 -68.97 34.34
N THR B 51 -2.03 -69.80 33.97
CA THR B 51 -1.24 -69.62 32.71
C THR B 51 -1.07 -70.98 32.03
N GLY B 52 -1.17 -70.99 30.70
CA GLY B 52 -0.88 -72.14 29.83
C GLY B 52 0.58 -72.12 29.38
N THR B 53 1.32 -71.07 29.70
CA THR B 53 2.76 -70.94 29.35
C THR B 53 3.56 -70.41 30.54
N VAL B 54 4.84 -70.77 30.57
CA VAL B 54 5.86 -70.21 31.51
C VAL B 54 7.09 -69.85 30.69
N PHE B 55 7.90 -68.93 31.19
CA PHE B 55 9.24 -68.61 30.64
C PHE B 55 10.23 -69.53 31.35
N GLN B 56 10.73 -70.53 30.62
CA GLN B 56 11.67 -71.56 31.13
C GLN B 56 13.08 -70.97 31.09
N VAL B 57 13.82 -71.12 32.18
CA VAL B 57 15.20 -70.56 32.32
C VAL B 57 16.18 -71.73 32.22
N ALA B 58 17.02 -71.72 31.18
CA ALA B 58 18.13 -72.69 30.98
C ALA B 58 19.42 -72.01 31.48
N VAL B 59 20.04 -72.60 32.51
CA VAL B 59 21.30 -72.11 33.13
C VAL B 59 22.47 -72.84 32.46
N ALA B 60 23.37 -72.10 31.81
CA ALA B 60 24.70 -72.56 31.34
C ALA B 60 25.77 -71.92 32.22
N PRO B 61 27.01 -72.47 32.26
CA PRO B 61 28.12 -71.81 32.94
C PRO B 61 28.41 -70.39 32.41
N ASP B 62 28.04 -70.11 31.15
CA ASP B 62 28.36 -68.88 30.40
C ASP B 62 27.10 -68.06 30.06
N GLY B 63 25.93 -68.36 30.64
CA GLY B 63 24.75 -67.51 30.41
C GLY B 63 23.42 -68.17 30.72
N PHE B 64 22.35 -67.50 30.29
CA PHE B 64 20.94 -67.80 30.64
C PHE B 64 20.09 -67.62 29.39
N THR B 65 19.22 -68.58 29.10
CA THR B 65 18.24 -68.50 27.99
C THR B 65 16.84 -68.49 28.59
N LEU B 66 15.99 -67.57 28.13
CA LEU B 66 14.53 -67.50 28.44
C LEU B 66 13.79 -67.98 27.21
N ARG B 67 12.97 -69.03 27.34
CA ARG B 67 12.17 -69.60 26.25
C ARG B 67 10.74 -69.83 26.78
N GLU B 68 9.74 -69.20 26.16
CA GLU B 68 8.32 -69.44 26.51
C GLU B 68 7.94 -70.87 26.09
N VAL B 69 7.28 -71.59 26.99
CA VAL B 69 7.03 -73.07 26.89
C VAL B 69 5.63 -73.33 27.44
N ALA B 70 4.90 -74.28 26.86
CA ALA B 70 3.57 -74.73 27.29
C ALA B 70 3.69 -75.51 28.60
N VAL B 71 2.69 -75.36 29.47
CA VAL B 71 2.50 -76.22 30.67
C VAL B 71 1.05 -76.73 30.62
N ASP B 72 0.86 -78.01 30.91
CA ASP B 72 -0.43 -78.72 30.73
C ASP B 72 -0.49 -79.80 31.81
N PRO B 73 -1.50 -79.79 32.72
CA PRO B 73 -2.57 -78.78 32.72
C PRO B 73 -2.09 -77.38 33.14
N PRO B 74 -2.91 -76.32 32.92
CA PRO B 74 -2.52 -74.96 33.25
C PRO B 74 -1.98 -74.79 34.68
N LEU B 75 -0.90 -74.01 34.83
CA LEU B 75 -0.31 -73.68 36.15
C LEU B 75 -1.17 -72.61 36.84
N VAL B 76 -1.48 -72.81 38.11
CA VAL B 76 -2.18 -71.83 38.98
C VAL B 76 -1.15 -71.29 39.97
N LYS B 77 -1.00 -69.97 40.00
CA LYS B 77 -0.02 -69.27 40.86
C LYS B 77 -0.79 -68.36 41.82
N VAL B 78 -0.64 -68.58 43.12
CA VAL B 78 -1.10 -67.65 44.19
C VAL B 78 0.14 -66.97 44.77
N PHE B 79 0.03 -65.69 45.11
CA PHE B 79 1.14 -64.90 45.72
C PHE B 79 0.99 -64.99 47.24
N PRO B 80 2.09 -65.21 47.99
CA PRO B 80 2.06 -65.34 49.45
C PRO B 80 1.44 -64.13 50.16
N ASP B 92 10.52 -42.31 52.12
CA ASP B 92 9.13 -41.90 52.47
C ASP B 92 8.56 -41.02 51.34
N GLY B 93 9.19 -39.88 51.06
CA GLY B 93 8.94 -39.07 49.86
C GLY B 93 9.31 -39.81 48.56
N ASP B 94 10.02 -40.93 48.64
CA ASP B 94 10.52 -41.73 47.49
C ASP B 94 9.72 -43.03 47.35
N ARG B 95 8.67 -43.24 48.17
CA ARG B 95 7.70 -44.36 48.01
C ARG B 95 6.32 -43.78 47.72
N ARG B 96 5.57 -44.42 46.83
CA ARG B 96 4.18 -43.98 46.51
C ARG B 96 3.37 -45.18 46.05
N THR B 97 2.10 -45.19 46.44
CA THR B 97 1.10 -46.18 45.98
C THR B 97 0.00 -45.43 45.24
N TYR B 98 -0.29 -45.88 44.02
CA TYR B 98 -1.45 -45.41 43.24
C TYR B 98 -2.51 -46.50 43.22
N VAL B 99 -3.74 -46.03 43.13
CA VAL B 99 -4.96 -46.86 43.15
C VAL B 99 -5.77 -46.50 41.90
N ALA B 100 -6.25 -47.51 41.18
CA ALA B 100 -7.28 -47.37 40.13
C ALA B 100 -8.64 -47.58 40.79
N VAL B 101 -9.60 -46.72 40.45
CA VAL B 101 -10.91 -46.63 41.16
C VAL B 101 -12.02 -46.69 40.10
N GLY B 102 -13.00 -47.58 40.32
CA GLY B 102 -14.19 -47.71 39.46
C GLY B 102 -15.18 -46.59 39.73
N ALA B 103 -16.22 -46.49 38.89
CA ALA B 103 -17.29 -45.48 38.96
C ALA B 103 -17.90 -45.42 40.37
N GLY B 104 -18.02 -46.56 41.07
CA GLY B 104 -18.59 -46.65 42.44
C GLY B 104 -17.59 -46.33 43.55
N GLY B 105 -16.33 -46.02 43.21
CA GLY B 105 -15.28 -45.64 44.19
C GLY B 105 -14.49 -46.82 44.70
N ALA B 106 -14.75 -48.04 44.21
CA ALA B 106 -14.06 -49.27 44.64
C ALA B 106 -12.67 -49.33 43.98
N VAL B 107 -11.64 -49.64 44.76
CA VAL B 107 -10.26 -49.92 44.26
C VAL B 107 -10.29 -51.18 43.37
N ALA B 108 -9.98 -51.04 42.08
CA ALA B 108 -9.96 -52.13 41.08
C ALA B 108 -8.52 -52.56 40.78
N GLY B 109 -7.52 -51.80 41.22
CA GLY B 109 -6.10 -52.13 41.01
C GLY B 109 -5.20 -51.16 41.74
N PHE B 110 -3.91 -51.48 41.83
CA PHE B 110 -2.93 -50.62 42.52
C PHE B 110 -1.53 -50.90 42.00
N THR B 111 -0.66 -49.92 42.20
CA THR B 111 0.78 -50.06 41.97
C THR B 111 1.51 -49.37 43.12
N ALA B 112 2.49 -50.06 43.71
CA ALA B 112 3.42 -49.51 44.71
C ALA B 112 4.77 -49.31 44.02
N VAL B 113 5.35 -48.12 44.12
CA VAL B 113 6.61 -47.75 43.42
C VAL B 113 7.56 -47.16 44.44
N SER B 114 8.85 -47.29 44.20
CA SER B 114 9.91 -46.74 45.08
C SER B 114 11.06 -46.24 44.21
N TYR B 115 11.56 -45.05 44.53
CA TYR B 115 12.67 -44.38 43.79
C TYR B 115 13.94 -44.54 44.62
N THR B 116 15.02 -44.95 43.97
CA THR B 116 16.39 -44.97 44.55
C THR B 116 17.23 -43.96 43.77
N PRO B 117 17.55 -42.79 44.36
CA PRO B 117 18.34 -41.78 43.68
C PRO B 117 19.74 -42.27 43.24
N TRP B 118 20.32 -43.20 44.00
CA TRP B 118 21.67 -43.78 43.74
C TRP B 118 21.83 -44.14 42.25
N ASN B 119 20.89 -44.87 41.65
CA ASN B 119 20.96 -45.30 40.22
C ASN B 119 19.76 -44.76 39.41
N GLY B 120 19.02 -43.79 39.95
CA GLY B 120 17.83 -43.21 39.28
C GLY B 120 16.80 -44.25 38.88
N ARG B 121 16.60 -45.28 39.71
CA ARG B 121 15.72 -46.43 39.40
C ARG B 121 14.35 -46.18 40.05
N LEU B 122 13.31 -46.14 39.23
CA LEU B 122 11.93 -46.32 39.77
C LEU B 122 11.58 -47.81 39.68
N THR B 123 11.50 -48.47 40.84
CA THR B 123 11.09 -49.88 40.98
C THR B 123 9.56 -49.92 41.03
N ILE B 124 8.93 -50.69 40.15
CA ILE B 124 7.51 -51.09 40.33
C ILE B 124 7.52 -52.30 41.28
N GLU B 125 7.30 -52.05 42.56
CA GLU B 125 7.41 -53.07 43.64
C GLU B 125 6.26 -54.06 43.52
N ASP B 126 5.07 -53.57 43.15
CA ASP B 126 3.87 -54.40 42.97
C ASP B 126 2.93 -53.67 42.00
N ILE B 127 2.25 -54.44 41.16
CA ILE B 127 1.15 -53.95 40.30
C ILE B 127 0.13 -55.09 40.16
N GLU B 128 -1.10 -54.86 40.62
CA GLU B 128 -2.18 -55.88 40.66
C GLU B 128 -3.48 -55.23 40.22
N VAL B 129 -4.21 -55.95 39.37
CA VAL B 129 -5.60 -55.61 38.95
C VAL B 129 -6.53 -56.72 39.46
N ALA B 130 -7.63 -56.34 40.10
CA ALA B 130 -8.65 -57.26 40.63
C ALA B 130 -9.14 -58.14 39.48
N PRO B 131 -9.36 -59.45 39.73
CA PRO B 131 -10.05 -60.30 38.76
C PRO B 131 -11.42 -59.65 38.45
N GLY B 132 -11.83 -59.80 37.21
CA GLY B 132 -13.08 -59.17 36.72
C GLY B 132 -12.88 -57.70 36.39
N HIS B 133 -11.73 -57.06 36.68
CA HIS B 133 -11.42 -55.72 36.10
C HIS B 133 -10.22 -55.80 35.14
N ARG B 134 -9.76 -57.01 34.82
CA ARG B 134 -8.55 -57.23 33.97
C ARG B 134 -8.90 -56.95 32.50
N GLY B 135 -7.90 -56.59 31.70
CA GLY B 135 -8.05 -56.36 30.25
C GLY B 135 -8.84 -55.10 29.89
N ARG B 136 -8.85 -54.11 30.77
CA ARG B 136 -9.61 -52.83 30.57
C ARG B 136 -8.66 -51.62 30.60
N GLY B 137 -7.36 -51.84 30.49
CA GLY B 137 -6.34 -50.77 30.43
C GLY B 137 -5.92 -50.26 31.79
N ILE B 138 -6.30 -50.91 32.88
CA ILE B 138 -5.93 -50.46 34.27
C ILE B 138 -4.41 -50.62 34.46
N GLY B 139 -3.85 -51.73 34.01
CA GLY B 139 -2.40 -52.02 34.10
C GLY B 139 -1.58 -50.92 33.45
N ARG B 140 -1.92 -50.56 32.21
CA ARG B 140 -1.27 -49.48 31.44
C ARG B 140 -1.39 -48.17 32.23
N GLY B 141 -2.60 -47.85 32.71
CA GLY B 141 -2.90 -46.64 33.47
C GLY B 141 -2.08 -46.53 34.74
N LEU B 142 -1.93 -47.63 35.48
CA LEU B 142 -1.11 -47.65 36.72
C LEU B 142 0.36 -47.44 36.35
N MET B 143 0.83 -48.07 35.27
CA MET B 143 2.22 -47.94 34.79
C MET B 143 2.48 -46.50 34.31
N GLU B 144 1.48 -45.84 33.71
CA GLU B 144 1.58 -44.40 33.31
C GLU B 144 1.75 -43.54 34.56
N ARG B 145 1.09 -43.88 35.67
CA ARG B 145 1.23 -43.11 36.94
C ARG B 145 2.64 -43.37 37.49
N ALA B 146 3.17 -44.59 37.37
CA ALA B 146 4.54 -44.94 37.77
C ALA B 146 5.52 -44.08 36.97
N ALA B 147 5.33 -44.00 35.65
CA ALA B 147 6.17 -43.19 34.73
C ALA B 147 6.12 -41.71 35.13
N ASP B 148 4.94 -41.21 35.55
CA ASP B 148 4.77 -39.81 36.02
C ASP B 148 5.64 -39.58 37.25
N PHE B 149 5.59 -40.48 38.24
CA PHE B 149 6.40 -40.37 39.48
C PHE B 149 7.88 -40.43 39.11
N ALA B 150 8.25 -41.29 38.17
CA ALA B 150 9.64 -41.40 37.65
C ALA B 150 10.11 -40.02 37.14
N ARG B 151 9.36 -39.42 36.22
CA ARG B 151 9.70 -38.09 35.63
C ARG B 151 9.74 -37.02 36.73
N GLU B 152 8.83 -37.07 37.69
CA GLU B 152 8.77 -36.12 38.83
C GLU B 152 10.06 -36.22 39.64
N ARG B 153 10.62 -37.42 39.82
CA ARG B 153 11.83 -37.66 40.66
C ARG B 153 13.11 -37.58 39.82
N GLY B 154 13.00 -37.49 38.49
CA GLY B 154 14.15 -37.45 37.57
C GLY B 154 14.81 -38.81 37.41
N ALA B 155 14.04 -39.89 37.44
CA ALA B 155 14.52 -41.28 37.26
C ALA B 155 15.08 -41.44 35.84
N GLY B 156 16.07 -42.33 35.68
CA GLY B 156 16.61 -42.71 34.36
C GLY B 156 15.93 -43.95 33.79
N HIS B 157 15.35 -44.81 34.64
CA HIS B 157 14.72 -46.06 34.16
C HIS B 157 13.66 -46.58 35.15
N LEU B 158 12.68 -47.29 34.60
CA LEU B 158 11.72 -48.13 35.33
C LEU B 158 12.29 -49.54 35.39
N TRP B 159 12.04 -50.25 36.49
CA TRP B 159 12.56 -51.62 36.74
C TRP B 159 11.52 -52.41 37.54
N LEU B 160 11.38 -53.69 37.23
CA LEU B 160 10.49 -54.58 38.01
C LEU B 160 11.06 -56.00 38.02
N GLU B 161 10.63 -56.74 39.04
CA GLU B 161 10.84 -58.19 39.22
C GLU B 161 9.53 -58.89 38.84
N VAL B 162 9.62 -59.98 38.09
CA VAL B 162 8.45 -60.83 37.78
C VAL B 162 8.93 -62.29 37.76
N THR B 163 8.18 -63.17 38.41
CA THR B 163 8.45 -64.61 38.41
C THR B 163 8.33 -65.13 36.97
N ASN B 164 9.19 -66.08 36.62
CA ASN B 164 9.26 -66.68 35.27
C ASN B 164 7.93 -67.35 34.90
N VAL B 165 7.12 -67.79 35.87
CA VAL B 165 5.84 -68.49 35.60
C VAL B 165 4.75 -67.49 35.21
N ASN B 166 4.96 -66.19 35.44
CA ASN B 166 3.94 -65.14 35.16
C ASN B 166 4.06 -64.64 33.71
N ALA B 167 3.83 -65.54 32.76
CA ALA B 167 3.81 -65.26 31.31
C ALA B 167 2.82 -64.15 30.97
N PRO B 168 1.59 -64.14 31.53
CA PRO B 168 0.65 -63.05 31.24
C PRO B 168 1.22 -61.67 31.56
N ALA B 169 1.77 -61.48 32.76
CA ALA B 169 2.35 -60.17 33.19
C ALA B 169 3.57 -59.86 32.31
N ILE B 170 4.40 -60.85 31.99
CA ILE B 170 5.62 -60.64 31.15
C ILE B 170 5.18 -60.10 29.79
N HIS B 171 4.17 -60.72 29.16
CA HIS B 171 3.62 -60.28 27.84
C HIS B 171 3.08 -58.84 27.95
N ALA B 172 2.35 -58.52 29.00
CA ALA B 172 1.83 -57.15 29.26
C ALA B 172 3.01 -56.17 29.37
N TYR B 173 4.08 -56.53 30.11
CA TYR B 173 5.24 -55.65 30.32
C TYR B 173 5.98 -55.44 28.98
N LEU B 174 6.15 -56.50 28.19
CA LEU B 174 6.77 -56.41 26.83
C LEU B 174 5.98 -55.39 25.99
N ARG B 175 4.65 -55.47 26.00
CA ARG B 175 3.76 -54.56 25.22
C ARG B 175 3.94 -53.11 25.71
N LEU B 176 4.15 -52.91 27.01
CA LEU B 176 4.33 -51.55 27.61
C LEU B 176 5.75 -51.02 27.33
N GLY B 177 6.66 -51.83 26.77
CA GLY B 177 8.00 -51.37 26.36
C GLY B 177 9.15 -51.90 27.22
N PHE B 178 8.87 -52.70 28.26
CA PHE B 178 9.91 -53.32 29.11
C PHE B 178 10.64 -54.39 28.31
N THR B 179 11.94 -54.56 28.57
CA THR B 179 12.77 -55.70 28.06
C THR B 179 13.51 -56.32 29.26
N PHE B 180 13.87 -57.60 29.13
CA PHE B 180 14.67 -58.33 30.15
C PHE B 180 16.04 -57.65 30.29
N CYS B 181 16.38 -57.25 31.51
CA CYS B 181 17.70 -56.68 31.88
C CYS B 181 18.45 -57.64 32.81
N GLY B 182 17.84 -58.76 33.21
CA GLY B 182 18.53 -59.78 34.00
C GLY B 182 17.58 -60.75 34.70
N LEU B 183 18.09 -61.42 35.73
CA LEU B 183 17.37 -62.45 36.50
C LEU B 183 18.21 -62.84 37.72
N ASP B 184 17.59 -63.55 38.66
CA ASP B 184 18.27 -64.19 39.81
C ASP B 184 17.58 -65.54 40.03
N THR B 185 18.23 -66.63 39.62
CA THR B 185 17.70 -68.02 39.69
C THR B 185 17.67 -68.50 41.15
N ALA B 186 18.33 -67.80 42.06
CA ALA B 186 18.46 -68.24 43.47
C ALA B 186 17.50 -67.46 44.38
N LEU B 187 16.79 -66.45 43.87
CA LEU B 187 16.07 -65.49 44.77
C LEU B 187 14.99 -66.21 45.58
N TYR B 188 14.33 -67.21 45.00
CA TYR B 188 13.12 -67.85 45.59
C TYR B 188 13.48 -69.12 46.35
N LEU B 189 14.76 -69.48 46.45
CA LEU B 189 15.21 -70.65 47.26
C LEU B 189 14.69 -70.48 48.69
N GLY B 190 14.15 -71.55 49.29
CA GLY B 190 13.63 -71.55 50.66
C GLY B 190 12.34 -70.75 50.85
N THR B 191 11.66 -70.36 49.76
CA THR B 191 10.34 -69.67 49.80
C THR B 191 9.25 -70.59 49.25
N GLU B 192 7.98 -70.17 49.37
CA GLU B 192 6.81 -70.87 48.76
C GLU B 192 6.98 -70.94 47.23
N SER B 193 7.81 -70.07 46.64
CA SER B 193 7.98 -69.96 45.18
C SER B 193 9.22 -70.72 44.68
N GLU B 194 9.88 -71.50 45.54
CA GLU B 194 11.09 -72.28 45.16
C GLU B 194 10.78 -73.12 43.91
N GLY B 195 11.70 -73.16 42.94
CA GLY B 195 11.48 -73.77 41.61
C GLY B 195 11.16 -72.71 40.55
N GLU B 196 10.74 -71.52 40.98
CA GLU B 196 10.58 -70.34 40.08
C GLU B 196 11.88 -69.53 40.10
N GLN B 197 12.08 -68.70 39.08
CA GLN B 197 13.22 -67.76 38.95
C GLN B 197 12.67 -66.34 38.88
N ALA B 198 13.34 -65.40 39.55
CA ALA B 198 13.06 -63.95 39.46
C ALA B 198 13.65 -63.43 38.15
N LEU B 199 12.80 -62.91 37.27
CA LEU B 199 13.23 -62.23 36.03
C LEU B 199 13.14 -60.72 36.26
N TYR B 200 14.10 -59.97 35.73
CA TYR B 200 14.20 -58.51 35.89
C TYR B 200 13.96 -57.86 34.53
N MET B 201 13.15 -56.81 34.52
CA MET B 201 12.79 -56.07 33.29
C MET B 201 12.94 -54.58 33.57
N SER B 202 13.34 -53.82 32.54
CA SER B 202 13.54 -52.36 32.66
C SER B 202 13.10 -51.68 31.36
N MET B 203 12.87 -50.38 31.44
CA MET B 203 12.80 -49.53 30.24
C MET B 203 13.30 -48.14 30.62
N PRO B 204 13.95 -47.44 29.67
CA PRO B 204 14.37 -46.06 29.90
C PRO B 204 13.13 -45.17 30.12
N CYS B 205 13.26 -44.12 30.93
CA CYS B 205 12.17 -43.16 31.21
C CYS B 205 11.94 -42.19 30.04
N THR C 28 -13.23 -38.46 48.49
CA THR C 28 -11.94 -38.39 47.76
C THR C 28 -12.21 -38.24 46.26
N TYR C 29 -11.30 -37.59 45.53
CA TYR C 29 -11.37 -37.35 44.06
C TYR C 29 -10.22 -38.06 43.34
N ALA C 30 -10.53 -38.60 42.17
CA ALA C 30 -9.59 -39.31 41.28
C ALA C 30 -9.52 -38.57 39.94
N PHE C 31 -8.47 -38.83 39.18
CA PHE C 31 -8.10 -38.08 37.95
C PHE C 31 -7.87 -39.08 36.82
N ARG C 32 -8.23 -38.68 35.61
CA ARG C 32 -7.86 -39.42 34.39
C ARG C 32 -7.96 -38.49 33.18
N VAL C 33 -7.42 -38.93 32.05
CA VAL C 33 -7.59 -38.30 30.73
C VAL C 33 -9.08 -38.36 30.42
N ALA C 34 -9.65 -37.26 29.91
CA ALA C 34 -11.07 -37.17 29.50
C ALA C 34 -11.33 -38.14 28.34
N ARG C 35 -12.54 -38.71 28.29
CA ARG C 35 -13.00 -39.66 27.24
C ARG C 35 -14.15 -38.99 26.50
N PRO C 36 -14.48 -39.42 25.26
CA PRO C 36 -15.60 -38.85 24.51
C PRO C 36 -16.91 -38.70 25.28
N GLU C 37 -17.23 -39.63 26.18
CA GLU C 37 -18.50 -39.62 26.97
C GLU C 37 -18.46 -38.52 28.06
N ASP C 38 -17.30 -37.93 28.34
CA ASP C 38 -17.14 -36.87 29.37
C ASP C 38 -17.51 -35.50 28.79
N VAL C 39 -17.56 -35.37 27.46
CA VAL C 39 -17.68 -34.06 26.74
C VAL C 39 -18.89 -33.28 27.28
N GLU C 40 -20.02 -33.98 27.51
CA GLU C 40 -21.29 -33.37 27.98
C GLU C 40 -21.10 -32.84 29.41
N ALA C 41 -20.53 -33.65 30.31
CA ALA C 41 -20.30 -33.28 31.73
C ALA C 41 -19.31 -32.10 31.81
N ILE C 42 -18.30 -32.04 30.94
CA ILE C 42 -17.27 -30.97 30.91
C ILE C 42 -17.94 -29.65 30.51
N ALA C 43 -18.73 -29.66 29.44
CA ALA C 43 -19.48 -28.48 28.92
C ALA C 43 -20.46 -27.97 29.98
N ALA C 44 -21.02 -28.86 30.81
CA ALA C 44 -22.04 -28.55 31.84
C ALA C 44 -21.39 -28.00 33.12
N ILE C 45 -20.06 -28.10 33.27
CA ILE C 45 -19.38 -27.56 34.48
C ILE C 45 -19.44 -26.04 34.43
N ASP C 46 -19.97 -25.48 35.51
CA ASP C 46 -20.17 -24.02 35.69
C ASP C 46 -18.88 -23.39 36.26
N GLY C 47 -18.22 -22.56 35.46
CA GLY C 47 -16.99 -21.84 35.82
C GLY C 47 -17.27 -20.47 36.40
N SER C 48 -18.56 -20.12 36.54
CA SER C 48 -19.05 -18.87 37.15
C SER C 48 -18.51 -18.73 38.56
N PHE C 49 -18.27 -17.51 38.99
CA PHE C 49 -17.80 -17.18 40.36
C PHE C 49 -18.32 -15.80 40.78
N THR C 50 -18.28 -15.58 42.08
CA THR C 50 -18.57 -14.31 42.76
C THR C 50 -17.26 -13.90 43.45
N THR C 51 -16.90 -12.62 43.40
CA THR C 51 -15.67 -12.11 44.04
C THR C 51 -15.98 -10.77 44.71
N GLY C 52 -15.41 -10.54 45.89
CA GLY C 52 -15.45 -9.25 46.61
C GLY C 52 -14.23 -8.41 46.28
N THR C 53 -13.29 -8.93 45.49
CA THR C 53 -12.08 -8.20 45.02
C THR C 53 -11.84 -8.44 43.53
N VAL C 54 -11.18 -7.48 42.90
CA VAL C 54 -10.64 -7.58 41.52
C VAL C 54 -9.20 -7.08 41.56
N PHE C 55 -8.38 -7.52 40.61
CA PHE C 55 -7.04 -6.95 40.36
C PHE C 55 -7.22 -5.79 39.37
N GLN C 56 -7.02 -4.57 39.87
CA GLN C 56 -7.13 -3.32 39.08
C GLN C 56 -5.81 -3.12 38.33
N VAL C 57 -5.90 -2.78 37.05
CA VAL C 57 -4.71 -2.53 36.19
C VAL C 57 -4.60 -1.02 35.97
N ALA C 58 -3.51 -0.41 36.46
CA ALA C 58 -3.15 1.01 36.20
C ALA C 58 -2.13 1.03 35.07
N VAL C 59 -2.49 1.67 33.95
CA VAL C 59 -1.63 1.80 32.73
C VAL C 59 -0.88 3.15 32.83
N ALA C 60 0.45 3.10 32.88
CA ALA C 60 1.35 4.26 32.71
C ALA C 60 2.05 4.15 31.35
N PRO C 61 2.60 5.25 30.79
CA PRO C 61 3.43 5.17 29.59
C PRO C 61 4.63 4.21 29.73
N ASP C 62 5.11 4.01 30.96
CA ASP C 62 6.37 3.27 31.30
C ASP C 62 6.08 2.00 32.13
N GLY C 63 4.82 1.55 32.21
CA GLY C 63 4.56 0.26 32.87
C GLY C 63 3.12 0.06 33.31
N PHE C 64 2.92 -0.99 34.13
CA PHE C 64 1.61 -1.53 34.53
C PHE C 64 1.70 -1.90 36.01
N THR C 65 0.69 -1.52 36.78
CA THR C 65 0.57 -1.87 38.22
C THR C 65 -0.68 -2.74 38.37
N LEU C 66 -0.55 -3.86 39.08
CA LEU C 66 -1.66 -4.73 39.53
C LEU C 66 -1.86 -4.47 41.02
N ARG C 67 -3.06 -4.05 41.40
CA ARG C 67 -3.43 -3.76 42.80
C ARG C 67 -4.78 -4.42 43.07
N GLU C 68 -4.84 -5.34 44.01
CA GLU C 68 -6.12 -5.97 44.45
C GLU C 68 -6.95 -4.90 45.18
N VAL C 69 -8.23 -4.83 44.84
CA VAL C 69 -9.15 -3.73 45.23
C VAL C 69 -10.51 -4.36 45.53
N ALA C 70 -11.21 -3.88 46.56
CA ALA C 70 -12.57 -4.33 46.96
C ALA C 70 -13.58 -3.82 45.94
N VAL C 71 -14.62 -4.60 45.67
CA VAL C 71 -15.79 -4.20 44.86
C VAL C 71 -17.05 -4.52 45.67
N ASP C 72 -18.04 -3.64 45.63
CA ASP C 72 -19.28 -3.72 46.43
C ASP C 72 -20.40 -3.11 45.60
N PRO C 73 -21.48 -3.87 45.26
CA PRO C 73 -21.65 -5.26 45.71
C PRO C 73 -20.69 -6.23 45.04
N PRO C 74 -20.56 -7.48 45.55
CA PRO C 74 -19.71 -8.50 44.92
C PRO C 74 -19.97 -8.64 43.41
N LEU C 75 -18.89 -8.75 42.62
CA LEU C 75 -18.96 -8.94 41.15
C LEU C 75 -19.28 -10.41 40.87
N VAL C 76 -20.25 -10.66 40.00
CA VAL C 76 -20.64 -12.01 39.51
C VAL C 76 -20.19 -12.09 38.07
N LYS C 77 -19.37 -13.11 37.76
CA LYS C 77 -18.78 -13.31 36.42
C LYS C 77 -19.27 -14.65 35.90
N VAL C 78 -20.01 -14.63 34.78
CA VAL C 78 -20.39 -15.82 34.00
C VAL C 78 -19.56 -15.78 32.72
N PHE C 79 -19.05 -16.93 32.26
CA PHE C 79 -18.12 -16.98 31.11
C PHE C 79 -18.92 -17.15 29.84
N PRO C 80 -18.58 -16.38 28.76
CA PRO C 80 -19.22 -16.53 27.45
C PRO C 80 -19.03 -17.95 26.89
N GLU C 81 -19.96 -18.39 26.05
CA GLU C 81 -19.85 -19.73 25.38
C GLU C 81 -18.75 -19.68 24.32
N ASP C 82 -18.62 -18.55 23.59
CA ASP C 82 -17.54 -18.27 22.60
C ASP C 82 -16.37 -17.57 23.31
N ASP C 83 -15.13 -17.83 22.88
CA ASP C 83 -13.89 -17.39 23.56
C ASP C 83 -12.71 -17.59 22.60
N GLY C 93 -1.78 -34.78 19.93
CA GLY C 93 -0.57 -35.25 20.63
C GLY C 93 -0.06 -34.23 21.64
N ASP C 94 -0.21 -32.94 21.34
CA ASP C 94 0.26 -31.80 22.18
C ASP C 94 -0.92 -31.11 22.87
N ARG C 95 -2.15 -31.61 22.73
CA ARG C 95 -3.34 -31.17 23.50
C ARG C 95 -3.83 -32.32 24.38
N ARG C 96 -4.30 -32.02 25.59
CA ARG C 96 -4.83 -33.04 26.52
C ARG C 96 -5.81 -32.39 27.49
N THR C 97 -6.88 -33.11 27.81
CA THR C 97 -7.90 -32.71 28.81
C THR C 97 -7.91 -33.77 29.91
N TYR C 98 -7.79 -33.32 31.16
CA TYR C 98 -7.93 -34.18 32.35
C TYR C 98 -9.24 -33.82 33.04
N VAL C 99 -9.78 -34.82 33.72
CA VAL C 99 -11.07 -34.76 34.42
C VAL C 99 -10.81 -35.21 35.86
N ALA C 100 -11.36 -34.50 36.83
CA ALA C 100 -11.46 -34.93 38.24
C ALA C 100 -12.83 -35.59 38.43
N VAL C 101 -12.88 -36.71 39.12
CA VAL C 101 -14.08 -37.60 39.22
C VAL C 101 -14.33 -37.88 40.70
N GLY C 102 -15.56 -37.67 41.16
CA GLY C 102 -16.01 -38.03 42.52
C GLY C 102 -16.21 -39.52 42.69
N ALA C 103 -16.40 -39.98 43.92
CA ALA C 103 -16.62 -41.40 44.29
C ALA C 103 -17.71 -42.04 43.43
N GLY C 104 -18.76 -41.29 43.07
CA GLY C 104 -19.89 -41.79 42.26
C GLY C 104 -19.64 -41.73 40.76
N GLY C 105 -18.45 -41.28 40.32
CA GLY C 105 -18.04 -41.28 38.90
C GLY C 105 -18.39 -40.01 38.16
N ALA C 106 -18.98 -39.01 38.85
CA ALA C 106 -19.37 -37.71 38.24
C ALA C 106 -18.12 -36.84 38.09
N VAL C 107 -17.96 -36.21 36.92
CA VAL C 107 -16.93 -35.18 36.65
C VAL C 107 -17.19 -33.96 37.56
N ALA C 108 -16.25 -33.66 38.46
CA ALA C 108 -16.31 -32.53 39.43
C ALA C 108 -15.44 -31.36 38.95
N GLY C 109 -14.56 -31.58 37.97
CA GLY C 109 -13.66 -30.54 37.44
C GLY C 109 -12.88 -31.03 36.24
N PHE C 110 -12.20 -30.13 35.54
CA PHE C 110 -11.39 -30.47 34.35
C PHE C 110 -10.32 -29.41 34.12
N THR C 111 -9.29 -29.80 33.38
CA THR C 111 -8.26 -28.89 32.85
C THR C 111 -7.93 -29.32 31.41
N ALA C 112 -7.90 -28.36 30.50
CA ALA C 112 -7.44 -28.50 29.11
C ALA C 112 -6.07 -27.84 29.02
N VAL C 113 -5.07 -28.55 28.48
CA VAL C 113 -3.67 -28.08 28.41
C VAL C 113 -3.18 -28.28 26.97
N SER C 114 -2.22 -27.45 26.55
CA SER C 114 -1.62 -27.53 25.20
C SER C 114 -0.13 -27.20 25.32
N TYR C 115 0.69 -27.99 24.63
CA TYR C 115 2.17 -27.84 24.61
C TYR C 115 2.57 -27.20 23.29
N THR C 116 3.43 -26.17 23.35
CA THR C 116 4.09 -25.56 22.17
C THR C 116 5.59 -25.82 22.30
N PRO C 117 6.16 -26.74 21.50
CA PRO C 117 7.58 -27.06 21.58
C PRO C 117 8.49 -25.84 21.32
N TRP C 118 8.06 -24.90 20.48
CA TRP C 118 8.83 -23.69 20.09
C TRP C 118 9.45 -23.02 21.32
N ASN C 119 8.67 -22.79 22.39
CA ASN C 119 9.16 -22.12 23.63
C ASN C 119 9.01 -23.02 24.86
N GLY C 120 8.75 -24.32 24.67
CA GLY C 120 8.57 -25.29 25.77
C GLY C 120 7.48 -24.88 26.76
N ARG C 121 6.40 -24.27 26.25
CA ARG C 121 5.32 -23.72 27.09
C ARG C 121 4.19 -24.75 27.20
N LEU C 122 3.87 -25.18 28.42
CA LEU C 122 2.58 -25.83 28.68
C LEU C 122 1.56 -24.75 29.10
N THR C 123 0.60 -24.48 28.22
CA THR C 123 -0.52 -23.53 28.47
C THR C 123 -1.62 -24.28 29.20
N ILE C 124 -2.05 -23.79 30.36
CA ILE C 124 -3.34 -24.21 30.98
C ILE C 124 -4.43 -23.40 30.28
N GLU C 125 -5.07 -23.97 29.27
CA GLU C 125 -6.07 -23.26 28.41
C GLU C 125 -7.34 -23.01 29.23
N ASP C 126 -7.72 -23.96 30.07
CA ASP C 126 -8.93 -23.88 30.91
C ASP C 126 -8.72 -24.77 32.14
N ILE C 127 -9.22 -24.33 33.28
CA ILE C 127 -9.30 -25.16 34.52
C ILE C 127 -10.56 -24.71 35.27
N GLU C 128 -11.51 -25.62 35.48
CA GLU C 128 -12.82 -25.34 36.10
C GLU C 128 -13.14 -26.46 37.08
N VAL C 129 -13.58 -26.10 38.27
CA VAL C 129 -14.13 -27.00 39.32
C VAL C 129 -15.61 -26.64 39.51
N ALA C 130 -16.50 -27.61 39.51
CA ALA C 130 -17.94 -27.45 39.78
C ALA C 130 -18.11 -26.72 41.11
N PRO C 131 -19.04 -25.73 41.21
CA PRO C 131 -19.18 -24.89 42.40
C PRO C 131 -19.26 -25.64 43.74
N GLY C 132 -20.01 -26.74 43.83
CA GLY C 132 -20.19 -27.49 45.10
C GLY C 132 -18.98 -28.32 45.48
N HIS C 133 -17.94 -28.40 44.63
CA HIS C 133 -16.75 -29.25 44.84
C HIS C 133 -15.49 -28.39 45.02
N ARG C 134 -15.64 -27.07 45.18
CA ARG C 134 -14.51 -26.12 45.30
C ARG C 134 -13.92 -26.24 46.72
N GLY C 135 -12.65 -25.85 46.88
CA GLY C 135 -11.93 -25.82 48.18
C GLY C 135 -11.62 -27.20 48.73
N ARG C 136 -11.51 -28.23 47.87
CA ARG C 136 -11.24 -29.63 48.28
C ARG C 136 -9.96 -30.17 47.62
N GLY C 137 -9.14 -29.29 47.03
CA GLY C 137 -7.85 -29.68 46.42
C GLY C 137 -7.98 -30.21 45.01
N ILE C 138 -9.13 -30.09 44.36
CA ILE C 138 -9.32 -30.53 42.94
C ILE C 138 -8.46 -29.67 42.01
N GLY C 139 -8.44 -28.36 42.23
CA GLY C 139 -7.65 -27.41 41.43
C GLY C 139 -6.18 -27.77 41.44
N ARG C 140 -5.62 -28.01 42.63
CA ARG C 140 -4.21 -28.44 42.83
C ARG C 140 -3.98 -29.75 42.06
N GLY C 141 -4.88 -30.72 42.22
CA GLY C 141 -4.81 -32.04 41.57
C GLY C 141 -4.82 -31.94 40.06
N LEU C 142 -5.66 -31.07 39.49
CA LEU C 142 -5.71 -30.86 38.01
C LEU C 142 -4.41 -30.19 37.56
N MET C 143 -3.88 -29.25 38.33
CA MET C 143 -2.60 -28.56 38.02
C MET C 143 -1.43 -29.55 38.13
N GLU C 144 -1.49 -30.52 39.04
CA GLU C 144 -0.48 -31.61 39.15
C GLU C 144 -0.53 -32.47 37.88
N ARG C 145 -1.70 -32.71 37.31
CA ARG C 145 -1.83 -33.47 36.04
C ARG C 145 -1.24 -32.63 34.90
N ALA C 146 -1.45 -31.31 34.93
CA ALA C 146 -0.84 -30.39 33.94
C ALA C 146 0.68 -30.47 34.05
N ALA C 147 1.22 -30.44 35.26
CA ALA C 147 2.69 -30.56 35.53
C ALA C 147 3.20 -31.89 35.01
N ASP C 148 2.43 -32.99 35.16
CA ASP C 148 2.80 -34.33 34.65
C ASP C 148 2.95 -34.27 33.13
N PHE C 149 1.98 -33.69 32.44
CA PHE C 149 2.01 -33.57 30.95
C PHE C 149 3.21 -32.70 30.54
N ALA C 150 3.47 -31.63 31.29
CA ALA C 150 4.63 -30.73 31.08
C ALA C 150 5.92 -31.57 31.10
N ARG C 151 6.15 -32.31 32.19
CA ARG C 151 7.38 -33.15 32.37
C ARG C 151 7.45 -34.21 31.27
N GLU C 152 6.31 -34.81 30.90
CA GLU C 152 6.24 -35.83 29.82
C GLU C 152 6.71 -35.22 28.50
N ARG C 153 6.38 -33.95 28.22
CA ARG C 153 6.69 -33.29 26.93
C ARG C 153 8.03 -32.54 27.01
N GLY C 154 8.63 -32.43 28.20
CA GLY C 154 9.90 -31.70 28.42
C GLY C 154 9.71 -30.19 28.39
N ALA C 155 8.57 -29.69 28.86
CA ALA C 155 8.24 -28.25 28.94
C ALA C 155 9.22 -27.56 29.90
N GLY C 156 9.52 -26.28 29.64
CA GLY C 156 10.34 -25.44 30.53
C GLY C 156 9.49 -24.62 31.49
N HIS C 157 8.21 -24.36 31.16
CA HIS C 157 7.33 -23.53 32.04
C HIS C 157 5.86 -23.83 31.77
N LEU C 158 5.06 -23.63 32.82
CA LEU C 158 3.58 -23.58 32.77
C LEU C 158 3.19 -22.11 32.60
N TRP C 159 2.11 -21.86 31.86
CA TRP C 159 1.62 -20.49 31.53
C TRP C 159 0.09 -20.52 31.45
N LEU C 160 -0.55 -19.45 31.92
CA LEU C 160 -2.03 -19.32 31.79
C LEU C 160 -2.41 -17.85 31.65
N GLU C 161 -3.58 -17.64 31.07
CA GLU C 161 -4.31 -16.37 30.98
C GLU C 161 -5.41 -16.39 32.04
N VAL C 162 -5.60 -15.30 32.76
CA VAL C 162 -6.73 -15.16 33.71
C VAL C 162 -7.18 -13.70 33.66
N THR C 163 -8.49 -13.49 33.58
CA THR C 163 -9.09 -12.14 33.61
C THR C 163 -8.76 -11.51 34.97
N ASN C 164 -8.53 -10.20 34.96
CA ASN C 164 -8.16 -9.39 36.16
C ASN C 164 -9.26 -9.48 37.22
N VAL C 165 -10.53 -9.73 36.85
CA VAL C 165 -11.67 -9.78 37.80
C VAL C 165 -11.67 -11.12 38.56
N ASN C 166 -10.93 -12.12 38.10
CA ASN C 166 -10.92 -13.47 38.73
C ASN C 166 -9.88 -13.54 39.85
N ALA C 167 -10.07 -12.75 40.90
CA ALA C 167 -9.22 -12.72 42.10
C ALA C 167 -9.15 -14.10 42.76
N PRO C 168 -10.26 -14.85 42.90
CA PRO C 168 -10.20 -16.21 43.48
C PRO C 168 -9.20 -17.12 42.75
N ALA C 169 -9.28 -17.20 41.42
CA ALA C 169 -8.37 -18.06 40.62
C ALA C 169 -6.95 -17.52 40.75
N ILE C 170 -6.76 -16.20 40.70
CA ILE C 170 -5.41 -15.56 40.81
C ILE C 170 -4.77 -16.00 42.13
N HIS C 171 -5.50 -15.90 43.25
CA HIS C 171 -5.01 -16.31 44.60
C HIS C 171 -4.67 -17.79 44.63
N ALA C 172 -5.51 -18.65 44.04
CA ALA C 172 -5.23 -20.10 43.92
C ALA C 172 -3.94 -20.31 43.14
N TYR C 173 -3.76 -19.60 42.02
CA TYR C 173 -2.55 -19.77 41.15
C TYR C 173 -1.30 -19.31 41.90
N LEU C 174 -1.38 -18.18 42.63
CA LEU C 174 -0.27 -17.67 43.47
C LEU C 174 0.15 -18.75 44.48
N ARG C 175 -0.82 -19.39 45.14
CA ARG C 175 -0.55 -20.44 46.15
C ARG C 175 0.11 -21.65 45.48
N LEU C 176 -0.25 -21.97 44.24
CA LEU C 176 0.34 -23.11 43.49
C LEU C 176 1.74 -22.77 42.96
N GLY C 177 2.19 -21.51 43.05
CA GLY C 177 3.56 -21.10 42.69
C GLY C 177 3.64 -20.24 41.43
N PHE C 178 2.51 -19.93 40.78
CA PHE C 178 2.49 -19.02 39.60
C PHE C 178 2.79 -17.61 40.06
N THR C 179 3.49 -16.84 39.21
CA THR C 179 3.69 -15.37 39.36
C THR C 179 3.30 -14.70 38.04
N PHE C 180 2.90 -13.42 38.11
CA PHE C 180 2.60 -12.59 36.93
C PHE C 180 3.84 -12.47 36.05
N CYS C 181 3.71 -12.84 34.77
CA CYS C 181 4.76 -12.69 33.74
C CYS C 181 4.31 -11.68 32.67
N GLY C 182 3.09 -11.14 32.77
CA GLY C 182 2.62 -10.12 31.81
C GLY C 182 1.13 -9.89 31.82
N LEU C 183 0.63 -9.25 30.78
CA LEU C 183 -0.80 -8.90 30.59
C LEU C 183 -1.01 -8.37 29.17
N ASP C 184 -2.28 -8.25 28.77
CA ASP C 184 -2.70 -7.59 27.52
C ASP C 184 -4.02 -6.86 27.83
N THR C 185 -3.95 -5.54 27.97
CA THR C 185 -5.12 -4.69 28.33
C THR C 185 -6.08 -4.58 27.15
N ALA C 186 -5.66 -4.97 25.95
CA ALA C 186 -6.47 -4.81 24.72
C ALA C 186 -7.15 -6.12 24.33
N LEU C 187 -6.87 -7.24 25.00
CA LEU C 187 -7.27 -8.57 24.46
C LEU C 187 -8.80 -8.68 24.39
N TYR C 188 -9.53 -8.10 25.35
CA TYR C 188 -10.99 -8.32 25.51
C TYR C 188 -11.79 -7.20 24.85
N LEU C 189 -11.14 -6.23 24.18
CA LEU C 189 -11.83 -5.18 23.39
C LEU C 189 -12.77 -5.85 22.38
N GLY C 190 -14.01 -5.36 22.26
CA GLY C 190 -15.00 -5.88 21.28
C GLY C 190 -15.56 -7.25 21.66
N THR C 191 -15.33 -7.74 22.89
CA THR C 191 -15.87 -9.04 23.39
C THR C 191 -16.88 -8.77 24.51
N GLU C 192 -17.58 -9.82 24.94
CA GLU C 192 -18.50 -9.79 26.12
C GLU C 192 -17.72 -9.37 27.38
N SER C 193 -16.39 -9.53 27.41
CA SER C 193 -15.54 -9.25 28.60
C SER C 193 -14.87 -7.89 28.52
N GLU C 194 -15.26 -7.04 27.55
CA GLU C 194 -14.67 -5.68 27.40
C GLU C 194 -14.76 -4.94 28.74
N GLY C 195 -13.70 -4.23 29.12
CA GLY C 195 -13.54 -3.60 30.45
C GLY C 195 -12.68 -4.44 31.39
N GLU C 196 -12.51 -5.73 31.09
CA GLU C 196 -11.54 -6.61 31.79
C GLU C 196 -10.20 -6.59 31.05
N GLN C 197 -9.12 -6.98 31.72
CA GLN C 197 -7.76 -7.12 31.15
C GLN C 197 -7.31 -8.57 31.33
N ALA C 198 -6.65 -9.13 30.31
CA ALA C 198 -6.03 -10.46 30.35
C ALA C 198 -4.72 -10.35 31.13
N LEU C 199 -4.60 -11.07 32.24
CA LEU C 199 -3.33 -11.18 33.01
C LEU C 199 -2.69 -12.53 32.67
N TYR C 200 -1.37 -12.55 32.59
CA TYR C 200 -0.57 -13.73 32.23
C TYR C 200 0.26 -14.14 33.43
N MET C 201 0.27 -15.45 33.74
CA MET C 201 1.01 -16.02 34.88
C MET C 201 1.80 -17.24 34.40
N SER C 202 2.97 -17.46 34.98
CA SER C 202 3.86 -18.59 34.63
C SER C 202 4.53 -19.14 35.89
N MET C 203 5.05 -20.35 35.79
CA MET C 203 6.02 -20.89 36.75
C MET C 203 6.93 -21.86 36.02
N PRO C 204 8.22 -21.96 36.43
CA PRO C 204 9.12 -22.95 35.87
C PRO C 204 8.62 -24.36 36.19
N CYS C 205 8.87 -25.33 35.31
CA CYS C 205 8.29 -26.70 35.43
C CYS C 205 9.10 -27.55 36.43
N THR D 28 8.52 8.88 -3.86
CA THR D 28 9.50 7.85 -4.34
C THR D 28 8.92 6.43 -4.19
N TYR D 29 8.11 6.15 -3.16
CA TYR D 29 7.63 4.78 -2.85
C TYR D 29 6.10 4.67 -2.97
N ALA D 30 5.67 3.56 -3.55
CA ALA D 30 4.24 3.19 -3.76
C ALA D 30 3.96 1.89 -3.03
N PHE D 31 2.69 1.61 -2.77
CA PHE D 31 2.22 0.49 -1.93
C PHE D 31 1.15 -0.29 -2.69
N ARG D 32 1.15 -1.61 -2.52
CA ARG D 32 0.14 -2.49 -3.14
C ARG D 32 0.12 -3.82 -2.38
N VAL D 33 -0.92 -4.60 -2.63
CA VAL D 33 -1.04 -5.99 -2.12
C VAL D 33 0.08 -6.78 -2.78
N ALA D 34 0.75 -7.65 -2.02
CA ALA D 34 1.80 -8.56 -2.52
C ALA D 34 1.22 -9.51 -3.59
N ARG D 35 2.05 -9.91 -4.53
CA ARG D 35 1.78 -10.95 -5.56
C ARG D 35 2.69 -12.13 -5.29
N PRO D 36 2.35 -13.36 -5.77
CA PRO D 36 3.20 -14.53 -5.54
C PRO D 36 4.70 -14.33 -5.84
N GLU D 37 5.05 -13.55 -6.86
CA GLU D 37 6.47 -13.32 -7.26
C GLU D 37 7.18 -12.40 -6.26
N ASP D 38 6.46 -11.73 -5.36
CA ASP D 38 7.05 -10.82 -4.35
C ASP D 38 7.59 -11.64 -3.16
N VAL D 39 7.14 -12.88 -2.98
CA VAL D 39 7.45 -13.76 -1.81
C VAL D 39 8.96 -13.88 -1.67
N GLU D 40 9.71 -14.02 -2.77
CA GLU D 40 11.19 -14.17 -2.77
C GLU D 40 11.83 -12.87 -2.26
N ALA D 41 11.43 -11.71 -2.78
CA ALA D 41 11.95 -10.38 -2.38
C ALA D 41 11.63 -10.11 -0.91
N ILE D 42 10.46 -10.53 -0.42
CA ILE D 42 9.98 -10.32 0.99
C ILE D 42 10.88 -11.14 1.93
N ALA D 43 11.13 -12.42 1.61
CA ALA D 43 11.98 -13.35 2.40
C ALA D 43 13.42 -12.81 2.44
N ALA D 44 13.88 -12.15 1.39
CA ALA D 44 15.27 -11.64 1.23
C ALA D 44 15.43 -10.29 1.96
N ILE D 45 14.36 -9.64 2.40
CA ILE D 45 14.46 -8.34 3.12
C ILE D 45 15.05 -8.62 4.50
N ASP D 46 16.14 -7.91 4.79
CA ASP D 46 16.90 -8.00 6.05
C ASP D 46 16.26 -7.11 7.13
N GLY D 47 15.67 -7.76 8.14
CA GLY D 47 14.98 -7.11 9.27
C GLY D 47 15.92 -6.94 10.44
N SER D 48 17.20 -7.29 10.27
CA SER D 48 18.31 -7.05 11.21
C SER D 48 18.40 -5.55 11.49
N PHE D 49 18.80 -5.21 12.73
CA PHE D 49 18.99 -3.81 13.16
C PHE D 49 20.11 -3.76 14.20
N THR D 50 20.62 -2.54 14.35
CA THR D 50 21.59 -2.13 15.37
C THR D 50 20.90 -1.09 16.22
N THR D 51 21.06 -1.16 17.54
CA THR D 51 20.41 -0.22 18.49
C THR D 51 21.42 0.17 19.57
N GLY D 52 21.42 1.45 19.95
CA GLY D 52 22.20 2.01 21.07
C GLY D 52 21.39 1.99 22.35
N THR D 53 20.13 1.58 22.30
CA THR D 53 19.24 1.46 23.49
C THR D 53 18.42 0.17 23.42
N VAL D 54 17.99 -0.32 24.58
CA VAL D 54 16.99 -1.39 24.74
C VAL D 54 15.99 -0.94 25.80
N PHE D 55 14.78 -1.48 25.75
CA PHE D 55 13.76 -1.31 26.80
C PHE D 55 13.97 -2.43 27.82
N GLN D 56 14.43 -2.06 29.01
CA GLN D 56 14.65 -2.98 30.15
C GLN D 56 13.32 -3.22 30.85
N VAL D 57 13.01 -4.49 31.15
CA VAL D 57 11.77 -4.87 31.87
C VAL D 57 12.14 -5.25 33.31
N ALA D 58 11.65 -4.50 34.29
CA ALA D 58 11.72 -4.83 35.73
C ALA D 58 10.41 -5.52 36.13
N VAL D 59 10.51 -6.75 36.60
CA VAL D 59 9.36 -7.57 37.10
C VAL D 59 9.28 -7.38 38.61
N ALA D 60 8.17 -6.84 39.12
CA ALA D 60 7.78 -6.83 40.55
C ALA D 60 6.62 -7.82 40.74
N PRO D 61 6.35 -8.27 41.99
CA PRO D 61 5.15 -9.07 42.28
C PRO D 61 3.84 -8.37 41.89
N ASP D 62 3.84 -7.03 41.85
CA ASP D 62 2.65 -6.16 41.66
C ASP D 62 2.72 -5.35 40.36
N GLY D 63 3.64 -5.68 39.43
CA GLY D 63 3.63 -5.01 38.11
C GLY D 63 4.94 -5.07 37.36
N PHE D 64 5.04 -4.22 36.34
CA PHE D 64 6.12 -4.24 35.31
C PHE D 64 6.47 -2.80 34.99
N THR D 65 7.77 -2.50 34.95
CA THR D 65 8.30 -1.18 34.50
C THR D 65 9.10 -1.42 33.21
N LEU D 66 8.85 -0.58 32.21
CA LEU D 66 9.65 -0.46 30.97
C LEU D 66 10.48 0.81 31.08
N ARG D 67 11.81 0.69 31.01
CA ARG D 67 12.75 1.82 31.10
C ARG D 67 13.78 1.68 29.97
N GLU D 68 13.83 2.65 29.07
CA GLU D 68 14.84 2.67 27.98
C GLU D 68 16.22 2.92 28.60
N VAL D 69 17.21 2.15 28.16
CA VAL D 69 18.57 2.08 28.75
C VAL D 69 19.58 2.01 27.61
N ALA D 70 20.70 2.73 27.72
CA ALA D 70 21.79 2.76 26.73
C ALA D 70 22.57 1.44 26.82
N VAL D 71 23.06 0.96 25.69
CA VAL D 71 24.01 -0.19 25.57
C VAL D 71 25.14 0.26 24.65
N ASP D 72 26.38 -0.09 24.96
CA ASP D 72 27.58 0.44 24.24
C ASP D 72 28.66 -0.63 24.36
N PRO D 73 29.17 -1.23 23.26
CA PRO D 73 28.80 -0.84 21.90
C PRO D 73 27.37 -1.24 21.53
N PRO D 74 26.83 -0.68 20.42
CA PRO D 74 25.51 -1.01 19.94
C PRO D 74 25.23 -2.52 19.85
N LEU D 75 24.02 -2.92 20.29
CA LEU D 75 23.50 -4.32 20.16
C LEU D 75 23.08 -4.55 18.70
N VAL D 76 23.51 -5.68 18.14
CA VAL D 76 23.14 -6.14 16.77
C VAL D 76 22.20 -7.33 16.95
N LYS D 77 21.00 -7.23 16.35
CA LYS D 77 19.93 -8.25 16.46
C LYS D 77 19.64 -8.77 15.05
N VAL D 78 19.88 -10.06 14.83
CA VAL D 78 19.44 -10.79 13.60
C VAL D 78 18.29 -11.70 14.03
N PHE D 79 17.26 -11.84 13.18
CA PHE D 79 16.04 -12.64 13.47
C PHE D 79 16.26 -14.06 12.97
N PRO D 80 15.86 -15.09 13.75
CA PRO D 80 16.00 -16.49 13.35
C PRO D 80 15.37 -16.83 12.00
N ASP D 92 -7.74 -16.68 5.67
CA ASP D 92 -7.29 -16.45 4.26
C ASP D 92 -7.79 -15.08 3.78
N GLY D 93 -9.12 -14.87 3.78
CA GLY D 93 -9.75 -13.56 3.61
C GLY D 93 -9.39 -12.59 4.73
N ASP D 94 -8.86 -13.08 5.86
CA ASP D 94 -8.52 -12.29 7.07
C ASP D 94 -7.00 -12.13 7.21
N ARG D 95 -6.20 -12.56 6.24
CA ARG D 95 -4.74 -12.32 6.16
C ARG D 95 -4.45 -11.49 4.91
N ARG D 96 -3.48 -10.58 5.00
CA ARG D 96 -3.04 -9.78 3.83
C ARG D 96 -1.59 -9.34 4.02
N THR D 97 -0.83 -9.33 2.92
CA THR D 97 0.54 -8.81 2.86
C THR D 97 0.57 -7.63 1.88
N TYR D 98 1.09 -6.50 2.35
CA TYR D 98 1.36 -5.31 1.52
C TYR D 98 2.87 -5.20 1.31
N VAL D 99 3.23 -4.59 0.20
CA VAL D 99 4.61 -4.41 -0.28
C VAL D 99 4.77 -2.92 -0.59
N ALA D 100 5.89 -2.34 -0.17
CA ALA D 100 6.35 -1.01 -0.58
C ALA D 100 7.31 -1.21 -1.74
N VAL D 101 7.18 -0.39 -2.78
CA VAL D 101 7.84 -0.60 -4.10
C VAL D 101 8.49 0.71 -4.49
N GLY D 102 9.76 0.68 -4.92
CA GLY D 102 10.49 1.84 -5.48
C GLY D 102 10.03 2.15 -6.90
N ALA D 103 10.44 3.27 -7.47
CA ALA D 103 10.03 3.76 -8.81
C ALA D 103 10.23 2.67 -9.88
N GLY D 104 11.29 1.87 -9.77
CA GLY D 104 11.61 0.79 -10.72
C GLY D 104 10.93 -0.53 -10.40
N GLY D 105 10.05 -0.58 -9.40
CA GLY D 105 9.23 -1.77 -9.10
C GLY D 105 9.85 -2.72 -8.10
N ALA D 106 11.01 -2.41 -7.54
CA ALA D 106 11.70 -3.30 -6.56
C ALA D 106 11.05 -3.16 -5.16
N VAL D 107 10.75 -4.29 -4.51
CA VAL D 107 10.21 -4.34 -3.12
C VAL D 107 11.26 -3.76 -2.14
N ALA D 108 10.95 -2.66 -1.46
CA ALA D 108 11.81 -2.00 -0.44
C ALA D 108 11.33 -2.32 0.98
N GLY D 109 10.15 -2.89 1.15
CA GLY D 109 9.55 -3.18 2.47
C GLY D 109 8.24 -3.94 2.38
N PHE D 110 7.72 -4.45 3.47
CA PHE D 110 6.44 -5.21 3.49
C PHE D 110 5.84 -5.20 4.89
N THR D 111 4.54 -5.48 4.95
CA THR D 111 3.79 -5.74 6.20
C THR D 111 2.82 -6.89 5.95
N ALA D 112 2.82 -7.87 6.86
CA ALA D 112 1.85 -8.97 6.92
C ALA D 112 0.90 -8.67 8.08
N VAL D 113 -0.41 -8.72 7.84
CA VAL D 113 -1.45 -8.37 8.83
C VAL D 113 -2.48 -9.51 8.87
N SER D 114 -3.13 -9.69 10.00
CA SER D 114 -4.17 -10.72 10.20
C SER D 114 -5.26 -10.16 11.09
N TYR D 115 -6.51 -10.40 10.71
CA TYR D 115 -7.71 -9.92 11.44
C TYR D 115 -8.31 -11.10 12.22
N THR D 116 -8.63 -10.86 13.50
CA THR D 116 -9.40 -11.80 14.36
C THR D 116 -10.71 -11.14 14.71
N PRO D 117 -11.84 -11.57 14.10
CA PRO D 117 -13.15 -10.96 14.35
C PRO D 117 -13.57 -11.02 15.83
N TRP D 118 -13.17 -12.07 16.55
CA TRP D 118 -13.52 -12.31 17.96
C TRP D 118 -13.34 -11.02 18.79
N ASN D 119 -12.21 -10.33 18.68
CA ASN D 119 -11.91 -9.09 19.47
C ASN D 119 -11.66 -7.89 18.55
N GLY D 120 -11.98 -8.00 17.25
CA GLY D 120 -11.78 -6.93 16.26
C GLY D 120 -10.33 -6.45 16.20
N ARG D 121 -9.38 -7.36 16.35
CA ARG D 121 -7.93 -7.04 16.41
C ARG D 121 -7.32 -7.21 15.02
N LEU D 122 -6.75 -6.14 14.46
CA LEU D 122 -5.79 -6.27 13.35
C LEU D 122 -4.38 -6.36 13.93
N THR D 123 -3.78 -7.55 13.83
CA THR D 123 -2.40 -7.84 14.27
C THR D 123 -1.46 -7.45 13.12
N ILE D 124 -0.48 -6.59 13.39
CA ILE D 124 0.68 -6.42 12.47
C ILE D 124 1.66 -7.56 12.81
N GLU D 125 1.60 -8.65 12.04
CA GLU D 125 2.39 -9.88 12.30
C GLU D 125 3.87 -9.60 12.01
N ASP D 126 4.15 -8.82 10.98
CA ASP D 126 5.52 -8.47 10.57
C ASP D 126 5.47 -7.15 9.79
N ILE D 127 6.48 -6.31 9.98
CA ILE D 127 6.71 -5.08 9.20
C ILE D 127 8.22 -4.89 9.11
N GLU D 128 8.78 -4.90 7.89
CA GLU D 128 10.23 -4.82 7.64
C GLU D 128 10.46 -3.87 6.46
N VAL D 129 11.44 -2.98 6.59
CA VAL D 129 11.97 -2.09 5.54
C VAL D 129 13.42 -2.50 5.28
N ALA D 130 13.81 -2.68 4.02
CA ALA D 130 15.20 -2.98 3.61
C ALA D 130 16.13 -1.92 4.19
N PRO D 131 17.32 -2.29 4.72
CA PRO D 131 18.21 -1.35 5.41
C PRO D 131 18.50 -0.03 4.68
N GLY D 132 18.76 -0.07 3.37
CA GLY D 132 19.11 1.14 2.60
C GLY D 132 17.93 2.07 2.33
N HIS D 133 16.70 1.65 2.69
CA HIS D 133 15.46 2.39 2.37
C HIS D 133 14.78 2.88 3.65
N ARG D 134 15.45 2.79 4.81
CA ARG D 134 14.87 3.17 6.12
C ARG D 134 14.83 4.70 6.24
N GLY D 135 13.94 5.23 7.07
CA GLY D 135 13.80 6.68 7.36
C GLY D 135 13.24 7.48 6.20
N ARG D 136 12.48 6.87 5.29
CA ARG D 136 11.90 7.54 4.10
C ARG D 136 10.37 7.46 4.10
N GLY D 137 9.74 7.12 5.21
CA GLY D 137 8.27 7.09 5.36
C GLY D 137 7.63 5.79 4.87
N ILE D 138 8.42 4.75 4.56
CA ILE D 138 7.89 3.44 4.10
C ILE D 138 7.11 2.78 5.26
N GLY D 139 7.66 2.81 6.47
CA GLY D 139 7.02 2.24 7.67
C GLY D 139 5.64 2.82 7.89
N ARG D 140 5.52 4.15 7.86
CA ARG D 140 4.23 4.89 8.00
C ARG D 140 3.28 4.41 6.90
N GLY D 141 3.75 4.38 5.65
CA GLY D 141 2.94 3.99 4.49
C GLY D 141 2.44 2.57 4.59
N LEU D 142 3.25 1.63 5.07
CA LEU D 142 2.82 0.23 5.27
C LEU D 142 1.78 0.16 6.39
N MET D 143 1.98 0.93 7.46
CA MET D 143 1.03 0.99 8.61
C MET D 143 -0.30 1.62 8.16
N GLU D 144 -0.26 2.59 7.24
CA GLU D 144 -1.49 3.21 6.66
C GLU D 144 -2.26 2.13 5.86
N ARG D 145 -1.56 1.23 5.18
CA ARG D 145 -2.22 0.11 4.45
C ARG D 145 -2.82 -0.86 5.46
N ALA D 146 -2.14 -1.09 6.59
CA ALA D 146 -2.67 -1.93 7.69
C ALA D 146 -3.96 -1.30 8.21
N ALA D 147 -3.96 0.01 8.45
CA ALA D 147 -5.15 0.76 8.92
C ALA D 147 -6.29 0.65 7.89
N ASP D 148 -5.98 0.68 6.60
CA ASP D 148 -6.99 0.51 5.51
C ASP D 148 -7.65 -0.87 5.64
N PHE D 149 -6.86 -1.93 5.78
CA PHE D 149 -7.38 -3.31 5.92
C PHE D 149 -8.22 -3.40 7.19
N ALA D 150 -7.78 -2.76 8.28
CA ALA D 150 -8.51 -2.69 9.55
C ALA D 150 -9.92 -2.11 9.31
N ARG D 151 -10.01 -0.92 8.70
CA ARG D 151 -11.29 -0.23 8.42
C ARG D 151 -12.16 -1.11 7.50
N GLU D 152 -11.55 -1.75 6.49
CA GLU D 152 -12.25 -2.66 5.55
C GLU D 152 -12.90 -3.82 6.32
N ARG D 153 -12.25 -4.34 7.36
CA ARG D 153 -12.73 -5.52 8.13
C ARG D 153 -13.57 -5.09 9.33
N GLY D 154 -13.61 -3.79 9.65
CA GLY D 154 -14.33 -3.24 10.81
C GLY D 154 -13.62 -3.51 12.12
N ALA D 155 -12.29 -3.53 12.12
CA ALA D 155 -11.44 -3.74 13.32
C ALA D 155 -11.65 -2.59 14.32
N GLY D 156 -11.52 -2.88 15.61
CA GLY D 156 -11.54 -1.86 16.68
C GLY D 156 -10.16 -1.34 17.03
N HIS D 157 -9.12 -2.15 16.82
CA HIS D 157 -7.72 -1.75 17.20
C HIS D 157 -6.67 -2.50 16.38
N LEU D 158 -5.53 -1.83 16.22
CA LEU D 158 -4.28 -2.40 15.69
C LEU D 158 -3.46 -2.88 16.91
N TRP D 159 -2.73 -3.97 16.74
CA TRP D 159 -1.94 -4.62 17.80
C TRP D 159 -0.68 -5.24 17.20
N LEU D 160 0.43 -5.17 17.93
CA LEU D 160 1.70 -5.83 17.49
C LEU D 160 2.49 -6.27 18.71
N GLU D 161 3.33 -7.27 18.48
CA GLU D 161 4.38 -7.78 19.37
C GLU D 161 5.71 -7.21 18.88
N VAL D 162 6.55 -6.74 19.81
CA VAL D 162 7.92 -6.29 19.48
C VAL D 162 8.82 -6.67 20.66
N THR D 163 9.97 -7.26 20.35
CA THR D 163 11.00 -7.60 21.36
C THR D 163 11.47 -6.30 22.03
N ASN D 164 11.75 -6.38 23.32
CA ASN D 164 12.20 -5.25 24.17
C ASN D 164 13.51 -4.65 23.64
N VAL D 165 14.33 -5.42 22.94
CA VAL D 165 15.64 -4.94 22.41
C VAL D 165 15.44 -4.08 21.15
N ASN D 166 14.25 -4.11 20.53
CA ASN D 166 14.00 -3.37 19.25
C ASN D 166 13.51 -1.96 19.55
N ALA D 167 14.36 -1.14 20.19
CA ALA D 167 14.08 0.28 20.51
C ALA D 167 13.76 1.08 19.25
N PRO D 168 14.48 0.91 18.11
CA PRO D 168 14.15 1.65 16.89
C PRO D 168 12.69 1.44 16.45
N ALA D 169 12.22 0.18 16.37
CA ALA D 169 10.83 -0.12 15.96
C ALA D 169 9.87 0.45 17.01
N ILE D 170 10.18 0.31 18.30
CA ILE D 170 9.31 0.81 19.40
C ILE D 170 9.11 2.32 19.22
N HIS D 171 10.19 3.07 19.00
CA HIS D 171 10.15 4.54 18.79
C HIS D 171 9.32 4.89 17.56
N ALA D 172 9.49 4.16 16.46
CA ALA D 172 8.69 4.34 15.22
C ALA D 172 7.21 4.10 15.55
N TYR D 173 6.88 3.04 16.30
CA TYR D 173 5.47 2.69 16.63
C TYR D 173 4.88 3.79 17.53
N LEU D 174 5.64 4.28 18.52
CA LEU D 174 5.20 5.39 19.41
C LEU D 174 4.84 6.61 18.56
N ARG D 175 5.68 6.97 17.59
CA ARG D 175 5.46 8.14 16.69
C ARG D 175 4.18 7.93 15.88
N LEU D 176 3.89 6.70 15.46
CA LEU D 176 2.69 6.38 14.65
C LEU D 176 1.42 6.35 15.52
N GLY D 177 1.54 6.41 16.84
CA GLY D 177 0.39 6.50 17.77
C GLY D 177 0.15 5.23 18.59
N PHE D 178 0.98 4.20 18.45
CA PHE D 178 0.90 2.99 19.30
C PHE D 178 1.34 3.33 20.73
N THR D 179 0.72 2.71 21.72
CA THR D 179 1.15 2.72 23.14
C THR D 179 1.22 1.29 23.65
N PHE D 180 2.06 1.05 24.66
CA PHE D 180 2.19 -0.24 25.37
C PHE D 180 0.83 -0.63 25.98
N CYS D 181 0.33 -1.80 25.61
CA CYS D 181 -0.92 -2.40 26.16
C CYS D 181 -0.58 -3.67 26.96
N GLY D 182 0.70 -4.10 26.98
CA GLY D 182 1.08 -5.28 27.75
C GLY D 182 2.46 -5.81 27.40
N LEU D 183 2.72 -7.05 27.84
CA LEU D 183 3.98 -7.78 27.61
C LEU D 183 3.81 -9.22 28.06
N ASP D 184 4.76 -10.07 27.70
CA ASP D 184 4.88 -11.47 28.18
C ASP D 184 6.37 -11.75 28.34
N THR D 185 6.86 -11.73 29.57
CA THR D 185 8.30 -11.92 29.92
C THR D 185 8.71 -13.38 29.70
N ALA D 186 7.74 -14.29 29.54
CA ALA D 186 8.02 -15.74 29.42
C ALA D 186 7.99 -16.19 27.96
N LEU D 187 7.60 -15.35 27.01
CA LEU D 187 7.28 -15.83 25.63
C LEU D 187 8.51 -16.42 24.95
N TYR D 188 9.70 -15.86 25.19
CA TYR D 188 10.93 -16.23 24.43
C TYR D 188 11.76 -17.27 25.19
N LEU D 189 11.30 -17.74 26.35
CA LEU D 189 11.96 -18.87 27.09
C LEU D 189 12.11 -20.07 26.14
N GLY D 190 13.27 -20.71 26.15
CA GLY D 190 13.57 -21.89 25.32
C GLY D 190 13.71 -21.58 23.84
N THR D 191 13.82 -20.31 23.44
CA THR D 191 14.05 -19.88 22.02
C THR D 191 15.45 -19.27 21.88
N GLU D 192 15.86 -18.99 20.65
CA GLU D 192 17.11 -18.25 20.32
C GLU D 192 17.08 -16.85 20.95
N SER D 193 15.89 -16.31 21.28
CA SER D 193 15.72 -14.93 21.80
C SER D 193 15.57 -14.92 23.32
N GLU D 194 15.82 -16.04 24.00
CA GLU D 194 15.73 -16.12 25.48
C GLU D 194 16.59 -15.00 26.09
N GLY D 195 16.09 -14.32 27.12
CA GLY D 195 16.69 -13.10 27.70
C GLY D 195 16.01 -11.84 27.21
N GLU D 196 15.29 -11.93 26.08
CA GLU D 196 14.39 -10.84 25.59
C GLU D 196 12.98 -11.05 26.14
N GLN D 197 12.18 -10.00 26.17
CA GLN D 197 10.75 -10.01 26.57
C GLN D 197 9.91 -9.51 25.39
N ALA D 198 8.75 -10.14 25.18
CA ALA D 198 7.76 -9.72 24.19
C ALA D 198 6.98 -8.53 24.77
N LEU D 199 7.04 -7.37 24.10
CA LEU D 199 6.23 -6.19 24.48
C LEU D 199 5.06 -6.10 23.49
N TYR D 200 3.90 -5.69 23.98
CA TYR D 200 2.65 -5.58 23.19
C TYR D 200 2.27 -4.10 23.10
N MET D 201 1.90 -3.66 21.90
CA MET D 201 1.48 -2.27 21.62
C MET D 201 0.20 -2.28 20.81
N SER D 202 -0.67 -1.29 21.03
CA SER D 202 -1.97 -1.16 20.35
C SER D 202 -2.28 0.31 20.07
N MET D 203 -3.20 0.54 19.14
CA MET D 203 -3.86 1.85 18.97
C MET D 203 -5.26 1.62 18.45
N PRO D 204 -6.23 2.49 18.79
CA PRO D 204 -7.57 2.42 18.23
C PRO D 204 -7.51 2.64 16.70
N CYS D 205 -8.44 2.04 15.97
CA CYS D 205 -8.63 2.26 14.51
C CYS D 205 -9.33 3.60 14.23
N THR E 28 2.09 -22.97 -12.93
CA THR E 28 3.00 -23.18 -14.11
C THR E 28 3.68 -21.85 -14.50
N TYR E 29 3.01 -20.69 -14.36
CA TYR E 29 3.57 -19.39 -14.82
C TYR E 29 3.81 -18.44 -13.65
N ALA E 30 4.94 -17.73 -13.72
CA ALA E 30 5.32 -16.63 -12.83
C ALA E 30 5.36 -15.32 -13.64
N PHE E 31 5.27 -14.21 -12.94
CA PHE E 31 5.26 -12.84 -13.50
C PHE E 31 6.34 -12.01 -12.80
N ARG E 32 6.99 -11.15 -13.58
CA ARG E 32 7.98 -10.20 -13.04
C ARG E 32 8.16 -9.05 -14.03
N VAL E 33 8.82 -7.99 -13.57
CA VAL E 33 9.28 -6.86 -14.42
C VAL E 33 10.30 -7.45 -15.39
N ALA E 34 10.25 -7.07 -16.66
CA ALA E 34 11.20 -7.47 -17.71
C ALA E 34 12.60 -6.98 -17.34
N ARG E 35 13.62 -7.74 -17.76
CA ARG E 35 15.04 -7.36 -17.70
C ARG E 35 15.54 -7.14 -19.14
N PRO E 36 16.65 -6.39 -19.32
CA PRO E 36 17.29 -6.26 -20.63
C PRO E 36 17.46 -7.57 -21.42
N GLU E 37 17.72 -8.70 -20.74
CA GLU E 37 17.93 -10.03 -21.39
C GLU E 37 16.62 -10.59 -21.96
N ASP E 38 15.47 -10.04 -21.58
CA ASP E 38 14.12 -10.52 -22.01
C ASP E 38 13.78 -9.93 -23.39
N VAL E 39 14.46 -8.84 -23.79
CA VAL E 39 14.09 -7.98 -24.95
C VAL E 39 13.93 -8.84 -26.21
N GLU E 40 14.83 -9.80 -26.43
CA GLU E 40 14.85 -10.68 -27.63
C GLU E 40 13.61 -11.57 -27.63
N ALA E 41 13.31 -12.23 -26.49
CA ALA E 41 12.15 -13.13 -26.35
C ALA E 41 10.84 -12.35 -26.52
N ILE E 42 10.79 -11.11 -26.03
CA ILE E 42 9.57 -10.24 -26.11
C ILE E 42 9.30 -9.88 -27.58
N ALA E 43 10.34 -9.45 -28.31
CA ALA E 43 10.26 -9.06 -29.73
C ALA E 43 9.83 -10.25 -30.59
N ALA E 44 10.23 -11.47 -30.20
CA ALA E 44 9.96 -12.72 -30.94
C ALA E 44 8.54 -13.24 -30.69
N ILE E 45 7.81 -12.73 -29.68
CA ILE E 45 6.43 -13.21 -29.41
C ILE E 45 5.49 -12.72 -30.51
N ASP E 46 4.85 -13.66 -31.20
CA ASP E 46 4.06 -13.39 -32.44
C ASP E 46 2.60 -13.29 -32.01
N GLY E 47 2.00 -12.11 -32.13
CA GLY E 47 0.57 -11.90 -31.84
C GLY E 47 -0.35 -12.06 -33.03
N SER E 48 0.15 -12.53 -34.16
CA SER E 48 -0.62 -12.78 -35.43
C SER E 48 -1.79 -13.72 -35.14
N PHE E 49 -2.92 -13.54 -35.80
CA PHE E 49 -4.18 -14.28 -35.51
C PHE E 49 -5.04 -14.39 -36.76
N THR E 50 -5.95 -15.35 -36.71
CA THR E 50 -7.09 -15.56 -37.64
C THR E 50 -8.35 -15.35 -36.80
N THR E 51 -9.34 -14.64 -37.35
CA THR E 51 -10.61 -14.32 -36.64
C THR E 51 -11.77 -14.54 -37.62
N GLY E 52 -12.86 -15.12 -37.10
CA GLY E 52 -14.12 -15.31 -37.84
C GLY E 52 -15.06 -14.12 -37.66
N THR E 53 -14.68 -13.14 -36.82
CA THR E 53 -15.45 -11.89 -36.64
C THR E 53 -14.52 -10.68 -36.63
N VAL E 54 -15.08 -9.53 -37.01
CA VAL E 54 -14.44 -8.19 -36.88
C VAL E 54 -15.50 -7.25 -36.32
N PHE E 55 -15.05 -6.16 -35.70
CA PHE E 55 -15.92 -5.03 -35.31
C PHE E 55 -15.95 -4.06 -36.50
N GLN E 56 -17.11 -3.97 -37.14
CA GLN E 56 -17.35 -3.05 -38.27
C GLN E 56 -17.67 -1.67 -37.72
N VAL E 57 -17.04 -0.63 -38.29
CA VAL E 57 -17.29 0.78 -37.89
C VAL E 57 -18.13 1.46 -38.98
N ALA E 58 -19.33 1.90 -38.64
CA ALA E 58 -20.19 2.75 -39.49
C ALA E 58 -19.99 4.21 -39.08
N VAL E 59 -19.50 5.04 -40.00
CA VAL E 59 -19.29 6.51 -39.79
C VAL E 59 -20.54 7.25 -40.29
N ALA E 60 -21.22 7.98 -39.40
CA ALA E 60 -22.27 8.98 -39.73
C ALA E 60 -21.70 10.38 -39.47
N PRO E 61 -22.31 11.45 -40.05
CA PRO E 61 -21.91 12.83 -39.71
C PRO E 61 -22.03 13.15 -38.21
N ASP E 62 -22.90 12.43 -37.49
CA ASP E 62 -23.28 12.69 -36.07
C ASP E 62 -22.88 11.53 -35.15
N GLY E 63 -22.03 10.59 -35.60
CA GLY E 63 -21.53 9.55 -34.68
C GLY E 63 -20.97 8.31 -35.36
N PHE E 64 -20.76 7.27 -34.55
CA PHE E 64 -20.02 6.04 -34.90
C PHE E 64 -20.73 4.85 -34.27
N THR E 65 -20.92 3.79 -35.04
CA THR E 65 -21.57 2.53 -34.59
C THR E 65 -20.52 1.41 -34.71
N LEU E 66 -20.36 0.62 -33.65
CA LEU E 66 -19.52 -0.61 -33.63
C LEU E 66 -20.47 -1.79 -33.63
N ARG E 67 -20.35 -2.67 -34.63
CA ARG E 67 -21.19 -3.88 -34.78
C ARG E 67 -20.27 -5.05 -35.09
N GLU E 68 -20.26 -6.08 -34.24
CA GLU E 68 -19.48 -7.32 -34.50
C GLU E 68 -20.18 -8.06 -35.64
N VAL E 69 -19.38 -8.53 -36.61
CA VAL E 69 -19.86 -9.08 -37.89
C VAL E 69 -18.98 -10.29 -38.19
N ALA E 70 -19.62 -11.35 -38.68
CA ALA E 70 -18.95 -12.59 -39.15
C ALA E 70 -18.27 -12.30 -40.48
N VAL E 71 -17.10 -12.89 -40.70
CA VAL E 71 -16.36 -12.80 -41.98
C VAL E 71 -16.04 -14.24 -42.38
N ASP E 72 -16.19 -14.53 -43.67
CA ASP E 72 -15.94 -15.87 -44.27
C ASP E 72 -15.40 -15.63 -45.68
N PRO E 73 -14.17 -16.09 -46.01
CA PRO E 73 -13.33 -16.87 -45.09
C PRO E 73 -12.75 -16.03 -43.93
N PRO E 74 -12.21 -16.67 -42.88
CA PRO E 74 -11.62 -15.95 -41.75
C PRO E 74 -10.62 -14.87 -42.18
N LEU E 75 -10.62 -13.73 -41.50
CA LEU E 75 -9.61 -12.66 -41.68
C LEU E 75 -8.30 -13.04 -40.99
N VAL E 76 -7.19 -12.89 -41.68
CA VAL E 76 -5.80 -13.10 -41.19
C VAL E 76 -5.18 -11.73 -40.95
N LYS E 77 -4.66 -11.53 -39.75
CA LYS E 77 -3.94 -10.30 -39.35
C LYS E 77 -2.50 -10.73 -39.02
N VAL E 78 -1.53 -10.28 -39.80
CA VAL E 78 -0.08 -10.39 -39.43
C VAL E 78 0.36 -8.98 -39.09
N PHE E 79 0.99 -8.82 -37.91
CA PHE E 79 1.32 -7.49 -37.36
C PHE E 79 2.60 -6.96 -38.00
N PRO E 80 2.57 -5.69 -38.46
CA PRO E 80 3.69 -5.11 -39.20
C PRO E 80 4.94 -5.04 -38.31
N GLU E 81 6.12 -5.05 -38.90
CA GLU E 81 7.39 -4.91 -38.13
C GLU E 81 7.49 -3.50 -37.54
N ASP E 82 7.01 -2.47 -38.27
CA ASP E 82 6.92 -1.06 -37.79
C ASP E 82 5.50 -0.79 -37.25
N ASP E 83 5.39 -0.62 -35.92
CA ASP E 83 4.13 -0.26 -35.22
C ASP E 83 4.06 1.28 -35.11
N GLY E 84 5.15 1.97 -35.42
CA GLY E 84 5.22 3.43 -35.59
C GLY E 84 5.70 4.17 -34.34
N SER E 85 6.44 3.51 -33.45
CA SER E 85 6.85 4.03 -32.11
C SER E 85 8.35 4.39 -32.11
N GLY E 93 9.37 8.20 -21.14
CA GLY E 93 8.39 8.55 -20.08
C GLY E 93 8.45 7.60 -18.87
N ASP E 94 7.30 7.33 -18.28
CA ASP E 94 7.06 6.39 -17.15
C ASP E 94 6.53 5.04 -17.72
N ARG E 95 7.47 4.23 -18.18
CA ARG E 95 7.22 3.00 -18.96
C ARG E 95 7.72 1.78 -18.19
N ARG E 96 6.98 0.68 -18.27
CA ARG E 96 7.37 -0.62 -17.66
C ARG E 96 6.85 -1.75 -18.55
N THR E 97 7.63 -2.83 -18.62
CA THR E 97 7.26 -4.11 -19.28
C THR E 97 7.21 -5.21 -18.23
N TYR E 98 6.13 -5.97 -18.19
CA TYR E 98 6.02 -7.21 -17.38
C TYR E 98 6.06 -8.40 -18.34
N VAL E 99 6.58 -9.49 -17.81
CA VAL E 99 6.84 -10.74 -18.54
C VAL E 99 6.18 -11.88 -17.75
N ALA E 100 5.48 -12.78 -18.43
CA ALA E 100 5.04 -14.07 -17.90
C ALA E 100 6.10 -15.11 -18.30
N VAL E 101 6.50 -15.95 -17.36
CA VAL E 101 7.68 -16.86 -17.49
C VAL E 101 7.23 -18.27 -17.11
N GLY E 102 7.53 -19.26 -17.98
CA GLY E 102 7.28 -20.69 -17.72
C GLY E 102 8.31 -21.26 -16.76
N ALA E 103 8.10 -22.49 -16.29
CA ALA E 103 8.95 -23.19 -15.31
C ALA E 103 10.42 -23.20 -15.74
N GLY E 104 10.69 -23.31 -17.05
CA GLY E 104 12.05 -23.33 -17.61
C GLY E 104 12.66 -21.95 -17.83
N GLY E 105 11.93 -20.87 -17.50
CA GLY E 105 12.43 -19.49 -17.61
C GLY E 105 12.12 -18.83 -18.95
N ALA E 106 11.40 -19.50 -19.84
CA ALA E 106 11.03 -18.96 -21.17
C ALA E 106 9.88 -17.95 -21.03
N VAL E 107 10.02 -16.77 -21.65
CA VAL E 107 8.96 -15.74 -21.72
C VAL E 107 7.80 -16.30 -22.56
N ALA E 108 6.61 -16.44 -21.95
CA ALA E 108 5.37 -16.95 -22.57
C ALA E 108 4.41 -15.81 -22.95
N GLY E 109 4.65 -14.60 -22.43
CA GLY E 109 3.81 -13.43 -22.71
C GLY E 109 4.39 -12.19 -22.09
N PHE E 110 3.85 -11.02 -22.44
CA PHE E 110 4.33 -9.72 -21.91
C PHE E 110 3.23 -8.67 -22.02
N THR E 111 3.38 -7.62 -21.22
CA THR E 111 2.60 -6.36 -21.36
C THR E 111 3.56 -5.18 -21.16
N ALA E 112 3.48 -4.21 -22.06
CA ALA E 112 4.20 -2.93 -22.00
C ALA E 112 3.16 -1.87 -21.63
N VAL E 113 3.43 -1.09 -20.58
CA VAL E 113 2.48 -0.10 -20.01
C VAL E 113 3.22 1.23 -19.87
N SER E 114 2.50 2.33 -19.90
CA SER E 114 3.06 3.69 -19.78
C SER E 114 2.07 4.54 -18.97
N TYR E 115 2.60 5.33 -18.03
CA TYR E 115 1.79 6.24 -17.20
C TYR E 115 1.95 7.69 -17.69
N THR E 116 0.85 8.40 -17.88
CA THR E 116 0.85 9.87 -18.13
C THR E 116 0.18 10.54 -16.95
N PRO E 117 0.96 11.23 -16.07
CA PRO E 117 0.41 11.88 -14.89
C PRO E 117 -0.65 12.95 -15.22
N TRP E 118 -0.54 13.63 -16.36
CA TRP E 118 -1.45 14.72 -16.78
C TRP E 118 -2.91 14.30 -16.59
N ASN E 119 -3.32 13.11 -17.06
CA ASN E 119 -4.72 12.63 -16.98
C ASN E 119 -4.81 11.33 -16.18
N GLY E 120 -3.75 10.94 -15.45
CA GLY E 120 -3.72 9.71 -14.64
C GLY E 120 -4.04 8.47 -15.46
N ARG E 121 -3.58 8.42 -16.70
CA ARG E 121 -3.89 7.32 -17.66
C ARG E 121 -2.76 6.29 -17.61
N LEU E 122 -3.11 5.05 -17.26
CA LEU E 122 -2.21 3.90 -17.54
C LEU E 122 -2.61 3.34 -18.91
N THR E 123 -1.76 3.53 -19.90
CA THR E 123 -1.93 2.98 -21.27
C THR E 123 -1.36 1.55 -21.28
N ILE E 124 -2.16 0.57 -21.68
CA ILE E 124 -1.62 -0.77 -22.07
C ILE E 124 -1.16 -0.64 -23.51
N GLU E 125 0.12 -0.39 -23.73
CA GLU E 125 0.72 -0.13 -25.07
C GLU E 125 0.69 -1.41 -25.90
N ASP E 126 0.93 -2.56 -25.26
CA ASP E 126 0.94 -3.89 -25.92
C ASP E 126 0.71 -4.96 -24.85
N ILE E 127 0.01 -6.03 -25.21
CA ILE E 127 -0.17 -7.24 -24.39
C ILE E 127 -0.28 -8.43 -25.35
N GLU E 128 0.61 -9.41 -25.22
CA GLU E 128 0.71 -10.57 -26.13
C GLU E 128 1.01 -11.81 -25.29
N VAL E 129 0.32 -12.92 -25.58
CA VAL E 129 0.63 -14.28 -25.08
C VAL E 129 1.05 -15.13 -26.29
N ALA E 130 2.19 -15.81 -26.20
CA ALA E 130 2.69 -16.74 -27.24
C ALA E 130 1.60 -17.75 -27.57
N PRO E 131 1.37 -18.08 -28.86
CA PRO E 131 0.26 -18.97 -29.24
C PRO E 131 0.17 -20.31 -28.49
N GLY E 132 1.29 -20.98 -28.20
CA GLY E 132 1.30 -22.28 -27.50
C GLY E 132 0.97 -22.18 -26.01
N HIS E 133 0.88 -20.96 -25.46
CA HIS E 133 0.68 -20.74 -24.01
C HIS E 133 -0.65 -20.06 -23.73
N ARG E 134 -1.55 -20.01 -24.72
CA ARG E 134 -2.87 -19.34 -24.61
C ARG E 134 -3.83 -20.23 -23.80
N GLY E 135 -4.87 -19.64 -23.22
CA GLY E 135 -5.93 -20.35 -22.48
C GLY E 135 -5.48 -20.84 -21.12
N ARG E 136 -4.41 -20.26 -20.55
CA ARG E 136 -3.83 -20.66 -19.23
C ARG E 136 -3.89 -19.49 -18.24
N GLY E 137 -4.59 -18.41 -18.55
CA GLY E 137 -4.83 -17.26 -17.66
C GLY E 137 -3.71 -16.23 -17.65
N ILE E 138 -2.77 -16.32 -18.59
CA ILE E 138 -1.58 -15.42 -18.65
C ILE E 138 -2.05 -13.98 -18.95
N GLY E 139 -2.99 -13.81 -19.88
CA GLY E 139 -3.56 -12.50 -20.26
C GLY E 139 -4.09 -11.74 -19.05
N ARG E 140 -4.92 -12.41 -18.25
CA ARG E 140 -5.51 -11.84 -17.01
C ARG E 140 -4.36 -11.45 -16.06
N GLY E 141 -3.40 -12.36 -15.87
CA GLY E 141 -2.22 -12.17 -15.02
C GLY E 141 -1.40 -10.94 -15.43
N LEU E 142 -1.18 -10.74 -16.73
CA LEU E 142 -0.43 -9.57 -17.23
C LEU E 142 -1.26 -8.30 -16.99
N MET E 143 -2.57 -8.36 -17.18
CA MET E 143 -3.47 -7.19 -16.94
C MET E 143 -3.50 -6.85 -15.43
N GLU E 144 -3.41 -7.86 -14.56
CA GLU E 144 -3.31 -7.66 -13.09
C GLU E 144 -2.01 -6.92 -12.75
N ARG E 145 -0.91 -7.21 -13.47
CA ARG E 145 0.37 -6.49 -13.27
C ARG E 145 0.23 -5.05 -13.79
N ALA E 146 -0.52 -4.84 -14.87
CA ALA E 146 -0.84 -3.48 -15.38
C ALA E 146 -1.61 -2.70 -14.30
N ALA E 147 -2.61 -3.33 -13.70
CA ALA E 147 -3.41 -2.73 -12.60
C ALA E 147 -2.51 -2.39 -11.40
N ASP E 148 -1.53 -3.24 -11.09
CA ASP E 148 -0.55 -3.00 -9.99
C ASP E 148 0.25 -1.73 -10.30
N PHE E 149 0.76 -1.57 -11.52
CA PHE E 149 1.55 -0.38 -11.92
C PHE E 149 0.64 0.86 -11.83
N ALA E 150 -0.62 0.72 -12.25
CA ALA E 150 -1.64 1.79 -12.15
C ALA E 150 -1.74 2.26 -10.69
N ARG E 151 -2.02 1.34 -9.76
CA ARG E 151 -2.19 1.64 -8.31
C ARG E 151 -0.89 2.26 -7.76
N GLU E 152 0.27 1.74 -8.16
CA GLU E 152 1.59 2.22 -7.72
C GLU E 152 1.75 3.69 -8.11
N ARG E 153 1.26 4.08 -9.30
CA ARG E 153 1.47 5.46 -9.84
C ARG E 153 0.28 6.36 -9.48
N GLY E 154 -0.79 5.81 -8.91
CA GLY E 154 -2.02 6.56 -8.58
C GLY E 154 -2.84 6.92 -9.81
N ALA E 155 -2.86 6.05 -10.82
CA ALA E 155 -3.65 6.21 -12.07
C ALA E 155 -5.14 6.21 -11.75
N GLY E 156 -5.93 6.95 -12.52
CA GLY E 156 -7.40 7.00 -12.40
C GLY E 156 -8.09 6.05 -13.37
N HIS E 157 -7.43 5.67 -14.46
CA HIS E 157 -8.04 4.74 -15.46
C HIS E 157 -6.95 4.01 -16.26
N LEU E 158 -7.32 2.81 -16.72
CA LEU E 158 -6.58 2.02 -17.72
C LEU E 158 -7.18 2.37 -19.08
N TRP E 159 -6.34 2.38 -20.11
CA TRP E 159 -6.71 2.75 -21.49
C TRP E 159 -5.88 1.94 -22.48
N LEU E 160 -6.48 1.53 -23.60
CA LEU E 160 -5.75 0.84 -24.68
C LEU E 160 -6.36 1.15 -26.03
N GLU E 161 -5.53 1.01 -27.05
CA GLU E 161 -5.86 1.04 -28.49
C GLU E 161 -5.92 -0.42 -28.98
N VAL E 162 -6.93 -0.75 -29.76
CA VAL E 162 -7.03 -2.08 -30.41
C VAL E 162 -7.68 -1.89 -31.78
N THR E 163 -7.10 -2.49 -32.80
CA THR E 163 -7.64 -2.46 -34.18
C THR E 163 -9.01 -3.14 -34.17
N ASN E 164 -9.93 -2.62 -34.97
CA ASN E 164 -11.33 -3.11 -35.09
C ASN E 164 -11.34 -4.59 -35.55
N VAL E 165 -10.33 -5.06 -36.26
CA VAL E 165 -10.30 -6.47 -36.80
C VAL E 165 -9.90 -7.45 -35.68
N ASN E 166 -9.38 -6.97 -34.55
CA ASN E 166 -8.94 -7.85 -33.44
C ASN E 166 -10.10 -8.09 -32.47
N ALA E 167 -11.14 -8.75 -32.96
CA ALA E 167 -12.34 -9.18 -32.17
C ALA E 167 -11.93 -10.03 -30.97
N PRO E 168 -11.00 -11.00 -31.10
CA PRO E 168 -10.57 -11.78 -29.94
C PRO E 168 -10.05 -10.92 -28.78
N ALA E 169 -9.14 -9.99 -29.05
CA ALA E 169 -8.58 -9.09 -28.00
C ALA E 169 -9.71 -8.21 -27.43
N ILE E 170 -10.58 -7.69 -28.28
CA ILE E 170 -11.72 -6.82 -27.85
C ILE E 170 -12.58 -7.60 -26.85
N HIS E 171 -12.95 -8.84 -27.16
CA HIS E 171 -13.77 -9.72 -26.28
C HIS E 171 -13.05 -9.99 -24.96
N ALA E 172 -11.74 -10.25 -25.00
CA ALA E 172 -10.93 -10.45 -23.78
C ALA E 172 -10.98 -9.17 -22.93
N TYR E 173 -10.84 -7.99 -23.55
CA TYR E 173 -10.84 -6.71 -22.82
C TYR E 173 -12.22 -6.46 -22.19
N LEU E 174 -13.29 -6.72 -22.94
CA LEU E 174 -14.69 -6.60 -22.44
C LEU E 174 -14.86 -7.47 -21.18
N ARG E 175 -14.38 -8.71 -21.21
CA ARG E 175 -14.49 -9.65 -20.07
C ARG E 175 -13.72 -9.09 -18.86
N LEU E 176 -12.58 -8.44 -19.09
CA LEU E 176 -11.73 -7.88 -18.00
C LEU E 176 -12.33 -6.58 -17.46
N GLY E 177 -13.39 -6.02 -18.09
CA GLY E 177 -14.13 -4.86 -17.57
C GLY E 177 -13.94 -3.59 -18.39
N PHE E 178 -13.15 -3.63 -19.47
CA PHE E 178 -12.98 -2.47 -20.40
C PHE E 178 -14.28 -2.24 -21.16
N THR E 179 -14.60 -0.98 -21.45
CA THR E 179 -15.68 -0.54 -22.37
C THR E 179 -15.09 0.43 -23.39
N PHE E 180 -15.71 0.52 -24.57
CA PHE E 180 -15.34 1.49 -25.62
C PHE E 180 -15.50 2.92 -25.07
N CYS E 181 -14.43 3.70 -25.14
CA CYS E 181 -14.41 5.14 -24.78
C CYS E 181 -14.17 6.00 -26.03
N GLY E 182 -13.93 5.38 -27.19
CA GLY E 182 -13.83 6.12 -28.46
C GLY E 182 -13.12 5.35 -29.55
N LEU E 183 -12.61 6.07 -30.54
CA LEU E 183 -11.96 5.50 -31.76
C LEU E 183 -11.32 6.65 -32.53
N ASP E 184 -10.49 6.29 -33.52
CA ASP E 184 -9.92 7.22 -34.52
C ASP E 184 -9.87 6.46 -35.84
N THR E 185 -10.80 6.77 -36.75
CA THR E 185 -10.95 6.07 -38.06
C THR E 185 -9.80 6.51 -38.99
N ALA E 186 -9.06 7.57 -38.65
CA ALA E 186 -7.99 8.12 -39.52
C ALA E 186 -6.60 7.64 -39.07
N LEU E 187 -6.47 6.95 -37.95
CA LEU E 187 -5.13 6.70 -37.33
C LEU E 187 -4.26 5.85 -38.28
N TYR E 188 -4.86 4.89 -39.00
CA TYR E 188 -4.10 3.88 -39.77
C TYR E 188 -3.96 4.30 -41.25
N LEU E 189 -4.45 5.47 -41.64
CA LEU E 189 -4.25 6.03 -43.01
C LEU E 189 -2.75 6.08 -43.30
N GLY E 190 -2.33 5.64 -44.50
CA GLY E 190 -0.92 5.66 -44.94
C GLY E 190 -0.06 4.64 -44.23
N THR E 191 -0.64 3.66 -43.52
CA THR E 191 0.10 2.54 -42.86
C THR E 191 -0.26 1.22 -43.55
N GLU E 192 0.46 0.16 -43.20
CA GLU E 192 0.16 -1.24 -43.63
C GLU E 192 -1.24 -1.65 -43.17
N SER E 193 -1.81 -0.99 -42.15
CA SER E 193 -3.14 -1.36 -41.56
C SER E 193 -4.27 -0.48 -42.11
N GLU E 194 -4.00 0.33 -43.14
CA GLU E 194 -5.05 1.19 -43.77
C GLU E 194 -6.27 0.32 -44.11
N GLY E 195 -7.47 0.82 -43.85
CA GLY E 195 -8.74 0.07 -43.96
C GLY E 195 -9.21 -0.44 -42.60
N GLU E 196 -8.32 -0.50 -41.60
CA GLU E 196 -8.68 -0.77 -40.18
C GLU E 196 -8.92 0.56 -39.47
N GLN E 197 -9.64 0.51 -38.35
CA GLN E 197 -9.90 1.68 -37.47
C GLN E 197 -9.33 1.37 -36.08
N ALA E 198 -8.72 2.36 -35.45
CA ALA E 198 -8.23 2.28 -34.05
C ALA E 198 -9.43 2.45 -33.13
N LEU E 199 -9.72 1.45 -32.31
CA LEU E 199 -10.76 1.54 -31.26
C LEU E 199 -10.07 1.76 -29.92
N TYR E 200 -10.68 2.57 -29.07
CA TYR E 200 -10.15 2.95 -27.74
C TYR E 200 -11.06 2.36 -26.67
N MET E 201 -10.46 1.76 -25.65
CA MET E 201 -11.18 1.14 -24.51
C MET E 201 -10.54 1.60 -23.21
N SER E 202 -11.35 1.75 -22.17
CA SER E 202 -10.90 2.21 -20.83
C SER E 202 -11.66 1.47 -19.74
N MET E 203 -11.12 1.48 -18.54
CA MET E 203 -11.87 1.13 -17.32
C MET E 203 -11.30 1.94 -16.17
N PRO E 204 -12.14 2.33 -15.19
CA PRO E 204 -11.65 3.01 -13.99
C PRO E 204 -10.74 2.07 -13.18
N CYS E 205 -9.75 2.63 -12.50
CA CYS E 205 -8.91 1.95 -11.50
C CYS E 205 -9.58 2.21 -10.16
N THR F 28 -6.77 43.18 -42.50
CA THR F 28 -5.68 42.44 -43.20
C THR F 28 -4.50 42.22 -42.23
N TYR F 29 -4.08 40.96 -42.10
CA TYR F 29 -3.06 40.43 -41.18
C TYR F 29 -1.96 39.80 -42.02
N ALA F 30 -0.73 39.71 -41.48
CA ALA F 30 0.39 38.97 -42.10
C ALA F 30 0.63 37.65 -41.34
N PHE F 31 1.22 36.68 -42.02
CA PHE F 31 1.54 35.34 -41.48
C PHE F 31 3.01 35.05 -41.71
N ARG F 32 3.64 34.37 -40.76
CA ARG F 32 5.04 33.90 -40.88
C ARG F 32 5.28 32.78 -39.87
N VAL F 33 6.39 32.08 -40.04
CA VAL F 33 6.90 31.09 -39.06
C VAL F 33 7.25 31.89 -37.80
N ALA F 34 6.90 31.37 -36.63
CA ALA F 34 7.22 31.97 -35.31
C ALA F 34 8.75 32.01 -35.14
N ARG F 35 9.23 33.03 -34.42
CA ARG F 35 10.66 33.21 -34.03
C ARG F 35 10.74 33.07 -32.50
N PRO F 36 11.94 32.77 -31.94
CA PRO F 36 12.10 32.66 -30.49
C PRO F 36 11.49 33.81 -29.66
N GLU F 37 11.53 35.05 -30.18
CA GLU F 37 11.01 36.25 -29.46
C GLU F 37 9.47 36.27 -29.45
N ASP F 38 8.82 35.42 -30.24
CA ASP F 38 7.33 35.34 -30.30
C ASP F 38 6.79 34.48 -29.15
N VAL F 39 7.63 33.67 -28.52
CA VAL F 39 7.22 32.63 -27.51
C VAL F 39 6.38 33.29 -26.40
N GLU F 40 6.77 34.49 -25.95
CA GLU F 40 6.08 35.22 -24.86
C GLU F 40 4.68 35.64 -25.32
N ALA F 41 4.57 36.23 -26.51
CA ALA F 41 3.28 36.71 -27.10
C ALA F 41 2.35 35.52 -27.35
N ILE F 42 2.88 34.36 -27.76
CA ILE F 42 2.10 33.13 -28.06
C ILE F 42 1.49 32.59 -26.75
N ALA F 43 2.30 32.48 -25.70
CA ALA F 43 1.88 32.01 -24.36
C ALA F 43 0.80 32.94 -23.78
N ALA F 44 0.87 34.23 -24.08
CA ALA F 44 -0.04 35.29 -23.56
C ALA F 44 -1.37 35.33 -24.33
N ILE F 45 -1.47 34.65 -25.48
CA ILE F 45 -2.74 34.65 -26.26
C ILE F 45 -3.80 33.84 -25.50
N ASP F 46 -4.93 34.49 -25.26
CA ASP F 46 -6.09 33.97 -24.51
C ASP F 46 -7.00 33.20 -25.46
N GLY F 47 -7.12 31.88 -25.25
CA GLY F 47 -7.94 30.95 -26.04
C GLY F 47 -9.36 30.83 -25.47
N SER F 48 -9.65 31.53 -24.37
CA SER F 48 -10.94 31.50 -23.63
C SER F 48 -12.08 31.85 -24.58
N PHE F 49 -13.26 31.27 -24.37
CA PHE F 49 -14.47 31.55 -25.19
C PHE F 49 -15.74 31.35 -24.35
N THR F 50 -16.84 31.90 -24.86
CA THR F 50 -18.23 31.74 -24.36
C THR F 50 -19.01 31.06 -25.48
N THR F 51 -19.88 30.10 -25.15
CA THR F 51 -20.71 29.37 -26.14
C THR F 51 -22.12 29.19 -25.58
N GLY F 52 -23.13 29.32 -26.45
CA GLY F 52 -24.54 29.02 -26.11
C GLY F 52 -24.91 27.60 -26.50
N THR F 53 -23.97 26.86 -27.11
CA THR F 53 -24.17 25.44 -27.49
C THR F 53 -22.93 24.62 -27.13
N VAL F 54 -23.14 23.32 -26.91
CA VAL F 54 -22.06 22.30 -26.76
C VAL F 54 -22.46 21.11 -27.63
N PHE F 55 -21.46 20.33 -28.05
CA PHE F 55 -21.69 19.01 -28.69
C PHE F 55 -21.76 17.98 -27.58
N GLN F 56 -22.97 17.45 -27.37
CA GLN F 56 -23.26 16.44 -26.32
C GLN F 56 -22.89 15.07 -26.88
N VAL F 57 -22.18 14.28 -26.08
CA VAL F 57 -21.75 12.90 -26.46
C VAL F 57 -22.64 11.92 -25.69
N ALA F 58 -23.43 11.11 -26.41
CA ALA F 58 -24.21 9.98 -25.85
C ALA F 58 -23.41 8.70 -26.08
N VAL F 59 -23.01 8.04 -24.99
CA VAL F 59 -22.21 6.79 -24.99
C VAL F 59 -23.19 5.62 -24.92
N ALA F 60 -23.19 4.75 -25.93
CA ALA F 60 -23.84 3.43 -25.93
C ALA F 60 -22.77 2.35 -25.87
N PRO F 61 -23.10 1.10 -25.46
CA PRO F 61 -22.16 -0.02 -25.55
C PRO F 61 -21.61 -0.26 -26.97
N ASP F 62 -22.36 0.14 -28.00
CA ASP F 62 -22.10 -0.14 -29.43
C ASP F 62 -21.83 1.16 -30.23
N GLY F 63 -21.60 2.30 -29.58
CA GLY F 63 -21.18 3.51 -30.32
C GLY F 63 -21.43 4.82 -29.60
N PHE F 64 -21.33 5.91 -30.35
CA PHE F 64 -21.26 7.30 -29.84
C PHE F 64 -22.07 8.19 -30.78
N THR F 65 -22.92 9.06 -30.22
CA THR F 65 -23.70 10.06 -30.97
C THR F 65 -23.24 11.45 -30.53
N LEU F 66 -22.98 12.33 -31.50
CA LEU F 66 -22.70 13.77 -31.29
C LEU F 66 -23.95 14.56 -31.69
N ARG F 67 -24.49 15.34 -30.76
CA ARG F 67 -25.69 16.19 -30.99
C ARG F 67 -25.41 17.57 -30.42
N GLU F 68 -25.46 18.62 -31.24
CA GLU F 68 -25.34 20.02 -30.76
C GLU F 68 -26.59 20.37 -29.94
N VAL F 69 -26.39 20.97 -28.78
CA VAL F 69 -27.42 21.17 -27.73
C VAL F 69 -27.19 22.56 -27.13
N ALA F 70 -28.27 23.30 -26.83
CA ALA F 70 -28.23 24.62 -26.19
C ALA F 70 -27.84 24.45 -24.71
N VAL F 71 -27.09 25.40 -24.18
CA VAL F 71 -26.79 25.50 -22.72
C VAL F 71 -27.18 26.91 -22.28
N ASP F 72 -27.77 26.99 -21.07
CA ASP F 72 -28.24 28.23 -20.44
C ASP F 72 -28.02 28.08 -18.94
N PRO F 73 -27.20 28.93 -18.27
CA PRO F 73 -26.57 30.09 -18.90
C PRO F 73 -25.48 29.71 -19.90
N PRO F 74 -25.05 30.63 -20.80
CA PRO F 74 -23.92 30.36 -21.71
C PRO F 74 -22.68 29.86 -20.96
N LEU F 75 -22.01 28.85 -21.50
CA LEU F 75 -20.82 28.22 -20.86
C LEU F 75 -19.61 29.08 -21.17
N VAL F 76 -18.81 29.37 -20.14
CA VAL F 76 -17.52 30.10 -20.25
C VAL F 76 -16.41 29.06 -20.00
N LYS F 77 -15.49 28.94 -20.95
CA LYS F 77 -14.38 27.97 -20.90
C LYS F 77 -13.07 28.76 -20.88
N VAL F 78 -12.30 28.61 -19.79
CA VAL F 78 -10.89 29.10 -19.69
C VAL F 78 -9.99 27.87 -19.74
N PHE F 79 -8.87 27.95 -20.44
CA PHE F 79 -7.94 26.80 -20.65
C PHE F 79 -6.88 26.80 -19.56
N ASP F 94 8.79 16.70 -35.55
CA ASP F 94 8.69 17.44 -36.84
C ASP F 94 7.60 18.54 -36.72
N ARG F 95 8.01 19.62 -36.07
CA ARG F 95 7.14 20.65 -35.44
C ARG F 95 7.37 22.01 -36.10
N ARG F 96 6.31 22.81 -36.19
CA ARG F 96 6.38 24.21 -36.66
C ARG F 96 5.23 25.01 -36.02
N THR F 97 5.50 26.27 -35.71
CA THR F 97 4.51 27.24 -35.22
C THR F 97 4.42 28.39 -36.23
N TYR F 98 3.22 28.73 -36.66
CA TYR F 98 2.93 29.94 -37.47
C TYR F 98 2.21 30.96 -36.60
N VAL F 99 2.46 32.22 -36.93
CA VAL F 99 1.98 33.39 -36.16
C VAL F 99 1.26 34.30 -37.15
N ALA F 100 0.08 34.79 -36.78
CA ALA F 100 -0.62 35.90 -37.46
C ALA F 100 -0.22 37.20 -36.75
N VAL F 101 0.08 38.23 -37.52
CA VAL F 101 0.69 39.50 -37.00
C VAL F 101 -0.13 40.68 -37.51
N GLY F 102 -0.58 41.53 -36.59
CA GLY F 102 -1.30 42.78 -36.92
C GLY F 102 -0.32 43.86 -37.34
N ALA F 103 -0.90 45.02 -37.71
CA ALA F 103 -0.22 46.18 -38.31
C ALA F 103 0.98 46.60 -37.47
N GLY F 104 0.89 46.54 -36.14
CA GLY F 104 1.95 47.00 -35.23
C GLY F 104 2.98 45.94 -34.93
N GLY F 105 2.87 44.73 -35.54
CA GLY F 105 3.83 43.63 -35.33
C GLY F 105 3.45 42.73 -34.16
N ALA F 106 2.31 42.96 -33.51
CA ALA F 106 1.78 42.18 -32.39
C ALA F 106 1.17 40.88 -32.94
N VAL F 107 1.53 39.76 -32.30
CA VAL F 107 0.95 38.41 -32.58
C VAL F 107 -0.54 38.44 -32.21
N ALA F 108 -1.43 38.24 -33.18
CA ALA F 108 -2.92 38.22 -33.00
C ALA F 108 -3.44 36.77 -32.96
N GLY F 109 -2.62 35.80 -33.36
CA GLY F 109 -3.00 34.38 -33.35
C GLY F 109 -1.84 33.48 -33.73
N PHE F 110 -2.00 32.18 -33.54
CA PHE F 110 -0.93 31.20 -33.84
C PHE F 110 -1.54 29.83 -34.07
N THR F 111 -0.78 29.00 -34.75
CA THR F 111 -1.05 27.55 -34.89
C THR F 111 0.28 26.81 -34.74
N ALA F 112 0.26 25.78 -33.90
CA ALA F 112 1.37 24.83 -33.68
C ALA F 112 0.95 23.53 -34.37
N VAL F 113 1.81 23.01 -35.25
CA VAL F 113 1.51 21.82 -36.09
C VAL F 113 2.67 20.83 -35.93
N SER F 114 2.40 19.55 -36.09
CA SER F 114 3.41 18.47 -35.99
C SER F 114 3.09 17.43 -37.04
N TYR F 115 4.13 16.96 -37.73
CA TYR F 115 4.01 15.91 -38.77
C TYR F 115 4.50 14.59 -38.21
N THR F 116 3.71 13.53 -38.39
CA THR F 116 4.13 12.13 -38.08
C THR F 116 4.18 11.38 -39.41
N PRO F 117 5.39 11.07 -39.94
CA PRO F 117 5.52 10.35 -41.20
C PRO F 117 4.84 8.96 -41.18
N TRP F 118 4.82 8.30 -40.02
CA TRP F 118 4.25 6.94 -39.84
C TRP F 118 2.87 6.84 -40.53
N ASN F 119 1.96 7.79 -40.30
CA ASN F 119 0.58 7.76 -40.89
C ASN F 119 0.32 9.01 -41.76
N GLY F 120 1.37 9.76 -42.10
CA GLY F 120 1.26 11.00 -42.92
C GLY F 120 0.28 12.01 -42.33
N ARG F 121 0.24 12.12 -40.99
CA ARG F 121 -0.74 12.98 -40.27
C ARG F 121 -0.08 14.31 -39.96
N LEU F 122 -0.66 15.40 -40.46
CA LEU F 122 -0.40 16.73 -39.91
C LEU F 122 -1.41 17.03 -38.81
N THR F 123 -0.93 17.03 -37.56
CA THR F 123 -1.75 17.37 -36.37
C THR F 123 -1.72 18.88 -36.20
N ILE F 124 -2.89 19.51 -36.13
CA ILE F 124 -3.01 20.90 -35.61
C ILE F 124 -3.06 20.77 -34.08
N GLU F 125 -1.92 20.94 -33.43
CA GLU F 125 -1.76 20.73 -31.96
C GLU F 125 -2.50 21.83 -31.20
N ASP F 126 -2.43 23.05 -31.73
CA ASP F 126 -3.10 24.22 -31.13
C ASP F 126 -3.36 25.24 -32.24
N ILE F 127 -4.49 25.92 -32.15
CA ILE F 127 -4.82 27.11 -33.01
C ILE F 127 -5.64 28.06 -32.15
N GLU F 128 -5.11 29.27 -31.92
CA GLU F 128 -5.73 30.29 -31.05
C GLU F 128 -5.63 31.64 -31.73
N VAL F 129 -6.74 32.37 -31.72
CA VAL F 129 -6.83 33.80 -32.14
C VAL F 129 -7.17 34.63 -30.91
N ALA F 130 -6.44 35.70 -30.65
CA ALA F 130 -6.72 36.68 -29.56
C ALA F 130 -8.17 37.15 -29.67
N PRO F 131 -8.89 37.27 -28.54
CA PRO F 131 -10.33 37.58 -28.55
C PRO F 131 -10.77 38.77 -29.43
N GLY F 132 -10.05 39.88 -29.40
CA GLY F 132 -10.42 41.09 -30.15
C GLY F 132 -10.14 40.98 -31.65
N HIS F 133 -9.52 39.90 -32.11
CA HIS F 133 -9.10 39.71 -33.53
C HIS F 133 -9.86 38.55 -34.18
N ARG F 134 -10.90 38.03 -33.52
CA ARG F 134 -11.67 36.86 -34.01
C ARG F 134 -12.62 37.33 -35.14
N GLY F 135 -13.03 36.41 -36.01
CA GLY F 135 -14.00 36.66 -37.09
C GLY F 135 -13.43 37.51 -38.22
N ARG F 136 -12.12 37.53 -38.41
CA ARG F 136 -11.43 38.35 -39.46
C ARG F 136 -10.65 37.48 -40.45
N GLY F 137 -10.87 36.16 -40.42
CA GLY F 137 -10.21 35.19 -41.32
C GLY F 137 -8.82 34.79 -40.87
N ILE F 138 -8.40 35.10 -39.65
CA ILE F 138 -7.07 34.67 -39.10
C ILE F 138 -7.04 33.15 -38.98
N GLY F 139 -8.11 32.53 -38.46
CA GLY F 139 -8.22 31.08 -38.30
C GLY F 139 -8.01 30.35 -39.62
N ARG F 140 -8.71 30.78 -40.67
CA ARG F 140 -8.60 30.21 -42.04
C ARG F 140 -7.14 30.37 -42.51
N GLY F 141 -6.58 31.56 -42.35
CA GLY F 141 -5.20 31.88 -42.74
C GLY F 141 -4.16 31.00 -42.04
N LEU F 142 -4.34 30.76 -40.74
CA LEU F 142 -3.43 29.86 -39.97
C LEU F 142 -3.60 28.42 -40.47
N MET F 143 -4.82 27.99 -40.78
CA MET F 143 -5.12 26.63 -41.29
C MET F 143 -4.54 26.47 -42.70
N GLU F 144 -4.51 27.54 -43.51
CA GLU F 144 -3.87 27.54 -44.85
C GLU F 144 -2.36 27.33 -44.68
N ARG F 145 -1.75 27.91 -43.65
CA ARG F 145 -0.31 27.71 -43.36
C ARG F 145 -0.08 26.26 -42.90
N ALA F 146 -1.01 25.69 -42.14
CA ALA F 146 -0.96 24.27 -41.73
C ALA F 146 -1.01 23.39 -42.98
N ALA F 147 -1.92 23.68 -43.91
CA ALA F 147 -2.05 22.95 -45.20
C ALA F 147 -0.75 23.06 -46.01
N ASP F 148 -0.09 24.23 -45.99
CA ASP F 148 1.21 24.45 -46.67
C ASP F 148 2.26 23.50 -46.08
N PHE F 149 2.37 23.43 -44.76
CA PHE F 149 3.34 22.55 -44.06
C PHE F 149 3.01 21.09 -44.41
N ALA F 150 1.73 20.74 -44.46
CA ALA F 150 1.25 19.40 -44.84
C ALA F 150 1.80 19.04 -46.23
N ARG F 151 1.55 19.90 -47.23
CA ARG F 151 1.99 19.67 -48.64
C ARG F 151 3.52 19.61 -48.68
N GLU F 152 4.21 20.45 -47.93
CA GLU F 152 5.69 20.49 -47.87
C GLU F 152 6.21 19.13 -47.37
N ARG F 153 5.53 18.49 -46.42
CA ARG F 153 5.99 17.22 -45.78
C ARG F 153 5.39 16.00 -46.50
N GLY F 154 4.45 16.21 -47.43
CA GLY F 154 3.75 15.13 -48.15
C GLY F 154 2.74 14.40 -47.28
N ALA F 155 2.07 15.10 -46.37
CA ALA F 155 1.02 14.56 -45.47
C ALA F 155 -0.16 14.06 -46.29
N GLY F 156 -0.86 13.04 -45.81
CA GLY F 156 -2.11 12.52 -46.42
C GLY F 156 -3.35 13.15 -45.81
N HIS F 157 -3.29 13.63 -44.56
CA HIS F 157 -4.47 14.22 -43.88
C HIS F 157 -4.06 15.20 -42.79
N LEU F 158 -4.94 16.17 -42.54
CA LEU F 158 -4.91 17.07 -41.37
C LEU F 158 -5.80 16.44 -40.29
N TRP F 159 -5.42 16.61 -39.04
CA TRP F 159 -6.11 16.03 -37.86
C TRP F 159 -6.00 17.00 -36.68
N LEU F 160 -7.07 17.10 -35.89
CA LEU F 160 -7.05 17.91 -34.65
C LEU F 160 -7.96 17.30 -33.60
N GLU F 161 -7.65 17.65 -32.35
CA GLU F 161 -8.46 17.40 -31.14
C GLU F 161 -9.18 18.70 -30.78
N VAL F 162 -10.45 18.61 -30.42
CA VAL F 162 -11.21 19.78 -29.90
C VAL F 162 -12.18 19.26 -28.84
N THR F 163 -12.26 19.95 -27.70
CA THR F 163 -13.20 19.62 -26.61
C THR F 163 -14.63 19.78 -27.14
N ASN F 164 -15.52 18.91 -26.70
CA ASN F 164 -16.95 18.86 -27.12
C ASN F 164 -17.65 20.19 -26.79
N VAL F 165 -17.19 20.93 -25.79
CA VAL F 165 -17.85 22.21 -25.36
C VAL F 165 -17.48 23.35 -26.32
N ASN F 166 -16.46 23.17 -27.17
CA ASN F 166 -15.98 24.24 -28.07
C ASN F 166 -16.74 24.19 -29.40
N ALA F 167 -18.06 24.44 -29.34
CA ALA F 167 -18.96 24.51 -30.51
C ALA F 167 -18.48 25.56 -31.51
N PRO F 168 -18.05 26.76 -31.09
CA PRO F 168 -17.54 27.75 -32.04
C PRO F 168 -16.39 27.22 -32.91
N ALA F 169 -15.36 26.62 -32.30
CA ALA F 169 -14.21 26.06 -33.04
C ALA F 169 -14.70 24.91 -33.93
N ILE F 170 -15.58 24.05 -33.42
CA ILE F 170 -16.10 22.89 -34.19
C ILE F 170 -16.78 23.40 -35.47
N HIS F 171 -17.64 24.43 -35.36
CA HIS F 171 -18.35 25.04 -36.52
C HIS F 171 -17.35 25.64 -37.51
N ALA F 172 -16.31 26.33 -37.03
CA ALA F 172 -15.23 26.88 -37.87
C ALA F 172 -14.55 25.72 -38.61
N TYR F 173 -14.23 24.63 -37.92
CA TYR F 173 -13.51 23.48 -38.53
C TYR F 173 -14.40 22.81 -39.59
N LEU F 174 -15.70 22.63 -39.30
CA LEU F 174 -16.68 22.08 -40.27
C LEU F 174 -16.67 22.93 -41.54
N ARG F 175 -16.70 24.26 -41.41
CA ARG F 175 -16.72 25.19 -42.57
C ARG F 175 -15.43 25.05 -43.37
N LEU F 176 -14.29 24.81 -42.71
CA LEU F 176 -12.97 24.65 -43.39
C LEU F 176 -12.86 23.27 -44.05
N GLY F 177 -13.79 22.34 -43.82
CA GLY F 177 -13.83 21.03 -44.50
C GLY F 177 -13.51 19.84 -43.59
N PHE F 178 -13.23 20.06 -42.31
CA PHE F 178 -13.00 18.96 -41.34
C PHE F 178 -14.32 18.23 -41.06
N THR F 179 -14.25 16.92 -40.85
CA THR F 179 -15.38 16.07 -40.35
C THR F 179 -14.89 15.25 -39.16
N PHE F 180 -15.80 14.84 -38.29
CA PHE F 180 -15.52 13.96 -37.13
C PHE F 180 -14.97 12.62 -37.62
N CYS F 181 -13.78 12.24 -37.16
CA CYS F 181 -13.15 10.93 -37.42
C CYS F 181 -13.06 10.11 -36.13
N GLY F 182 -13.47 10.67 -34.98
CA GLY F 182 -13.49 9.91 -33.71
C GLY F 182 -13.61 10.78 -32.48
N LEU F 183 -13.28 10.21 -31.32
CA LEU F 183 -13.33 10.87 -30.01
C LEU F 183 -12.65 9.99 -28.97
N ASP F 184 -12.39 10.54 -27.79
CA ASP F 184 -11.92 9.79 -26.59
C ASP F 184 -12.61 10.43 -25.38
N THR F 185 -13.63 9.74 -24.85
CA THR F 185 -14.47 10.22 -23.72
C THR F 185 -13.65 10.16 -22.42
N ALA F 186 -12.50 9.48 -22.41
CA ALA F 186 -11.69 9.27 -21.19
C ALA F 186 -10.50 10.23 -21.13
N LEU F 187 -10.24 11.02 -22.17
CA LEU F 187 -8.95 11.75 -22.27
C LEU F 187 -8.82 12.79 -21.13
N TYR F 188 -9.93 13.42 -20.74
CA TYR F 188 -9.89 14.56 -19.79
C TYR F 188 -10.15 14.10 -18.34
N LEU F 189 -10.31 12.80 -18.09
CA LEU F 189 -10.41 12.25 -16.71
C LEU F 189 -9.20 12.72 -15.90
N GLY F 190 -9.43 13.16 -14.67
CA GLY F 190 -8.36 13.60 -13.74
C GLY F 190 -7.71 14.92 -14.14
N THR F 191 -8.31 15.68 -15.08
CA THR F 191 -7.84 17.03 -15.49
C THR F 191 -8.87 18.09 -15.06
N GLU F 192 -8.51 19.37 -15.20
CA GLU F 192 -9.42 20.52 -14.97
C GLU F 192 -10.63 20.43 -15.92
N SER F 193 -10.52 19.70 -17.03
CA SER F 193 -11.58 19.62 -18.07
C SER F 193 -12.43 18.35 -17.92
N GLU F 194 -12.28 17.61 -16.82
CA GLU F 194 -13.11 16.40 -16.55
C GLU F 194 -14.59 16.75 -16.71
N GLY F 195 -15.37 15.87 -17.36
CA GLY F 195 -16.75 16.12 -17.76
C GLY F 195 -16.86 16.51 -19.23
N GLU F 196 -15.75 16.97 -19.84
CA GLU F 196 -15.67 17.21 -21.30
C GLU F 196 -15.14 15.94 -21.98
N GLN F 197 -15.38 15.82 -23.29
CA GLN F 197 -14.86 14.72 -24.14
C GLN F 197 -14.00 15.32 -25.25
N ALA F 198 -12.89 14.66 -25.57
CA ALA F 198 -12.01 15.01 -26.70
C ALA F 198 -12.67 14.50 -27.99
N LEU F 199 -13.00 15.41 -28.91
CA LEU F 199 -13.51 15.04 -30.26
C LEU F 199 -12.35 15.18 -31.25
N TYR F 200 -12.30 14.26 -32.22
CA TYR F 200 -11.24 14.19 -33.24
C TYR F 200 -11.85 14.50 -34.60
N MET F 201 -11.17 15.36 -35.37
CA MET F 201 -11.63 15.80 -36.72
C MET F 201 -10.46 15.69 -37.68
N SER F 202 -10.75 15.36 -38.94
CA SER F 202 -9.72 15.20 -40.00
C SER F 202 -10.27 15.72 -41.32
N MET F 203 -9.36 15.99 -42.25
CA MET F 203 -9.71 16.16 -43.68
C MET F 203 -8.52 15.71 -44.52
N PRO F 204 -8.78 15.14 -45.71
CA PRO F 204 -7.69 14.78 -46.63
C PRO F 204 -6.95 16.04 -47.08
N CYS F 205 -5.65 15.93 -47.35
CA CYS F 205 -4.81 17.04 -47.86
C CYS F 205 -5.05 17.29 -49.35
N THR G 28 -5.45 43.46 -7.51
CA THR G 28 -6.63 42.98 -8.33
C THR G 28 -7.63 44.14 -8.50
N TYR G 29 -8.18 44.30 -9.71
CA TYR G 29 -8.99 45.50 -10.10
C TYR G 29 -10.39 45.06 -10.51
N ALA G 30 -11.37 45.88 -10.13
CA ALA G 30 -12.79 45.76 -10.49
C ALA G 30 -13.22 47.01 -11.27
N PHE G 31 -14.34 46.90 -11.98
CA PHE G 31 -14.87 47.93 -12.91
C PHE G 31 -16.32 48.21 -12.55
N ARG G 32 -16.72 49.48 -12.67
CA ARG G 32 -18.12 49.92 -12.43
C ARG G 32 -18.34 51.25 -13.13
N VAL G 33 -19.61 51.63 -13.25
CA VAL G 33 -20.02 52.97 -13.78
C VAL G 33 -19.51 53.98 -12.76
N ALA G 34 -18.94 55.09 -13.22
CA ALA G 34 -18.47 56.20 -12.37
C ALA G 34 -19.66 56.79 -11.61
N ARG G 35 -19.39 57.29 -10.40
CA ARG G 35 -20.35 58.08 -9.57
C ARG G 35 -19.85 59.52 -9.49
N PRO G 36 -20.73 60.49 -9.17
CA PRO G 36 -20.33 61.90 -9.06
C PRO G 36 -19.06 62.14 -8.23
N GLU G 37 -18.84 61.36 -7.16
CA GLU G 37 -17.67 61.55 -6.25
C GLU G 37 -16.38 61.05 -6.91
N ASP G 38 -16.45 60.33 -8.03
CA ASP G 38 -15.26 59.79 -8.75
C ASP G 38 -14.67 60.90 -9.64
N VAL G 39 -15.43 61.94 -9.96
CA VAL G 39 -15.06 63.02 -10.94
C VAL G 39 -13.71 63.63 -10.54
N GLU G 40 -13.45 63.84 -9.25
CA GLU G 40 -12.18 64.45 -8.74
C GLU G 40 -11.01 63.50 -9.01
N ALA G 41 -11.14 62.21 -8.69
CA ALA G 41 -10.11 61.18 -8.90
C ALA G 41 -9.83 61.01 -10.40
N ILE G 42 -10.85 61.09 -11.25
CA ILE G 42 -10.75 60.93 -12.73
C ILE G 42 -9.93 62.10 -13.31
N ALA G 43 -10.26 63.33 -12.92
CA ALA G 43 -9.57 64.57 -13.35
C ALA G 43 -8.10 64.54 -12.92
N ALA G 44 -7.80 63.93 -11.77
CA ALA G 44 -6.45 63.87 -11.17
C ALA G 44 -5.60 62.76 -11.82
N ILE G 45 -6.19 61.85 -12.60
CA ILE G 45 -5.42 60.75 -13.26
C ILE G 45 -4.54 61.35 -14.35
N ASP G 46 -3.25 61.06 -14.26
CA ASP G 46 -2.19 61.56 -15.15
C ASP G 46 -2.08 60.66 -16.38
N GLY G 47 -2.43 61.19 -17.57
CA GLY G 47 -2.38 60.49 -18.86
C GLY G 47 -1.05 60.69 -19.57
N SER G 48 -0.13 61.42 -18.95
CA SER G 48 1.24 61.69 -19.44
C SER G 48 1.98 60.37 -19.67
N PHE G 49 2.86 60.34 -20.67
CA PHE G 49 3.68 59.16 -21.01
C PHE G 49 5.01 59.60 -21.62
N THR G 50 5.96 58.67 -21.62
CA THR G 50 7.26 58.74 -22.31
C THR G 50 7.26 57.62 -23.35
N THR G 51 7.78 57.88 -24.56
CA THR G 51 7.85 56.88 -25.65
C THR G 51 9.20 56.99 -26.35
N GLY G 52 9.80 55.84 -26.71
CA GLY G 52 11.01 55.76 -27.53
C GLY G 52 10.67 55.61 -29.00
N THR G 53 9.38 55.52 -29.33
CA THR G 53 8.89 55.41 -30.73
C THR G 53 7.67 56.31 -30.95
N VAL G 54 7.48 56.74 -32.19
CA VAL G 54 6.27 57.47 -32.67
C VAL G 54 5.86 56.82 -33.98
N PHE G 55 4.58 56.93 -34.33
CA PHE G 55 4.06 56.56 -35.67
C PHE G 55 4.20 57.79 -36.57
N GLN G 56 5.13 57.71 -37.51
CA GLN G 56 5.43 58.79 -38.47
C GLN G 56 4.41 58.71 -39.61
N VAL G 57 3.85 59.85 -40.00
CA VAL G 57 2.86 59.94 -41.11
C VAL G 57 3.56 60.56 -42.32
N ALA G 58 3.68 59.82 -43.42
CA ALA G 58 4.17 60.31 -44.73
C ALA G 58 2.95 60.64 -45.60
N VAL G 59 2.81 61.90 -45.98
CA VAL G 59 1.70 62.42 -46.82
C VAL G 59 2.16 62.41 -48.29
N ALA G 60 1.47 61.64 -49.14
CA ALA G 60 1.58 61.67 -50.61
C ALA G 60 0.32 62.32 -51.19
N PRO G 61 0.36 62.82 -52.45
CA PRO G 61 -0.85 63.30 -53.11
C PRO G 61 -1.97 62.23 -53.20
N ASP G 62 -1.60 60.95 -53.17
CA ASP G 62 -2.50 59.79 -53.40
C ASP G 62 -2.62 58.90 -52.15
N GLY G 63 -2.17 59.34 -50.98
CA GLY G 63 -2.40 58.55 -49.75
C GLY G 63 -1.47 58.88 -48.59
N PHE G 64 -1.48 58.00 -47.59
CA PHE G 64 -0.84 58.20 -46.26
C PHE G 64 -0.21 56.89 -45.83
N THR G 65 1.02 56.93 -45.34
CA THR G 65 1.76 55.77 -44.80
C THR G 65 2.02 56.02 -43.32
N LEU G 66 1.74 55.03 -42.47
CA LEU G 66 2.07 55.02 -41.02
C LEU G 66 3.24 54.06 -40.84
N ARG G 67 4.35 54.55 -40.28
CA ARG G 67 5.58 53.76 -40.03
C ARG G 67 6.06 54.09 -38.62
N GLU G 68 6.13 53.09 -37.74
CA GLU G 68 6.71 53.27 -36.38
C GLU G 68 8.22 53.52 -36.51
N VAL G 69 8.72 54.52 -35.80
CA VAL G 69 10.08 55.08 -35.95
C VAL G 69 10.60 55.42 -34.56
N ALA G 70 11.89 55.19 -34.30
CA ALA G 70 12.57 55.51 -33.02
C ALA G 70 12.73 57.03 -32.92
N VAL G 71 12.64 57.55 -31.70
CA VAL G 71 12.96 58.97 -31.37
C VAL G 71 13.96 58.95 -30.22
N ASP G 72 14.94 59.86 -30.28
CA ASP G 72 16.04 59.97 -29.29
C ASP G 72 16.42 61.43 -29.19
N PRO G 73 16.29 62.10 -28.02
CA PRO G 73 15.90 61.45 -26.76
C PRO G 73 14.44 61.00 -26.74
N PRO G 74 14.04 60.12 -25.80
CA PRO G 74 12.63 59.71 -25.66
C PRO G 74 11.69 60.93 -25.57
N LEU G 75 10.56 60.88 -26.27
CA LEU G 75 9.56 61.96 -26.29
C LEU G 75 8.70 61.87 -25.03
N VAL G 76 8.53 63.00 -24.35
CA VAL G 76 7.65 63.12 -23.15
C VAL G 76 6.44 63.94 -23.58
N LYS G 77 5.24 63.38 -23.40
CA LYS G 77 3.97 64.00 -23.83
C LYS G 77 3.12 64.23 -22.57
N VAL G 78 2.86 65.49 -22.25
CA VAL G 78 1.89 65.91 -21.21
C VAL G 78 0.72 66.54 -22.00
N PHE G 79 -0.52 66.29 -21.57
CA PHE G 79 -1.74 66.66 -22.33
C PHE G 79 -2.23 68.03 -21.84
N ASP G 94 -26.68 57.91 -23.64
CA ASP G 94 -25.73 57.72 -24.78
C ASP G 94 -24.31 58.14 -24.36
N ARG G 95 -24.09 58.73 -23.17
CA ARG G 95 -22.74 58.97 -22.61
C ARG G 95 -22.57 58.16 -21.33
N ARG G 96 -21.37 57.60 -21.11
CA ARG G 96 -21.09 56.82 -19.88
C ARG G 96 -19.60 56.86 -19.58
N THR G 97 -19.26 56.92 -18.30
CA THR G 97 -17.89 56.81 -17.79
C THR G 97 -17.79 55.55 -16.92
N TYR G 98 -16.81 54.71 -17.19
CA TYR G 98 -16.45 53.56 -16.34
C TYR G 98 -15.14 53.86 -15.62
N VAL G 99 -15.02 53.28 -14.44
CA VAL G 99 -13.88 53.49 -13.51
C VAL G 99 -13.34 52.11 -13.17
N ALA G 100 -12.02 51.96 -13.19
CA ALA G 100 -11.30 50.78 -12.65
C ALA G 100 -10.89 51.12 -11.22
N VAL G 101 -11.10 50.19 -10.30
CA VAL G 101 -11.05 50.43 -8.84
C VAL G 101 -10.18 49.35 -8.21
N GLY G 102 -9.22 49.74 -7.37
CA GLY G 102 -8.37 48.81 -6.60
C GLY G 102 -9.14 48.22 -5.41
N ALA G 103 -8.57 47.25 -4.72
CA ALA G 103 -9.18 46.52 -3.58
C ALA G 103 -9.70 47.50 -2.52
N GLY G 104 -8.99 48.62 -2.29
CA GLY G 104 -9.37 49.65 -1.30
C GLY G 104 -10.35 50.68 -1.82
N GLY G 105 -10.83 50.56 -3.07
CA GLY G 105 -11.87 51.44 -3.63
C GLY G 105 -11.31 52.64 -4.37
N ALA G 106 -9.99 52.77 -4.48
CA ALA G 106 -9.34 53.92 -5.18
C ALA G 106 -9.43 53.75 -6.71
N VAL G 107 -9.85 54.79 -7.42
CA VAL G 107 -9.88 54.85 -8.91
C VAL G 107 -8.44 54.76 -9.44
N ALA G 108 -8.12 53.71 -10.21
CA ALA G 108 -6.79 53.48 -10.84
C ALA G 108 -6.83 53.81 -12.34
N GLY G 109 -8.02 53.99 -12.92
CA GLY G 109 -8.20 54.25 -14.37
C GLY G 109 -9.64 54.53 -14.72
N PHE G 110 -9.91 54.99 -15.94
CA PHE G 110 -11.28 55.32 -16.39
C PHE G 110 -11.35 55.30 -17.92
N THR G 111 -12.57 55.15 -18.43
CA THR G 111 -12.90 55.33 -19.86
C THR G 111 -14.22 56.08 -19.94
N ALA G 112 -14.26 57.12 -20.78
CA ALA G 112 -15.47 57.90 -21.12
C ALA G 112 -15.85 57.50 -22.54
N VAL G 113 -17.11 57.12 -22.75
CA VAL G 113 -17.60 56.61 -24.06
C VAL G 113 -18.87 57.36 -24.41
N SER G 114 -19.14 57.49 -25.70
CA SER G 114 -20.35 58.15 -26.23
C SER G 114 -20.86 57.39 -27.44
N TYR G 115 -22.17 57.17 -27.50
CA TYR G 115 -22.84 56.45 -28.60
C TYR G 115 -23.52 57.48 -29.50
N THR G 116 -23.31 57.35 -30.81
CA THR G 116 -24.04 58.13 -31.84
C THR G 116 -24.87 57.13 -32.65
N PRO G 117 -26.21 57.10 -32.46
CA PRO G 117 -27.07 56.17 -33.17
C PRO G 117 -27.00 56.33 -34.71
N TRP G 118 -26.77 57.55 -35.20
CA TRP G 118 -26.69 57.88 -36.64
C TRP G 118 -25.84 56.85 -37.39
N ASN G 119 -24.63 56.52 -36.91
CA ASN G 119 -23.71 55.56 -37.60
C ASN G 119 -23.38 54.37 -36.68
N GLY G 120 -24.11 54.19 -35.58
CA GLY G 120 -23.89 53.09 -34.61
C GLY G 120 -22.47 53.07 -34.07
N ARG G 121 -21.88 54.25 -33.85
CA ARG G 121 -20.47 54.39 -33.41
C ARG G 121 -20.44 54.52 -31.89
N LEU G 122 -19.74 53.61 -31.20
CA LEU G 122 -19.29 53.86 -29.82
C LEU G 122 -17.88 54.49 -29.89
N THR G 123 -17.79 55.77 -29.56
CA THR G 123 -16.51 56.53 -29.48
C THR G 123 -15.92 56.28 -28.09
N ILE G 124 -14.68 55.81 -28.02
CA ILE G 124 -13.88 55.88 -26.77
C ILE G 124 -13.29 57.29 -26.73
N GLU G 125 -13.95 58.20 -26.00
CA GLU G 125 -13.57 59.64 -25.94
C GLU G 125 -12.26 59.79 -25.19
N ASP G 126 -12.09 59.00 -24.13
CA ASP G 126 -10.85 59.01 -23.30
C ASP G 126 -10.72 57.65 -22.61
N ILE G 127 -9.49 57.18 -22.46
CA ILE G 127 -9.16 55.99 -21.63
C ILE G 127 -7.77 56.25 -21.03
N GLU G 128 -7.68 56.27 -19.70
CA GLU G 128 -6.45 56.60 -18.96
C GLU G 128 -6.32 55.65 -17.78
N VAL G 129 -5.09 55.15 -17.57
CA VAL G 129 -4.67 54.36 -16.38
C VAL G 129 -3.62 55.19 -15.64
N ALA G 130 -3.77 55.33 -14.32
CA ALA G 130 -2.79 56.01 -13.44
C ALA G 130 -1.42 55.37 -13.65
N PRO G 131 -0.33 56.17 -13.73
CA PRO G 131 1.01 55.64 -14.06
C PRO G 131 1.46 54.42 -13.25
N GLY G 132 1.22 54.38 -11.93
CA GLY G 132 1.69 53.27 -11.07
C GLY G 132 0.87 51.99 -11.24
N HIS G 133 -0.21 52.03 -12.02
CA HIS G 133 -1.16 50.89 -12.16
C HIS G 133 -1.16 50.37 -13.61
N ARG G 134 -0.20 50.80 -14.44
CA ARG G 134 -0.14 50.44 -15.88
C ARG G 134 0.37 48.99 -16.01
N GLY G 135 0.03 48.31 -17.12
CA GLY G 135 0.50 46.96 -17.45
C GLY G 135 -0.11 45.87 -16.58
N ARG G 136 -1.29 46.10 -16.00
CA ARG G 136 -1.97 45.14 -15.08
C ARG G 136 -3.36 44.74 -15.62
N GLY G 137 -3.64 45.00 -16.90
CA GLY G 137 -4.89 44.58 -17.57
C GLY G 137 -6.06 45.54 -17.34
N ILE G 138 -5.82 46.72 -16.78
CA ILE G 138 -6.89 47.73 -16.52
C ILE G 138 -7.43 48.25 -17.86
N GLY G 139 -6.53 48.55 -18.81
CA GLY G 139 -6.90 49.03 -20.15
C GLY G 139 -7.85 48.08 -20.85
N ARG G 140 -7.51 46.79 -20.87
CA ARG G 140 -8.34 45.71 -21.47
C ARG G 140 -9.72 45.71 -20.78
N GLY G 141 -9.72 45.72 -19.44
CA GLY G 141 -10.94 45.68 -18.63
C GLY G 141 -11.84 46.88 -18.90
N LEU G 142 -11.28 48.08 -19.05
CA LEU G 142 -12.07 49.30 -19.36
C LEU G 142 -12.65 49.18 -20.78
N MET G 143 -11.86 48.64 -21.72
CA MET G 143 -12.31 48.46 -23.13
C MET G 143 -13.41 47.39 -23.20
N GLU G 144 -13.34 46.37 -22.33
CA GLU G 144 -14.42 45.34 -22.23
C GLU G 144 -15.72 45.99 -21.75
N ARG G 145 -15.63 46.96 -20.83
CA ARG G 145 -16.83 47.72 -20.37
C ARG G 145 -17.36 48.59 -21.52
N ALA G 146 -16.47 49.16 -22.32
CA ALA G 146 -16.85 49.94 -23.52
C ALA G 146 -17.61 49.02 -24.48
N ALA G 147 -17.10 47.82 -24.73
CA ALA G 147 -17.74 46.81 -25.61
C ALA G 147 -19.12 46.43 -25.06
N ASP G 148 -19.26 46.31 -23.73
CA ASP G 148 -20.56 46.01 -23.07
C ASP G 148 -21.57 47.12 -23.39
N PHE G 149 -21.18 48.39 -23.22
CA PHE G 149 -22.06 49.54 -23.50
C PHE G 149 -22.43 49.54 -24.99
N ALA G 150 -21.46 49.23 -25.86
CA ALA G 150 -21.68 49.12 -27.32
C ALA G 150 -22.81 48.11 -27.60
N ARG G 151 -22.69 46.88 -27.07
CA ARG G 151 -23.68 45.79 -27.28
C ARG G 151 -25.02 46.22 -26.70
N GLU G 152 -25.03 46.86 -25.53
CA GLU G 152 -26.26 47.36 -24.87
C GLU G 152 -26.99 48.37 -25.78
N ARG G 153 -26.24 49.21 -26.52
CA ARG G 153 -26.84 50.28 -27.37
C ARG G 153 -27.04 49.78 -28.81
N GLY G 154 -26.54 48.59 -29.15
CA GLY G 154 -26.62 48.01 -30.51
C GLY G 154 -25.67 48.69 -31.48
N ALA G 155 -24.49 49.12 -31.02
CA ALA G 155 -23.43 49.75 -31.84
C ALA G 155 -22.92 48.76 -32.87
N GLY G 156 -22.50 49.25 -34.04
CA GLY G 156 -21.87 48.45 -35.10
C GLY G 156 -20.35 48.45 -35.00
N HIS G 157 -19.75 49.48 -34.38
CA HIS G 157 -18.27 49.58 -34.26
C HIS G 157 -17.87 50.48 -33.09
N LEU G 158 -16.68 50.19 -32.55
CA LEU G 158 -15.92 51.04 -31.61
C LEU G 158 -14.98 51.90 -32.44
N TRP G 159 -14.72 53.13 -31.99
CA TRP G 159 -13.89 54.13 -32.71
C TRP G 159 -13.17 55.01 -31.68
N LEU G 160 -11.92 55.37 -31.96
CA LEU G 160 -11.15 56.31 -31.11
C LEU G 160 -10.17 57.14 -31.97
N GLU G 161 -9.80 58.29 -31.43
CA GLU G 161 -8.74 59.19 -31.90
C GLU G 161 -7.52 58.97 -31.00
N VAL G 162 -6.33 58.89 -31.57
CA VAL G 162 -5.07 58.85 -30.78
C VAL G 162 -4.00 59.61 -31.57
N THR G 163 -3.25 60.46 -30.89
CA THR G 163 -2.12 61.20 -31.49
C THR G 163 -1.07 60.17 -31.96
N ASN G 164 -0.43 60.48 -33.09
CA ASN G 164 0.59 59.61 -33.74
C ASN G 164 1.77 59.37 -32.79
N VAL G 165 2.05 60.28 -31.85
CA VAL G 165 3.22 60.16 -30.93
C VAL G 165 2.91 59.16 -29.81
N ASN G 166 1.65 58.77 -29.62
CA ASN G 166 1.26 57.85 -28.51
C ASN G 166 1.37 56.40 -28.97
N ALA G 167 2.59 55.96 -29.28
CA ALA G 167 2.93 54.57 -29.69
C ALA G 167 2.47 53.57 -28.63
N PRO G 168 2.68 53.82 -27.32
CA PRO G 168 2.22 52.88 -26.29
C PRO G 168 0.70 52.60 -26.38
N ALA G 169 -0.13 53.63 -26.45
CA ALA G 169 -1.60 53.47 -26.55
C ALA G 169 -1.95 52.77 -27.88
N ILE G 170 -1.28 53.16 -28.98
CA ILE G 170 -1.57 52.57 -30.32
C ILE G 170 -1.31 51.06 -30.25
N HIS G 171 -0.17 50.63 -29.68
CA HIS G 171 0.18 49.19 -29.52
C HIS G 171 -0.87 48.47 -28.67
N ALA G 172 -1.31 49.07 -27.57
CA ALA G 172 -2.37 48.51 -26.70
C ALA G 172 -3.66 48.34 -27.53
N TYR G 173 -4.04 49.35 -28.32
CA TYR G 173 -5.28 49.31 -29.12
C TYR G 173 -5.18 48.22 -30.20
N LEU G 174 -4.03 48.11 -30.87
CA LEU G 174 -3.78 47.05 -31.88
C LEU G 174 -3.98 45.67 -31.25
N ARG G 175 -3.44 45.45 -30.05
CA ARG G 175 -3.54 44.15 -29.33
C ARG G 175 -5.00 43.87 -29.00
N LEU G 176 -5.80 44.90 -28.67
CA LEU G 176 -7.22 44.74 -28.32
C LEU G 176 -8.08 44.52 -29.57
N GLY G 177 -7.53 44.66 -30.77
CA GLY G 177 -8.21 44.34 -32.04
C GLY G 177 -8.58 45.56 -32.88
N PHE G 178 -8.22 46.78 -32.44
CA PHE G 178 -8.42 48.00 -33.25
C PHE G 178 -7.45 47.99 -34.44
N THR G 179 -7.90 48.52 -35.58
CA THR G 179 -7.06 48.78 -36.78
C THR G 179 -7.29 50.23 -37.20
N PHE G 180 -6.30 50.80 -37.89
CA PHE G 180 -6.37 52.17 -38.45
C PHE G 180 -7.50 52.22 -39.49
N CYS G 181 -8.45 53.14 -39.28
CA CYS G 181 -9.57 53.40 -40.22
C CYS G 181 -9.42 54.81 -40.83
N GLY G 182 -8.41 55.58 -40.41
CA GLY G 182 -8.17 56.91 -40.99
C GLY G 182 -7.22 57.75 -40.15
N LEU G 183 -7.23 59.05 -40.45
CA LEU G 183 -6.39 60.07 -39.79
C LEU G 183 -6.85 61.45 -40.25
N ASP G 184 -6.37 62.49 -39.56
CA ASP G 184 -6.53 63.90 -39.96
C ASP G 184 -5.22 64.61 -39.61
N THR G 185 -4.39 64.88 -40.61
CA THR G 185 -3.05 65.51 -40.44
C THR G 185 -3.21 66.99 -40.08
N ALA G 186 -4.40 67.56 -40.23
CA ALA G 186 -4.64 69.00 -40.02
C ALA G 186 -5.27 69.27 -38.64
N LEU G 187 -5.66 68.24 -37.89
CA LEU G 187 -6.55 68.44 -36.71
C LEU G 187 -5.83 69.30 -35.64
N TYR G 188 -4.52 69.12 -35.46
CA TYR G 188 -3.77 69.72 -34.33
C TYR G 188 -3.08 71.02 -34.76
N LEU G 189 -3.26 71.48 -36.01
CA LEU G 189 -2.74 72.80 -36.47
C LEU G 189 -3.29 73.88 -35.52
N GLY G 190 -2.43 74.82 -35.11
CA GLY G 190 -2.80 75.96 -34.24
C GLY G 190 -3.08 75.55 -32.80
N THR G 191 -2.73 74.32 -32.39
CA THR G 191 -2.86 73.83 -30.98
C THR G 191 -1.47 73.62 -30.38
N GLU G 192 -1.42 73.34 -29.08
CA GLU G 192 -0.18 72.96 -28.35
C GLU G 192 0.41 71.67 -28.95
N SER G 193 -0.38 70.87 -29.67
CA SER G 193 0.04 69.55 -30.22
C SER G 193 0.41 69.66 -31.70
N GLU G 194 0.52 70.88 -32.26
CA GLU G 194 0.92 71.09 -33.68
C GLU G 194 2.22 70.32 -33.94
N GLY G 195 2.31 69.65 -35.09
CA GLY G 195 3.42 68.73 -35.43
C GLY G 195 2.99 67.27 -35.23
N GLU G 196 1.95 67.03 -34.42
CA GLU G 196 1.33 65.69 -34.28
C GLU G 196 0.18 65.56 -35.28
N GLN G 197 -0.21 64.33 -35.60
CA GLN G 197 -1.37 63.98 -36.46
C GLN G 197 -2.35 63.14 -35.65
N ALA G 198 -3.64 63.38 -35.83
CA ALA G 198 -4.74 62.58 -35.25
C ALA G 198 -4.86 61.30 -36.07
N LEU G 199 -4.67 60.13 -35.44
CA LEU G 199 -4.92 58.82 -36.08
C LEU G 199 -6.26 58.29 -35.56
N TYR G 200 -7.01 57.65 -36.43
CA TYR G 200 -8.35 57.09 -36.14
C TYR G 200 -8.27 55.57 -36.21
N MET G 201 -8.84 54.90 -35.22
CA MET G 201 -8.86 53.43 -35.13
C MET G 201 -10.26 52.97 -34.81
N SER G 202 -10.64 51.80 -35.35
CA SER G 202 -11.97 51.20 -35.16
C SER G 202 -11.86 49.69 -35.02
N MET G 203 -12.90 49.07 -34.48
CA MET G 203 -13.10 47.61 -34.63
C MET G 203 -14.60 47.35 -34.66
N PRO G 204 -15.04 46.33 -35.42
CA PRO G 204 -16.44 45.91 -35.40
C PRO G 204 -16.80 45.38 -34.01
N CYS G 205 -18.05 45.59 -33.58
CA CYS G 205 -18.48 45.29 -32.18
C CYS G 205 -18.78 43.79 -32.01
N THR H 28 -22.65 87.53 -63.94
CA THR H 28 -24.05 87.04 -63.83
C THR H 28 -24.43 86.80 -62.36
N TYR H 29 -23.50 86.35 -61.49
CA TYR H 29 -23.83 85.94 -60.10
C TYR H 29 -23.12 86.82 -59.07
N ALA H 30 -23.87 87.17 -58.02
CA ALA H 30 -23.44 87.99 -56.87
C ALA H 30 -23.57 87.15 -55.59
N PHE H 31 -22.88 87.58 -54.52
CA PHE H 31 -22.73 86.81 -53.26
C PHE H 31 -23.13 87.71 -52.09
N ARG H 32 -23.75 87.13 -51.08
CA ARG H 32 -24.06 87.82 -49.81
C ARG H 32 -24.30 86.77 -48.72
N VAL H 33 -24.32 87.23 -47.47
CA VAL H 33 -24.71 86.40 -46.30
C VAL H 33 -26.19 86.03 -46.51
N ALA H 34 -26.56 84.77 -46.27
CA ALA H 34 -27.95 84.28 -46.34
C ALA H 34 -28.80 85.02 -45.32
N ARG H 35 -30.08 85.25 -45.64
CA ARG H 35 -31.09 85.88 -44.74
C ARG H 35 -32.15 84.83 -44.42
N PRO H 36 -32.93 85.00 -43.32
CA PRO H 36 -33.97 84.04 -42.96
C PRO H 36 -34.91 83.62 -44.11
N GLU H 37 -35.23 84.52 -45.02
CA GLU H 37 -36.15 84.33 -46.17
C GLU H 37 -35.49 83.40 -47.23
N ASP H 38 -34.17 83.18 -47.16
CA ASP H 38 -33.44 82.35 -48.16
C ASP H 38 -33.53 80.87 -47.77
N VAL H 39 -33.92 80.56 -46.53
CA VAL H 39 -33.88 79.19 -45.94
C VAL H 39 -34.62 78.20 -46.85
N GLU H 40 -35.76 78.61 -47.42
CA GLU H 40 -36.59 77.75 -48.31
C GLU H 40 -35.83 77.43 -49.60
N ALA H 41 -35.24 78.45 -50.24
CA ALA H 41 -34.48 78.31 -51.50
C ALA H 41 -33.23 77.43 -51.27
N ILE H 42 -32.59 77.56 -50.10
CA ILE H 42 -31.36 76.79 -49.75
C ILE H 42 -31.71 75.31 -49.60
N ALA H 43 -32.78 75.00 -48.86
CA ALA H 43 -33.29 73.62 -48.63
C ALA H 43 -33.68 72.98 -49.96
N ALA H 44 -34.19 73.76 -50.92
CA ALA H 44 -34.69 73.29 -52.23
C ALA H 44 -33.53 73.05 -53.22
N ILE H 45 -32.31 73.52 -52.93
CA ILE H 45 -31.15 73.31 -53.84
C ILE H 45 -30.77 71.82 -53.80
N ASP H 46 -30.74 71.22 -54.99
CA ASP H 46 -30.43 69.78 -55.20
C ASP H 46 -28.90 69.61 -55.34
N GLY H 47 -28.28 68.93 -54.38
CA GLY H 47 -26.84 68.58 -54.37
C GLY H 47 -26.58 67.23 -55.02
N SER H 48 -27.61 66.60 -55.58
CA SER H 48 -27.53 65.31 -56.32
C SER H 48 -26.55 65.46 -57.48
N PHE H 49 -25.86 64.38 -57.83
CA PHE H 49 -24.91 64.34 -58.96
C PHE H 49 -24.83 62.94 -59.55
N THR H 50 -24.32 62.88 -60.78
CA THR H 50 -23.98 61.64 -61.52
C THR H 50 -22.47 61.69 -61.75
N THR H 51 -21.76 60.57 -61.61
CA THR H 51 -20.29 60.51 -61.80
C THR H 51 -19.94 59.23 -62.56
N GLY H 52 -19.00 59.33 -63.50
CA GLY H 52 -18.41 58.18 -64.22
C GLY H 52 -17.17 57.68 -63.52
N THR H 53 -16.73 58.33 -62.45
CA THR H 53 -15.55 57.92 -61.64
C THR H 53 -15.85 58.06 -60.14
N VAL H 54 -15.15 57.27 -59.33
CA VAL H 54 -15.12 57.36 -57.86
C VAL H 54 -13.65 57.27 -57.43
N PHE H 55 -13.33 57.80 -56.26
CA PHE H 55 -12.03 57.61 -55.59
C PHE H 55 -12.14 56.35 -54.74
N GLN H 56 -11.43 55.31 -55.17
CA GLN H 56 -11.38 54.00 -54.47
C GLN H 56 -10.36 54.10 -53.33
N VAL H 57 -10.72 53.62 -52.15
CA VAL H 57 -9.82 53.60 -50.96
C VAL H 57 -9.34 52.18 -50.74
N ALA H 58 -8.03 51.94 -50.86
CA ALA H 58 -7.37 50.67 -50.53
C ALA H 58 -6.79 50.78 -49.12
N VAL H 59 -7.26 49.93 -48.20
CA VAL H 59 -6.82 49.89 -46.78
C VAL H 59 -5.72 48.85 -46.66
N ALA H 60 -4.52 49.26 -46.24
CA ALA H 60 -3.40 48.39 -45.82
C ALA H 60 -3.25 48.51 -44.30
N PRO H 61 -2.57 47.54 -43.63
CA PRO H 61 -2.25 47.68 -42.21
C PRO H 61 -1.45 48.95 -41.87
N ASP H 62 -0.70 49.47 -42.85
CA ASP H 62 0.30 50.58 -42.68
C ASP H 62 -0.11 51.83 -43.49
N GLY H 63 -1.34 51.91 -44.01
CA GLY H 63 -1.75 53.13 -44.74
C GLY H 63 -2.94 52.97 -45.65
N PHE H 64 -3.19 54.00 -46.45
CA PHE H 64 -4.42 54.20 -47.27
C PHE H 64 -4.00 54.80 -48.61
N THR H 65 -4.51 54.24 -49.71
CA THR H 65 -4.25 54.74 -51.09
C THR H 65 -5.58 55.18 -51.68
N LEU H 66 -5.58 56.36 -52.30
CA LEU H 66 -6.73 56.92 -53.08
C LEU H 66 -6.39 56.80 -54.56
N ARG H 67 -7.22 56.09 -55.31
CA ARG H 67 -7.04 55.89 -56.78
C ARG H 67 -8.39 56.15 -57.46
N GLU H 68 -8.44 57.13 -58.36
CA GLU H 68 -9.65 57.40 -59.17
C GLU H 68 -9.85 56.24 -60.15
N VAL H 69 -11.09 55.75 -60.25
CA VAL H 69 -11.46 54.53 -61.00
C VAL H 69 -12.85 54.72 -61.59
N ALA H 70 -13.22 54.00 -62.66
CA ALA H 70 -14.54 54.16 -63.32
C ALA H 70 -15.55 53.19 -62.69
N PRO H 73 -20.79 51.49 -64.84
CA PRO H 73 -22.13 52.06 -65.01
C PRO H 73 -22.23 53.32 -64.15
N PRO H 74 -22.57 54.50 -64.73
CA PRO H 74 -22.59 55.78 -64.01
C PRO H 74 -23.25 55.75 -62.64
N LEU H 75 -22.60 56.26 -61.60
CA LEU H 75 -23.17 56.23 -60.23
C LEU H 75 -24.01 57.49 -60.07
N VAL H 76 -25.23 57.33 -59.55
CA VAL H 76 -26.15 58.46 -59.20
C VAL H 76 -26.20 58.54 -57.67
N LYS H 77 -25.91 59.71 -57.12
CA LYS H 77 -25.87 59.95 -55.65
C LYS H 77 -26.92 61.02 -55.33
N VAL H 78 -27.92 60.67 -54.53
CA VAL H 78 -28.86 61.64 -53.89
C VAL H 78 -28.54 61.64 -52.41
N PHE H 79 -28.67 62.79 -51.73
CA PHE H 79 -28.40 62.92 -50.27
C PHE H 79 -29.70 62.69 -49.49
N GLY H 93 -22.07 83.39 -34.33
CA GLY H 93 -20.85 84.23 -34.42
C GLY H 93 -19.73 83.57 -35.20
N ASP H 94 -19.55 82.26 -34.98
CA ASP H 94 -18.52 81.42 -35.65
C ASP H 94 -19.17 80.49 -36.69
N ARG H 95 -20.48 80.64 -36.97
CA ARG H 95 -21.19 79.99 -38.11
C ARG H 95 -21.64 81.06 -39.09
N ARG H 96 -21.56 80.76 -40.38
CA ARG H 96 -22.06 81.69 -41.43
C ARG H 96 -22.47 80.90 -42.66
N THR H 97 -23.55 81.34 -43.29
CA THR H 97 -24.04 80.79 -44.58
C THR H 97 -24.01 81.91 -45.61
N TYR H 98 -23.36 81.65 -46.73
CA TYR H 98 -23.36 82.55 -47.91
C TYR H 98 -24.23 81.95 -49.00
N VAL H 99 -24.79 82.84 -49.80
CA VAL H 99 -25.72 82.52 -50.89
C VAL H 99 -25.15 83.17 -52.16
N ALA H 100 -25.14 82.43 -53.26
CA ALA H 100 -24.89 82.96 -54.61
C ALA H 100 -26.25 83.24 -55.24
N VAL H 101 -26.41 84.43 -55.83
CA VAL H 101 -27.71 84.96 -56.29
C VAL H 101 -27.56 85.36 -57.76
N GLY H 102 -28.47 84.90 -58.61
CA GLY H 102 -28.55 85.30 -60.03
C GLY H 102 -29.14 86.70 -60.17
N ALA H 103 -28.85 87.44 -61.25
CA ALA H 103 -29.61 88.65 -61.60
C ALA H 103 -31.09 88.18 -61.63
N GLY H 104 -31.92 88.80 -60.80
CA GLY H 104 -33.31 88.34 -60.55
C GLY H 104 -33.50 87.91 -59.10
N GLY H 105 -32.41 87.67 -58.37
CA GLY H 105 -32.43 87.46 -56.90
C GLY H 105 -32.60 86.01 -56.49
N ALA H 106 -32.58 85.08 -57.45
CA ALA H 106 -32.79 83.63 -57.21
C ALA H 106 -31.50 83.03 -56.65
N VAL H 107 -31.58 82.29 -55.53
CA VAL H 107 -30.42 81.58 -54.92
C VAL H 107 -30.03 80.45 -55.86
N ALA H 108 -28.81 80.48 -56.41
CA ALA H 108 -28.28 79.47 -57.35
C ALA H 108 -27.27 78.54 -56.64
N GLY H 109 -26.85 78.89 -55.43
CA GLY H 109 -25.89 78.08 -54.65
C GLY H 109 -25.74 78.62 -53.24
N PHE H 110 -25.10 77.85 -52.37
CA PHE H 110 -24.85 78.27 -50.98
C PHE H 110 -23.63 77.54 -50.42
N THR H 111 -23.05 78.11 -49.39
CA THR H 111 -22.02 77.46 -48.56
C THR H 111 -22.30 77.79 -47.11
N ALA H 112 -22.29 76.75 -46.26
CA ALA H 112 -22.37 76.87 -44.80
C ALA H 112 -20.97 76.59 -44.24
N VAL H 113 -20.45 77.48 -43.41
CA VAL H 113 -19.07 77.37 -42.85
C VAL H 113 -19.16 77.52 -41.34
N SER H 114 -18.22 76.93 -40.62
CA SER H 114 -18.11 77.04 -39.15
C SER H 114 -16.63 77.15 -38.77
N TYR H 115 -16.33 78.06 -37.85
CA TYR H 115 -14.95 78.31 -37.35
C TYR H 115 -14.83 77.67 -35.97
N THR H 116 -13.74 76.92 -35.76
CA THR H 116 -13.36 76.37 -34.43
C THR H 116 -12.03 77.03 -34.06
N PRO H 117 -12.04 77.99 -33.09
CA PRO H 117 -10.83 78.67 -32.67
C PRO H 117 -9.73 77.72 -32.14
N TRP H 118 -10.13 76.62 -31.50
CA TRP H 118 -9.20 75.62 -30.90
C TRP H 118 -8.05 75.29 -31.87
N ASN H 119 -8.36 74.97 -33.13
CA ASN H 119 -7.33 74.57 -34.14
C ASN H 119 -7.33 75.53 -35.34
N GLY H 120 -8.00 76.69 -35.23
CA GLY H 120 -8.09 77.70 -36.31
C GLY H 120 -8.63 77.12 -37.60
N ARG H 121 -9.60 76.20 -37.50
CA ARG H 121 -10.15 75.47 -38.68
C ARG H 121 -11.42 76.18 -39.13
N LEU H 122 -11.46 76.63 -40.38
CA LEU H 122 -12.75 76.92 -41.04
C LEU H 122 -13.21 75.67 -41.80
N THR H 123 -14.27 75.05 -41.29
CA THR H 123 -14.92 73.85 -41.91
C THR H 123 -15.91 74.35 -42.96
N ILE H 124 -15.78 73.88 -44.20
CA ILE H 124 -16.86 74.02 -45.21
C ILE H 124 -17.84 72.87 -44.94
N GLU H 125 -18.92 73.16 -44.19
CA GLU H 125 -19.91 72.15 -43.74
C GLU H 125 -20.72 71.66 -44.94
N ASP H 126 -21.04 72.55 -45.86
CA ASP H 126 -21.79 72.22 -47.10
C ASP H 126 -21.47 73.29 -48.15
N ILE H 127 -21.36 72.86 -49.40
CA ILE H 127 -21.29 73.78 -50.57
C ILE H 127 -22.05 73.09 -51.71
N GLU H 128 -23.13 73.71 -52.17
CA GLU H 128 -24.05 73.14 -53.17
C GLU H 128 -24.43 74.24 -54.17
N VAL H 129 -24.32 73.89 -55.45
CA VAL H 129 -24.77 74.73 -56.60
C VAL H 129 -25.94 74.01 -57.27
N ALA H 130 -27.04 74.72 -57.52
CA ALA H 130 -28.23 74.20 -58.23
C ALA H 130 -27.78 73.59 -59.55
N PRO H 131 -28.32 72.42 -59.96
CA PRO H 131 -27.83 71.70 -61.14
C PRO H 131 -27.72 72.53 -62.43
N GLY H 132 -28.70 73.38 -62.73
CA GLY H 132 -28.72 74.19 -63.97
C GLY H 132 -27.73 75.35 -63.95
N HIS H 133 -27.08 75.64 -62.82
CA HIS H 133 -26.19 76.81 -62.64
C HIS H 133 -24.74 76.37 -62.39
N ARG H 134 -24.42 75.09 -62.63
CA ARG H 134 -23.07 74.52 -62.39
C ARG H 134 -22.13 74.97 -63.53
N GLY H 135 -20.82 74.98 -63.26
CA GLY H 135 -19.76 75.28 -64.25
C GLY H 135 -19.71 76.75 -64.64
N ARG H 136 -20.19 77.67 -63.77
CA ARG H 136 -20.23 79.12 -64.05
C ARG H 136 -19.43 79.90 -62.98
N GLY H 137 -18.60 79.23 -62.20
CA GLY H 137 -17.71 79.85 -61.21
C GLY H 137 -18.38 80.15 -59.87
N ILE H 138 -19.58 79.63 -59.63
CA ILE H 138 -20.32 79.87 -58.36
C ILE H 138 -19.58 79.18 -57.21
N GLY H 139 -19.12 77.95 -57.42
CA GLY H 139 -18.39 77.15 -56.42
C GLY H 139 -17.15 77.89 -55.94
N ARG H 140 -16.34 78.40 -56.89
CA ARG H 140 -15.12 79.20 -56.61
C ARG H 140 -15.51 80.41 -55.78
N GLY H 141 -16.53 81.14 -56.22
CA GLY H 141 -17.02 82.36 -55.57
C GLY H 141 -17.48 82.10 -54.15
N LEU H 142 -18.20 81.00 -53.90
CA LEU H 142 -18.65 80.64 -52.53
C LEU H 142 -17.44 80.29 -51.67
N MET H 143 -16.46 79.59 -52.23
CA MET H 143 -15.22 79.19 -51.51
C MET H 143 -14.38 80.45 -51.20
N GLU H 144 -14.39 81.45 -52.08
CA GLU H 144 -13.71 82.76 -51.84
C GLU H 144 -14.37 83.45 -50.65
N ARG H 145 -15.70 83.36 -50.51
CA ARG H 145 -16.42 83.97 -49.37
C ARG H 145 -16.06 83.19 -48.09
N ALA H 146 -15.91 81.87 -48.19
CA ALA H 146 -15.47 81.02 -47.06
C ALA H 146 -14.08 81.47 -46.61
N ALA H 147 -13.16 81.66 -47.57
CA ALA H 147 -11.78 82.12 -47.31
C ALA H 147 -11.81 83.51 -46.66
N ASP H 148 -12.72 84.39 -47.07
CA ASP H 148 -12.89 85.75 -46.47
C ASP H 148 -13.26 85.61 -45.00
N PHE H 149 -14.23 84.76 -44.67
CA PHE H 149 -14.68 84.54 -43.27
C PHE H 149 -13.51 83.96 -42.47
N ALA H 150 -12.75 83.04 -43.07
CA ALA H 150 -11.55 82.43 -42.46
C ALA H 150 -10.57 83.54 -42.06
N ARG H 151 -10.18 84.41 -42.99
CA ARG H 151 -9.22 85.52 -42.75
C ARG H 151 -9.78 86.46 -41.69
N GLU H 152 -11.08 86.75 -41.74
CA GLU H 152 -11.76 87.63 -40.74
C GLU H 152 -11.62 87.03 -39.34
N ARG H 153 -11.69 85.71 -39.20
CA ARG H 153 -11.66 85.01 -37.88
C ARG H 153 -10.22 84.62 -37.51
N GLY H 154 -9.26 84.78 -38.42
CA GLY H 154 -7.83 84.46 -38.19
C GLY H 154 -7.57 82.97 -38.26
N ALA H 155 -8.30 82.23 -39.12
CA ALA H 155 -8.14 80.78 -39.32
C ALA H 155 -6.76 80.48 -39.89
N GLY H 156 -6.21 79.30 -39.58
CA GLY H 156 -4.96 78.79 -40.16
C GLY H 156 -5.22 77.92 -41.38
N HIS H 157 -6.40 77.31 -41.50
CA HIS H 157 -6.72 76.39 -42.63
C HIS H 157 -8.21 76.27 -42.88
N LEU H 158 -8.56 76.00 -44.13
CA LEU H 158 -9.89 75.53 -44.59
C LEU H 158 -9.86 74.01 -44.58
N TRP H 159 -10.99 73.38 -44.25
CA TRP H 159 -11.13 71.91 -44.13
C TRP H 159 -12.54 71.50 -44.57
N LEU H 160 -12.65 70.37 -45.25
CA LEU H 160 -13.97 69.82 -45.64
C LEU H 160 -13.90 68.29 -45.66
N GLU H 161 -15.09 67.70 -45.50
CA GLU H 161 -15.37 66.26 -45.67
C GLU H 161 -16.04 66.10 -47.03
N VAL H 162 -15.63 65.09 -47.80
CA VAL H 162 -16.30 64.74 -49.07
C VAL H 162 -16.28 63.22 -49.19
N THR H 163 -17.43 62.64 -49.53
CA THR H 163 -17.54 61.19 -49.80
C THR H 163 -16.65 60.84 -50.98
N ASN H 164 -16.03 59.67 -50.94
CA ASN H 164 -15.08 59.15 -51.96
C ASN H 164 -15.78 59.06 -53.33
N VAL H 165 -17.10 58.90 -53.38
CA VAL H 165 -17.87 58.75 -54.66
C VAL H 165 -18.04 60.10 -55.34
N ASN H 166 -17.82 61.22 -54.64
CA ASN H 166 -18.05 62.58 -55.21
C ASN H 166 -16.78 63.07 -55.92
N ALA H 167 -16.37 62.37 -56.98
CA ALA H 167 -15.22 62.71 -57.84
C ALA H 167 -15.36 64.11 -58.43
N PRO H 168 -16.56 64.54 -58.91
CA PRO H 168 -16.73 65.90 -59.41
C PRO H 168 -16.31 66.96 -58.38
N ALA H 169 -16.83 66.89 -57.16
CA ALA H 169 -16.51 67.86 -56.09
C ALA H 169 -15.03 67.75 -55.75
N ILE H 170 -14.48 66.54 -55.66
CA ILE H 170 -13.04 66.32 -55.31
C ILE H 170 -12.17 67.06 -56.34
N HIS H 171 -12.45 66.89 -57.63
CA HIS H 171 -11.70 67.56 -58.73
C HIS H 171 -11.82 69.09 -58.61
N ALA H 172 -13.03 69.59 -58.34
CA ALA H 172 -13.26 71.04 -58.11
C ALA H 172 -12.41 71.51 -56.93
N TYR H 173 -12.38 70.76 -55.82
CA TYR H 173 -11.63 71.16 -54.60
C TYR H 173 -10.12 71.15 -54.90
N LEU H 174 -9.63 70.14 -55.61
CA LEU H 174 -8.20 70.07 -56.03
C LEU H 174 -7.83 71.33 -56.83
N ARG H 175 -8.67 71.73 -57.78
CA ARG H 175 -8.44 72.93 -58.63
C ARG H 175 -8.42 74.19 -57.75
N LEU H 176 -9.25 74.24 -56.70
CA LEU H 176 -9.34 75.41 -55.78
C LEU H 176 -8.14 75.43 -54.81
N GLY H 177 -7.31 74.38 -54.77
CA GLY H 177 -6.06 74.34 -53.97
C GLY H 177 -6.11 73.39 -52.77
N PHE H 178 -7.23 72.70 -52.54
CA PHE H 178 -7.35 71.70 -51.46
C PHE H 178 -6.49 70.47 -51.80
N THR H 179 -5.89 69.85 -50.78
CA THR H 179 -5.22 68.52 -50.87
C THR H 179 -5.78 67.61 -49.77
N PHE H 180 -5.70 66.30 -49.98
CA PHE H 180 -6.13 65.28 -49.00
C PHE H 180 -5.27 65.41 -47.74
N CYS H 181 -5.90 65.59 -46.59
CA CYS H 181 -5.24 65.63 -45.25
C CYS H 181 -5.65 64.41 -44.41
N GLY H 182 -6.57 63.57 -44.92
CA GLY H 182 -6.95 62.34 -44.21
C GLY H 182 -8.23 61.72 -44.73
N LEU H 183 -8.82 60.83 -43.91
CA LEU H 183 -10.06 60.09 -44.24
C LEU H 183 -10.53 59.37 -42.99
N ASP H 184 -11.76 58.85 -43.03
CA ASP H 184 -12.33 57.94 -42.00
C ASP H 184 -13.17 56.90 -42.75
N THR H 185 -12.67 55.67 -42.89
CA THR H 185 -13.36 54.57 -43.62
C THR H 185 -14.55 54.06 -42.81
N ALA H 186 -14.67 54.43 -41.53
CA ALA H 186 -15.71 53.91 -40.63
C ALA H 186 -16.86 54.91 -40.47
N LEU H 187 -16.75 56.13 -41.01
CA LEU H 187 -17.72 57.19 -40.68
C LEU H 187 -19.12 56.84 -41.16
N TYR H 188 -19.25 56.19 -42.32
CA TYR H 188 -20.58 55.96 -42.97
C TYR H 188 -21.13 54.56 -42.64
N LEU H 189 -20.43 53.78 -41.81
CA LEU H 189 -20.94 52.47 -41.32
C LEU H 189 -22.31 52.70 -40.65
N GLY H 190 -23.28 51.83 -40.94
CA GLY H 190 -24.63 51.88 -40.35
C GLY H 190 -25.47 53.05 -40.87
N THR H 191 -25.04 53.72 -41.96
CA THR H 191 -25.82 54.83 -42.61
C THR H 191 -26.28 54.39 -44.00
N GLU H 192 -27.13 55.20 -44.63
CA GLU H 192 -27.57 55.02 -46.05
C GLU H 192 -26.35 55.03 -46.98
N SER H 193 -25.22 55.61 -46.57
CA SER H 193 -24.00 55.78 -47.41
C SER H 193 -22.96 54.70 -47.12
N GLU H 194 -23.31 53.67 -46.35
CA GLU H 194 -22.38 52.54 -46.04
C GLU H 194 -21.81 51.99 -47.36
N GLY H 195 -20.51 51.71 -47.39
CA GLY H 195 -19.76 51.35 -48.61
C GLY H 195 -18.99 52.54 -49.16
N GLU H 196 -19.36 53.76 -48.78
CA GLU H 196 -18.57 55.00 -49.07
C GLU H 196 -17.61 55.26 -47.90
N GLN H 197 -16.55 56.02 -48.15
CA GLN H 197 -15.57 56.48 -47.15
C GLN H 197 -15.56 58.01 -47.14
N ALA H 198 -15.46 58.60 -45.94
CA ALA H 198 -15.30 60.05 -45.74
C ALA H 198 -13.84 60.41 -46.04
N LEU H 199 -13.61 61.27 -47.04
CA LEU H 199 -12.27 61.83 -47.33
C LEU H 199 -12.21 63.24 -46.78
N TYR H 200 -11.05 63.62 -46.25
CA TYR H 200 -10.81 64.95 -45.61
C TYR H 200 -9.81 65.72 -46.47
N MET H 201 -10.10 66.99 -46.74
CA MET H 201 -9.24 67.87 -47.55
C MET H 201 -9.07 69.20 -46.81
N SER H 202 -7.90 69.81 -46.97
CA SER H 202 -7.56 71.09 -46.32
C SER H 202 -6.73 71.95 -47.27
N MET H 203 -6.66 73.24 -46.98
CA MET H 203 -5.65 74.14 -47.58
C MET H 203 -5.35 75.24 -46.57
N PRO H 204 -4.09 75.73 -46.54
CA PRO H 204 -3.71 76.86 -45.71
C PRO H 204 -4.50 78.12 -46.11
C4 I55 I . 27.69 -51.56 44.46
C14 I55 I . 30.89 -51.09 40.91
C5 I55 I . 25.40 -52.05 44.98
C6 I55 I . 23.35 -52.44 45.88
C11 I55 I . 28.68 -49.74 43.23
C7 I55 I . 21.87 -52.57 45.68
C8 I55 I . 21.61 -50.92 47.54
C9 I55 I . 23.08 -50.48 47.35
C10 I55 I . 23.67 -50.94 46.01
C12 I55 I . 28.38 -48.84 42.04
C13 I55 I . 29.97 -50.55 43.05
N1 I55 I . 29.65 -56.78 46.44
N2 I55 I . 29.04 -53.40 45.38
C3 I55 I . 28.90 -52.43 44.29
N3 I55 I . 26.53 -52.40 44.47
C1 I55 I . 28.85 -55.53 46.44
C2 I55 I . 29.13 -54.71 45.20
O1 I55 I . 29.42 -55.23 44.14
N4 I55 I . 24.26 -52.77 44.81
O2 I55 I . 21.38 -53.39 44.89
N5 I55 I . 21.14 -51.73 46.41
O3 I55 I . 23.86 -51.00 48.44
N6 I55 I . 25.10 -50.98 45.75
O4 I55 I . 27.57 -50.65 43.38
O5 I55 I . 28.93 -47.53 42.18
O6 I55 I . 29.89 -51.28 41.81
N7 I55 I . 30.60 -51.61 39.75
O7 I55 I . 31.93 -50.52 41.16
C15 I55 I . 30.15 -51.56 44.17
O8 I55 I . 30.38 -50.88 45.40
C4 I55 J . 8.72 -61.51 45.90
C14 I55 J . 6.79 -65.19 43.61
C5 I55 J . 10.76 -60.33 46.40
C6 I55 J . 12.42 -58.99 47.17
C11 I55 J . 7.85 -63.61 46.66
C7 I55 J . 13.86 -58.81 47.58
C8 I55 J . 13.04 -58.04 49.84
C9 I55 J . 11.66 -58.61 49.50
C10 I55 J . 11.70 -59.64 48.37
C12 I55 J . 8.35 -64.95 47.16
C13 I55 J . 6.89 -63.69 45.47
N1 I55 J . 6.97 -57.67 41.82
N2 I55 J . 7.44 -60.11 44.38
C3 I55 J . 7.79 -61.47 44.72
N3 I55 J . 9.95 -60.84 45.54
C1 I55 J . 7.56 -58.05 43.12
C2 I55 J . 7.64 -59.57 43.18
O1 I55 J . 7.86 -60.24 42.17
N4 I55 J . 12.03 -59.92 46.12
O2 I55 J . 14.78 -59.02 46.79
N5 I55 J . 14.06 -58.42 48.85
O3 I55 J . 10.78 -57.55 49.10
N6 I55 J . 10.50 -60.07 47.71
O4 I55 J . 9.00 -62.85 46.26
O5 I55 J . 7.37 -65.99 47.09
O6 I55 J . 7.56 -64.38 44.38
N7 I55 J . 7.49 -65.70 42.60
O7 I55 J . 5.64 -65.46 43.83
C15 I55 J . 6.53 -62.29 44.99
O8 I55 J . 5.75 -61.60 45.96
N1A COA K . -0.50 -61.21 26.23
C2A COA K . -0.25 -60.11 25.50
N3A COA K . -0.49 -58.84 25.80
C4A COA K . -1.06 -58.73 27.02
C5A COA K . -1.36 -59.76 27.89
C6A COA K . -1.06 -61.07 27.46
N6A COA K . -1.30 -62.15 28.19
N7A COA K . -1.94 -59.26 29.04
C8A COA K . -1.99 -57.96 28.86
N9A COA K . -1.44 -57.58 27.65
C1B COA K . -1.33 -56.24 27.10
C2B COA K . -2.66 -55.55 26.86
O2B COA K . -3.32 -56.09 25.73
C3B COA K . -2.17 -54.11 26.73
O3B COA K . -1.49 -53.89 25.48
P3B COA K . -2.33 -53.06 24.37
O7A COA K . -3.69 -53.71 24.18
O8A COA K . -1.47 -53.16 23.12
O9A COA K . -2.44 -51.64 24.89
C4B COA K . -1.17 -54.04 27.88
O4B COA K . -0.66 -55.40 28.01
C5B COA K . -1.73 -53.62 29.22
O5B COA K . -3.09 -54.10 29.32
P1A COA K . -4.00 -53.67 30.57
O1A COA K . -5.44 -53.99 30.30
O2A COA K . -3.58 -52.31 31.01
O3A COA K . -3.55 -54.77 31.65
P2A COA K . -4.43 -55.34 32.84
O4A COA K . -5.04 -54.18 33.56
O5A COA K . -5.36 -56.35 32.27
O6A COA K . -3.32 -56.01 33.79
CBP COA K . -1.05 -56.57 34.47
CCP COA K . -1.92 -55.96 33.38
CDP COA K . 0.41 -56.43 34.02
CEP COA K . -1.22 -55.77 35.77
CAP COA K . -1.37 -58.07 34.69
OAP COA K . -0.18 -58.64 35.19
C9P COA K . -2.54 -58.51 35.58
O9P COA K . -3.58 -58.89 35.04
N8P COA K . -2.38 -58.51 36.90
C7P COA K . -2.43 -59.69 37.75
C6P COA K . -1.39 -59.67 38.88
C5P COA K . 0.06 -59.87 38.46
O5P COA K . 0.35 -60.41 37.40
N4P COA K . 1.02 -59.42 39.30
C3P COA K . 2.38 -59.05 38.91
C2P COA K . 3.46 -59.88 39.60
S1P COA K . 4.08 -59.17 41.14
C4 I55 L . -10.86 -15.89 26.66
C14 I55 L . -13.23 -13.53 30.09
C5 I55 L . -8.99 -15.90 25.14
C6 I55 L . -7.42 -16.32 23.54
C11 I55 L . -12.94 -14.67 26.79
C7 I55 L . -6.46 -15.71 22.56
C8 I55 L . -7.65 -17.00 20.76
C9 I55 L . -8.81 -17.25 21.74
C10 I55 L . -8.81 -16.23 22.88
C12 I55 L . -13.50 -13.29 26.47
C13 I55 L . -13.11 -15.05 28.26
N1 I55 L . -7.82 -19.30 30.50
N2 I55 L . -10.25 -17.56 28.40
C3 I55 L . -10.95 -16.31 28.13
N3 I55 L . -9.48 -15.71 26.34
C1 I55 L . -8.40 -18.90 29.21
C2 I55 L . -9.33 -17.69 29.36
O1 I55 L . -9.21 -16.92 30.30
N4 I55 L . -7.71 -15.64 24.80
O2 I55 L . -5.52 -14.99 22.92
N5 I55 L . -6.70 -16.01 21.28
O3 I55 L . -8.71 -18.58 22.27
N6 I55 L . -9.66 -16.37 24.05
O4 I55 L . -11.55 -14.66 26.44
O5 I55 L . -14.93 -13.26 26.54
O6 I55 L . -12.49 -14.02 29.08
N7 I55 L . -12.71 -12.41 30.59
O7 I55 L . -14.27 -14.02 30.49
C15 I55 L . -12.42 -16.37 28.57
O8 I55 L . -13.12 -17.43 27.90
N1A COA M . -8.32 -17.57 47.82
C2A COA M . -7.13 -18.01 48.27
N3A COA M . -6.57 -19.21 48.11
C4A COA M . -7.36 -20.02 47.39
C5A COA M . -8.60 -19.71 46.86
C6A COA M . -9.09 -18.42 47.09
N6A COA M . -10.27 -17.98 46.65
N7A COA M . -9.11 -20.81 46.18
C8A COA M . -8.20 -21.75 46.31
N9A COA M . -7.11 -21.31 47.03
C1B COA M . -5.92 -22.07 47.39
C2B COA M . -6.20 -23.26 48.30
O2B COA M . -6.27 -22.89 49.66
C3B COA M . -4.99 -24.16 47.98
O3B COA M . -3.81 -23.73 48.66
P3B COA M . -3.26 -24.80 49.75
O7A COA M . -4.15 -24.64 50.96
O8A COA M . -1.83 -24.37 50.01
O9A COA M . -3.34 -26.21 49.15
C4B COA M . -4.84 -23.94 46.48
O4B COA M . -5.36 -22.61 46.21
C5B COA M . -5.58 -24.93 45.60
O5B COA M . -6.98 -24.90 45.96
P1A COA M . -7.92 -26.12 45.52
O1A COA M . -8.89 -26.45 46.62
O2A COA M . -7.07 -27.19 44.95
O3A COA M . -8.77 -25.37 44.37
P2A COA M . -10.31 -25.43 43.93
O4A COA M . -10.57 -26.84 43.52
O5A COA M . -11.17 -24.80 44.97
O6A COA M . -10.37 -24.49 42.63
CBP COA M . -9.32 -23.19 40.84
CCP COA M . -9.18 -23.73 42.26
CDP COA M . -7.97 -22.58 40.44
CEP COA M . -9.63 -24.35 39.87
CAP COA M . -10.42 -22.11 40.71
OAP COA M . -10.13 -21.43 39.51
C9P COA M . -11.89 -22.52 40.72
O9P COA M . -12.48 -22.63 41.79
N8P COA M . -12.48 -22.74 39.53
C7P COA M . -13.55 -21.91 39.00
C6P COA M . -13.38 -21.60 37.51
C5P COA M . -12.29 -20.60 37.17
O5P COA M . -12.06 -19.64 37.91
N4P COA M . -11.59 -20.78 36.03
C3P COA M . -10.44 -19.99 35.63
C2P COA M . -10.56 -19.40 34.24
S1P COA M . -10.43 -17.59 34.14
C4 I55 N . 8.56 -14.24 17.37
C14 I55 N . 12.79 -12.10 18.60
C5 I55 N . 6.37 -15.06 18.07
C6 I55 N . 4.27 -15.93 18.35
C11 I55 N . 10.88 -14.85 17.67
C7 I55 N . 3.34 -16.67 19.28
C8 I55 N . 3.03 -18.33 17.44
C9 I55 N . 4.36 -17.89 16.81
C10 I55 N . 5.20 -17.02 17.75
C12 I55 N . 11.76 -15.47 18.76
C13 I55 N . 11.35 -13.47 17.22
N1 I55 N . 6.09 -9.16 15.34
N2 I55 N . 7.96 -12.17 16.11
C3 I55 N . 8.95 -12.82 16.95
N3 I55 N . 7.33 -14.19 18.12
C1 I55 N . 6.18 -10.60 15.61
C2 I55 N . 7.47 -10.94 16.32
O1 I55 N . 8.04 -10.13 17.05
N4 I55 N . 5.26 -15.00 18.87
O2 I55 N . 3.06 -16.23 20.40
N5 I55 N . 2.87 -17.82 18.80
O3 I55 N . 4.09 -17.20 15.58
N6 I55 N . 6.27 -16.15 17.27
O4 I55 N . 9.55 -14.81 18.21
O5 I55 N . 12.84 -16.25 18.24
O6 I55 N . 11.52 -12.58 18.35
N7 I55 N . 12.79 -11.32 19.67
O7 I55 N . 13.78 -12.36 17.95
C15 I55 N . 10.33 -12.82 16.29
O8 I55 N . 10.31 -13.51 15.05
N1A COA O . 13.74 6.97 16.52
C2A COA O . 12.66 7.77 16.49
N3A COA O . 11.69 7.84 15.59
C4A COA O . 11.88 6.95 14.61
C5A COA O . 12.93 6.04 14.50
C6A COA O . 13.90 6.07 15.52
N6A COA O . 14.97 5.27 15.56
N7A COA O . 12.79 5.29 13.33
C8A COA O . 11.68 5.73 12.77
N9A COA O . 11.09 6.73 13.51
C1B COA O . 9.87 7.47 13.19
C2B COA O . 9.97 8.47 12.04
O2B COA O . 10.58 9.70 12.41
C3B COA O . 8.49 8.62 11.68
O3B COA O . 7.78 9.49 12.57
P3B COA O . 7.50 11.00 12.06
O7A COA O . 8.82 11.74 12.30
O8A COA O . 6.38 11.52 12.95
O9A COA O . 7.12 11.00 10.59
C4B COA O . 7.98 7.19 11.85
O4B COA O . 8.89 6.55 12.78
C5B COA O . 7.91 6.39 10.58
O5B COA O . 9.20 6.41 9.91
P1A COA O . 9.30 5.64 8.52
O1A COA O . 10.34 6.26 7.65
O2A COA O . 7.91 5.47 8.01
O3A COA O . 9.87 4.23 9.04
P2A COA O . 11.00 3.28 8.41
O4A COA O . 10.56 2.92 7.03
O5A COA O . 12.34 3.88 8.58
O6A COA O . 10.91 1.99 9.38
CBP COA O . 9.86 0.51 11.02
CCP COA O . 9.86 1.90 10.39
CDP COA O . 8.84 0.53 12.17
CEP COA O . 9.37 -0.51 9.98
CAP COA O . 11.23 0.11 11.58
OAP COA O . 10.99 -0.91 12.54
C9P COA O . 12.35 -0.33 10.65
O9P COA O . 13.26 0.47 10.39
N8P COA O . 12.32 -1.57 10.15
C7P COA O . 13.29 -2.61 10.49
C6P COA O . 12.65 -3.98 10.70
C5P COA O . 12.09 -4.24 12.08
O5P COA O . 12.70 -3.90 13.10
N4P COA O . 10.91 -4.90 12.16
C3P COA O . 10.12 -5.08 13.37
C2P COA O . 9.92 -6.55 13.73
S1P COA O . 8.40 -7.29 13.10
C4 I55 P . -0.18 0.60 -33.97
C14 I55 P . -2.73 -2.46 -36.58
C5 I55 P . -0.07 2.81 -33.04
C6 I55 P . 0.46 4.76 -31.98
C11 I55 P . -0.02 -0.34 -36.19
C7 I55 P . 0.23 6.25 -32.02
C8 I55 P . 2.71 6.54 -32.33
C9 I55 P . 2.81 5.04 -32.58
C10 I55 P . 1.48 4.48 -33.09
C12 I55 P . -0.40 0.00 -37.62
C13 I55 P . -0.70 -1.62 -35.69
N1 I55 P . -2.01 -0.95 -28.64
N2 I55 P . -0.56 -0.87 -32.00
C3 I55 P . -0.84 -0.65 -33.41
N3 I55 P . -0.74 1.74 -33.31
C1 I55 P . -0.97 -1.23 -29.66
C2 I55 P . -1.48 -1.03 -31.06
O1 I55 P . -2.69 -1.02 -31.30
N4 I55 P . -0.62 3.86 -32.38
O2 I55 P . -0.90 6.73 -31.83
N5 I55 P . 1.30 6.99 -32.27
O3 I55 P . 3.22 4.38 -31.36
N6 I55 P . 1.23 3.07 -33.33
O4 I55 P . -0.43 0.76 -35.36
O5 I55 P . 0.47 -0.60 -38.58
O6 I55 P . -2.13 -1.49 -35.86
N7 I55 P . -3.94 -2.11 -36.96
O7 I55 P . -2.20 -3.53 -36.84
C15 I55 P . -0.42 -1.86 -34.21
O8 I55 P . 0.97 -2.08 -34.01
C4 I55 Q . -5.69 19.45 -24.13
C14 I55 Q . -9.80 21.33 -22.47
C5 I55 Q . -4.52 17.45 -24.85
C6 I55 Q . -2.93 15.98 -25.62
C11 I55 Q . -6.55 20.43 -22.11
C7 I55 Q . -2.53 14.55 -25.75
C8 I55 Q . -0.39 15.20 -24.65
C9 I55 Q . -1.09 16.37 -23.94
C10 I55 Q . -2.60 16.37 -24.17
C12 I55 Q . -7.17 20.03 -20.78
C13 I55 Q . -7.41 21.42 -22.90
N1 I55 Q . -5.98 20.80 -29.78
N2 I55 Q . -5.89 20.71 -26.29
C3 I55 Q . -6.48 20.41 -24.99
N3 I55 Q . -5.58 18.18 -24.83
C1 I55 Q . -5.92 21.60 -28.54
C2 I55 Q . -6.60 20.88 -27.41
O1 I55 Q . -7.76 20.48 -27.52
N4 I55 Q . -4.33 16.39 -25.67
O2 I55 Q . -3.26 13.72 -26.31
N5 I55 Q . -1.36 14.25 -25.20
O3 I55 Q . -0.52 17.61 -24.36
N6 I55 Q . -3.39 17.59 -24.10
O4 I55 Q . -6.33 19.23 -22.88
O5 I55 Q . -6.33 20.34 -19.67
O6 I55 Q . -8.72 20.85 -23.17
N7 I55 Q . -10.95 21.05 -23.07
O7 I55 Q . -9.75 21.94 -21.43
C15 I55 Q . -6.75 21.71 -24.24
O8 I55 Q . -5.51 22.39 -24.02
N1A COA R . -20.44 29.51 -36.54
C2A COA R . -20.21 29.25 -37.84
N3A COA R . -19.10 29.47 -38.55
C4A COA R . -18.14 30.03 -37.78
C5A COA R . -18.23 30.36 -36.44
C6A COA R . -19.46 30.07 -35.79
N6A COA R . -19.70 30.32 -34.51
N7A COA R . -17.04 30.93 -36.00
C8A COA R . -16.26 30.94 -37.06
N9A COA R . -16.89 30.40 -38.18
C1B COA R . -16.36 30.24 -39.54
C2B COA R . -16.24 31.52 -40.35
O2B COA R . -17.50 31.96 -40.82
C3B COA R . -15.25 31.06 -41.44
O3B COA R . -15.91 30.37 -42.51
P3B COA R . -16.18 31.28 -43.82
O7A COA R . -17.12 32.39 -43.39
O8A COA R . -16.82 30.35 -44.83
O9A COA R . -14.84 31.83 -44.31
C4B COA R . -14.33 30.12 -40.67
O4B COA R . -15.05 29.72 -39.47
C5B COA R . -12.99 30.70 -40.27
O5B COA R . -13.20 32.07 -39.83
P1A COA R . -12.01 32.92 -39.16
O1A COA R . -12.39 34.37 -39.15
O2A COA R . -10.70 32.49 -39.75
O3A COA R . -12.10 32.41 -37.66
P2A COA R . -11.34 33.03 -36.39
O4A COA R . -10.08 33.65 -36.87
O5A COA R . -12.32 33.83 -35.58
O6A COA R . -10.97 31.74 -35.52
CBP COA R . -10.87 29.39 -34.93
CCP COA R . -11.37 30.42 -35.95
CDP COA R . -11.13 27.99 -35.50
CEP COA R . -9.36 29.58 -34.72
CAP COA R . -11.64 29.55 -33.60
OAP COA R . -11.50 28.33 -32.87
C9P COA R . -11.27 30.72 -32.68
O9P COA R . -11.91 31.77 -32.78
N8P COA R . -10.29 30.54 -31.81
C7P COA R . -10.25 31.20 -30.50
C6P COA R . -9.70 30.30 -29.41
C5P COA R . -10.23 28.88 -29.48
O5P COA R . -11.42 28.67 -29.69
N4P COA R . -9.35 27.89 -29.28
C3P COA R . -9.46 26.55 -29.86
C2P COA R . -8.66 25.50 -29.09
S1P COA R . -8.50 23.93 -29.98
C4 I55 S . -7.65 66.15 -28.61
C14 I55 S . -2.86 65.55 -28.17
C5 I55 S . -9.63 66.38 -30.02
C6 I55 S . -11.64 66.80 -31.04
C11 I55 S . -5.76 67.56 -28.12
C7 I55 S . -12.37 67.36 -32.24
C8 I55 S . -13.44 69.11 -30.77
C9 I55 S . -12.57 68.60 -29.64
C10 I55 S . -11.26 68.01 -30.19
C12 I55 S . -4.86 68.56 -28.84
C13 I55 S . -5.00 66.38 -27.51
N1 I55 S . -8.97 60.50 -27.62
N2 I55 S . -7.88 63.90 -27.66
C3 I55 S . -6.93 64.92 -28.11
N3 I55 S . -8.54 65.76 -29.68
C1 I55 S . -9.18 61.91 -28.00
C2 I55 S . -7.86 62.64 -28.08
O1 I55 S . -6.84 62.09 -28.50
N4 I55 S . -10.35 66.15 -31.16
O2 I55 S . -12.13 66.94 -33.38
N5 I55 S . -13.27 68.30 -32.00
O3 I55 S . -13.27 67.61 -28.88
N6 I55 S . -10.27 67.37 -29.34
O4 I55 S . -6.70 67.08 -29.09
O5 I55 S . -4.08 69.39 -27.98
O6 I55 S . -4.15 65.77 -28.52
N7 I55 S . -2.10 65.38 -29.24
O7 I55 S . -2.44 65.54 -27.03
C15 I55 S . -5.94 65.29 -27.00
O8 I55 S . -6.62 65.73 -25.83
N1A COA T . -14.44 67.83 -62.90
C2A COA T . -13.34 68.61 -62.91
N3A COA T . -13.21 69.89 -62.53
C4A COA T . -14.39 70.38 -62.12
C5A COA T . -15.59 69.71 -62.04
C6A COA T . -15.60 68.37 -62.47
N6A COA T . -16.69 67.60 -62.45
N7A COA T . -16.59 70.56 -61.55
C8A COA T . -15.97 71.70 -61.34
N9A COA T . -14.63 71.65 -61.65
C1B COA T . -13.64 72.73 -61.55
C2B COA T . -13.74 73.74 -62.68
O2B COA T . -12.97 73.34 -63.80
C3B COA T . -13.21 75.03 -62.03
O3B COA T . -11.83 75.24 -62.30
P3B COA T . -11.55 76.74 -62.82
O7A COA T . -12.02 76.81 -64.26
O8A COA T . -10.04 76.94 -62.69
O9A COA T . -12.33 77.69 -61.92
C4B COA T . -13.45 74.82 -60.53
O4B COA T . -13.86 73.44 -60.36
C5B COA T . -14.50 75.72 -59.94
O5B COA T . -15.79 75.33 -60.47
P1A COA T . -17.07 76.27 -60.25
O1A COA T . -17.70 76.58 -61.57
O2A COA T . -16.70 77.41 -59.35
O3A COA T . -18.06 75.29 -59.45
P2A COA T . -19.53 74.78 -59.80
O4A COA T . -20.47 75.94 -59.71
O5A COA T . -19.46 73.97 -61.06
O6A COA T . -19.84 73.77 -58.60
CBP COA T . -18.96 72.38 -56.80
CCP COA T . -18.91 72.70 -58.29
CDP COA T . -17.52 72.40 -56.25
CEP COA T . -19.77 73.45 -56.05
CAP COA T . -19.57 71.00 -56.56
OAP COA T . -19.55 70.73 -55.16
C9P COA T . -20.98 70.78 -57.09
O9P COA T . -21.15 70.43 -58.27
N8P COA T . -22.00 71.00 -56.26
C7P COA T . -23.17 70.13 -56.19
C6P COA T . -23.37 69.56 -54.80
C5P COA T . -22.15 68.88 -54.21
O5P COA T . -21.38 68.23 -54.93
N4P COA T . -21.97 68.98 -52.88
C3P COA T . -20.74 68.59 -52.19
C2P COA T . -20.94 68.39 -50.71
S1P COA T . -19.43 67.84 -49.88
#